data_5CYY
#
_entry.id   5CYY
#
_cell.length_a   109.972
_cell.length_b   117.525
_cell.length_c   122.438
_cell.angle_alpha   90.000
_cell.angle_beta   90.000
_cell.angle_gamma   90.000
#
_symmetry.space_group_name_H-M   'P 21 21 21'
#
loop_
_entity.id
_entity.type
_entity.pdbx_description
1 polymer 'Protein DipZ'
2 water water
#
_entity_poly.entity_id   1
_entity_poly.type   'polypeptide(L)'
_entity_poly.pdbx_seq_one_letter_code
;MSYYHHHHHHDYDIPTTENLYFQGAISTGTEIREQLNLGGIVNAQNAQLSNCSDGAAQLESCGTAPDLKGITGWLNTPGN
KPIDLKSLRGKVVLIDFWAYSCINCQRAIPHVVGWYQAYKDSGLAVIGVHTPEYAFEKVPGNVAKGAANLGISYPIALDN
NYATWTNYRNRYWPAEYLIDATGTVRHIKFGEGDYNVTETLVRQLLNDAKPGVKLPQPSSTTTPDLTPRAALTPETYFGV
GKVVNYGGGGAYDEGSAVFDYPPSLAANSFALRGRWALDYQGATSDGNDAAIKLNYHAKDVYIVVGGTGTLTVVRDGKPA
TLPISGPPTTHQVVAGYRLASETLEVRPSKGLQVFSFTYG
;
_entity_poly.pdbx_strand_id   A,B,C,D
#
# COMPACT_ATOMS: atom_id res chain seq x y z
N THR A 28 -27.73 -1.14 21.18
CA THR A 28 -29.15 -1.41 21.42
C THR A 28 -30.03 -0.27 20.97
N GLY A 29 -31.28 -0.58 20.64
CA GLY A 29 -32.25 0.43 20.27
C GLY A 29 -33.63 -0.16 20.06
N THR A 30 -34.61 0.70 19.81
CA THR A 30 -35.94 0.24 19.49
C THR A 30 -36.19 0.53 18.01
N GLU A 31 -37.15 -0.17 17.41
CA GLU A 31 -37.31 -0.08 15.98
C GLU A 31 -38.67 -0.51 15.48
N ILE A 32 -39.23 0.31 14.59
CA ILE A 32 -40.36 -0.09 13.78
C ILE A 32 -39.76 -0.73 12.52
N ARG A 33 -40.33 -1.84 12.07
CA ARG A 33 -39.77 -2.48 10.89
C ARG A 33 -39.90 -1.53 9.70
N GLU A 34 -38.87 -1.58 8.84
CA GLU A 34 -38.71 -0.78 7.63
C GLU A 34 -38.25 0.64 7.95
N GLN A 35 -37.98 0.90 9.21
CA GLN A 35 -37.44 2.19 9.63
C GLN A 35 -35.97 2.32 9.30
N LEU A 36 -35.56 3.55 8.97
CA LEU A 36 -34.15 3.85 8.82
C LEU A 36 -33.46 3.82 10.17
N ASN A 37 -32.39 3.04 10.27
CA ASN A 37 -31.56 3.14 11.45
C ASN A 37 -30.35 3.99 11.10
N LEU A 38 -30.50 5.29 11.36
CA LEU A 38 -29.56 6.29 10.94
C LEU A 38 -28.29 6.28 11.77
N GLY A 39 -27.14 6.49 11.12
CA GLY A 39 -25.88 6.56 11.83
C GLY A 39 -25.64 7.94 12.39
N GLY A 40 -24.77 8.03 13.39
CA GLY A 40 -24.33 9.33 13.89
C GLY A 40 -25.43 10.18 14.49
N ILE A 41 -25.31 11.50 14.33
CA ILE A 41 -26.22 12.42 15.01
C ILE A 41 -26.90 13.43 14.10
N VAL A 42 -27.99 13.99 14.63
CA VAL A 42 -28.77 14.96 13.89
C VAL A 42 -28.07 16.31 13.88
N ASN A 43 -28.08 16.98 12.73
CA ASN A 43 -27.69 18.38 12.66
C ASN A 43 -28.73 19.12 11.85
N ALA A 44 -28.48 20.41 11.59
CA ALA A 44 -29.49 21.22 10.93
C ALA A 44 -29.71 20.76 9.49
N GLN A 45 -28.67 20.19 8.88
CA GLN A 45 -28.76 19.76 7.50
C GLN A 45 -29.55 18.47 7.32
N ASN A 46 -29.41 17.55 8.25
CA ASN A 46 -29.94 16.21 8.05
C ASN A 46 -31.05 15.81 9.01
N ALA A 47 -31.62 16.80 9.67
CA ALA A 47 -32.58 16.55 10.75
C ALA A 47 -33.84 15.86 10.26
N GLN A 48 -34.19 16.04 9.00
CA GLN A 48 -35.44 15.48 8.52
C GLN A 48 -35.31 14.13 7.84
N LEU A 49 -34.08 13.67 7.59
CA LEU A 49 -33.84 12.39 6.94
C LEU A 49 -34.68 11.26 7.54
N SER A 50 -34.86 11.31 8.86
CA SER A 50 -35.63 10.26 9.55
C SER A 50 -37.13 10.30 9.20
N ASN A 51 -37.54 11.28 8.41
CA ASN A 51 -38.91 11.34 7.95
C ASN A 51 -39.10 10.43 6.74
N CYS A 52 -37.99 9.94 6.21
CA CYS A 52 -38.06 8.86 5.23
C CYS A 52 -37.91 7.54 5.98
N SER A 53 -38.49 6.49 5.40
CA SER A 53 -38.35 5.14 5.89
C SER A 53 -37.39 4.41 4.95
N ASP A 54 -37.16 3.14 5.18
CA ASP A 54 -36.06 2.44 4.51
C ASP A 54 -36.46 1.72 3.21
N GLY A 55 -36.18 2.38 2.08
CA GLY A 55 -36.46 1.79 0.78
C GLY A 55 -37.94 1.73 0.45
N ALA A 56 -38.64 2.83 0.68
CA ALA A 56 -40.08 2.89 0.52
C ALA A 56 -40.50 2.82 -0.94
N ALA A 57 -41.63 2.18 -1.21
CA ALA A 57 -42.11 2.00 -2.57
C ALA A 57 -42.72 3.28 -3.15
N GLN A 58 -43.17 4.19 -2.28
CA GLN A 58 -43.71 5.47 -2.74
C GLN A 58 -42.77 6.58 -2.35
N LEU A 59 -42.81 7.69 -3.10
CA LEU A 59 -41.99 8.85 -2.78
C LEU A 59 -42.32 9.33 -1.37
N GLU A 60 -41.31 9.79 -0.65
CA GLU A 60 -41.48 10.36 0.66
C GLU A 60 -40.80 11.73 0.62
N SER A 61 -40.87 12.49 1.71
CA SER A 61 -40.25 13.79 1.72
C SER A 61 -39.46 13.98 2.99
N CYS A 62 -38.14 14.00 2.88
CA CYS A 62 -37.34 14.11 4.07
C CYS A 62 -36.17 15.07 3.91
N GLY A 63 -36.52 16.29 3.51
CA GLY A 63 -35.62 17.42 3.68
C GLY A 63 -34.68 17.65 2.54
N THR A 64 -34.12 18.84 2.49
CA THR A 64 -33.10 19.18 1.53
C THR A 64 -31.93 18.22 1.71
N ALA A 65 -31.35 17.77 0.62
CA ALA A 65 -30.20 16.88 0.74
C ALA A 65 -29.07 17.59 1.45
N PRO A 66 -28.50 16.94 2.48
CA PRO A 66 -27.32 17.50 3.16
C PRO A 66 -26.16 17.73 2.19
N ASP A 67 -25.31 18.71 2.47
CA ASP A 67 -24.13 18.95 1.64
C ASP A 67 -23.24 17.72 1.54
N LEU A 68 -22.60 17.54 0.39
CA LEU A 68 -21.45 16.65 0.31
C LEU A 68 -20.27 17.29 1.04
N LYS A 69 -20.11 16.97 2.33
CA LYS A 69 -19.05 17.60 3.13
C LYS A 69 -17.73 16.84 3.08
N GLY A 70 -16.65 17.60 3.18
CA GLY A 70 -15.34 17.03 3.41
C GLY A 70 -14.86 15.98 2.44
N ILE A 71 -15.34 16.07 1.19
CA ILE A 71 -14.85 15.19 0.14
C ILE A 71 -13.39 15.52 -0.15
N THR A 72 -12.53 14.50 -0.07
CA THR A 72 -11.10 14.72 -0.22
C THR A 72 -10.64 14.64 -1.66
N GLY A 73 -11.57 14.32 -2.56
CA GLY A 73 -11.20 14.17 -3.96
C GLY A 73 -12.32 13.64 -4.82
N TRP A 74 -12.22 13.92 -6.11
CA TRP A 74 -13.25 13.59 -7.07
C TRP A 74 -12.69 12.87 -8.28
N LEU A 75 -13.44 11.91 -8.79
CA LEU A 75 -13.15 11.27 -10.07
C LEU A 75 -14.33 11.46 -11.01
N ASN A 76 -14.08 11.25 -12.29
CA ASN A 76 -15.13 11.28 -13.30
C ASN A 76 -15.89 12.60 -13.38
N THR A 77 -15.24 13.68 -13.01
CA THR A 77 -15.73 15.03 -13.29
C THR A 77 -14.66 15.78 -14.08
N PRO A 78 -15.04 16.82 -14.83
CA PRO A 78 -14.03 17.60 -15.55
C PRO A 78 -12.99 18.19 -14.59
N GLY A 79 -11.71 17.99 -14.91
CA GLY A 79 -10.61 18.42 -14.06
C GLY A 79 -10.63 17.82 -12.66
N ASN A 80 -11.41 16.76 -12.46
CA ASN A 80 -11.64 16.23 -11.12
C ASN A 80 -12.08 17.30 -10.10
N LYS A 81 -12.83 18.31 -10.56
CA LYS A 81 -13.33 19.34 -9.66
C LYS A 81 -14.61 18.88 -8.96
N PRO A 82 -14.86 19.38 -7.76
CA PRO A 82 -16.07 18.99 -7.02
C PRO A 82 -17.37 19.28 -7.73
N ILE A 83 -18.41 18.61 -7.26
CA ILE A 83 -19.77 18.92 -7.62
C ILE A 83 -20.49 19.39 -6.37
N ASP A 84 -21.09 20.57 -6.43
CA ASP A 84 -21.94 21.04 -5.36
C ASP A 84 -23.37 20.66 -5.75
N LEU A 85 -24.06 19.96 -4.84
CA LEU A 85 -25.41 19.47 -5.10
C LEU A 85 -26.35 20.52 -5.65
N LYS A 86 -26.17 21.78 -5.24
CA LYS A 86 -27.05 22.85 -5.74
C LYS A 86 -26.88 23.08 -7.23
N SER A 87 -25.70 22.81 -7.76
CA SER A 87 -25.51 22.93 -9.21
C SER A 87 -26.35 21.89 -9.98
N LEU A 88 -26.96 20.95 -9.27
CA LEU A 88 -27.72 19.87 -9.91
C LEU A 88 -29.23 20.02 -9.71
N ARG A 89 -29.67 21.15 -9.16
CA ARG A 89 -31.10 21.43 -9.08
C ARG A 89 -31.64 21.38 -10.49
N GLY A 90 -32.84 20.83 -10.65
CA GLY A 90 -33.43 20.63 -11.95
C GLY A 90 -33.14 19.23 -12.47
N LYS A 91 -32.21 18.56 -11.80
CA LYS A 91 -31.91 17.17 -12.11
C LYS A 91 -32.33 16.28 -10.96
N VAL A 92 -32.68 15.04 -11.28
CA VAL A 92 -32.85 14.03 -10.25
C VAL A 92 -31.45 13.60 -9.85
N VAL A 93 -31.18 13.54 -8.55
CA VAL A 93 -29.85 13.15 -8.12
C VAL A 93 -29.85 11.86 -7.30
N LEU A 94 -29.07 10.88 -7.75
CA LEU A 94 -28.92 9.66 -6.98
C LEU A 94 -27.55 9.64 -6.29
N ILE A 95 -27.58 9.58 -4.96
CA ILE A 95 -26.39 9.44 -4.14
C ILE A 95 -26.18 7.98 -3.80
N ASP A 96 -25.10 7.40 -4.30
CA ASP A 96 -24.79 5.98 -4.06
C ASP A 96 -23.54 5.84 -3.19
N PHE A 97 -23.71 5.48 -1.92
CA PHE A 97 -22.56 5.14 -1.07
C PHE A 97 -22.01 3.76 -1.41
N TRP A 98 -20.70 3.70 -1.58
CA TRP A 98 -20.06 2.45 -1.97
C TRP A 98 -18.61 2.40 -1.51
N ALA A 99 -18.04 1.20 -1.53
CA ALA A 99 -16.61 1.01 -1.32
C ALA A 99 -16.20 -0.07 -2.30
N TYR A 100 -15.07 0.11 -2.98
CA TYR A 100 -14.79 -0.72 -4.16
C TYR A 100 -14.54 -2.20 -3.84
N SER A 101 -14.07 -2.50 -2.62
CA SER A 101 -13.87 -3.91 -2.27
C SER A 101 -15.10 -4.55 -1.60
N CYS A 102 -16.19 -3.80 -1.46
CA CYS A 102 -17.40 -4.38 -0.86
C CYS A 102 -18.18 -5.19 -1.90
N ILE A 103 -18.32 -6.50 -1.65
CA ILE A 103 -18.89 -7.39 -2.65
C ILE A 103 -20.36 -6.99 -2.88
N ASN A 104 -21.05 -6.58 -1.82
CA ASN A 104 -22.41 -6.08 -1.93
C ASN A 104 -22.49 -4.93 -2.95
N CYS A 105 -21.60 -3.97 -2.79
CA CYS A 105 -21.55 -2.82 -3.68
C CYS A 105 -21.21 -3.24 -5.09
N GLN A 106 -20.32 -4.23 -5.25
CA GLN A 106 -19.97 -4.72 -6.57
C GLN A 106 -21.20 -5.34 -7.23
N ARG A 107 -22.06 -5.97 -6.45
CA ARG A 107 -23.24 -6.58 -7.02
C ARG A 107 -24.26 -5.48 -7.40
N ALA A 108 -24.32 -4.42 -6.60
CA ALA A 108 -25.31 -3.36 -6.77
C ALA A 108 -24.95 -2.36 -7.87
N ILE A 109 -23.68 -2.03 -7.98
CA ILE A 109 -23.25 -0.96 -8.87
C ILE A 109 -23.60 -1.17 -10.37
N PRO A 110 -23.60 -2.40 -10.89
CA PRO A 110 -24.08 -2.54 -12.27
C PRO A 110 -25.52 -2.06 -12.48
N HIS A 111 -26.33 -2.02 -11.41
CA HIS A 111 -27.67 -1.49 -11.50
C HIS A 111 -27.61 0.04 -11.60
N VAL A 112 -26.81 0.65 -10.75
CA VAL A 112 -26.61 2.10 -10.79
C VAL A 112 -26.00 2.52 -12.13
N VAL A 113 -25.00 1.78 -12.59
CA VAL A 113 -24.45 1.99 -13.93
C VAL A 113 -25.57 1.92 -14.95
N GLY A 114 -26.45 0.94 -14.77
CA GLY A 114 -27.57 0.72 -15.66
C GLY A 114 -28.42 1.98 -15.73
N TRP A 115 -28.85 2.43 -14.56
CA TRP A 115 -29.60 3.66 -14.43
C TRP A 115 -28.89 4.90 -15.00
N TYR A 116 -27.61 5.04 -14.69
CA TYR A 116 -26.86 6.17 -15.20
C TYR A 116 -26.90 6.13 -16.72
N GLN A 117 -26.67 4.96 -17.31
CA GLN A 117 -26.67 4.87 -18.76
C GLN A 117 -28.06 5.03 -19.37
N ALA A 118 -29.11 4.64 -18.66
CA ALA A 118 -30.43 4.79 -19.25
C ALA A 118 -30.97 6.23 -19.12
N TYR A 119 -30.62 6.93 -18.05
CA TYR A 119 -31.36 8.15 -17.67
C TYR A 119 -30.54 9.45 -17.63
N LYS A 120 -29.22 9.35 -17.73
CA LYS A 120 -28.32 10.51 -17.74
C LYS A 120 -28.79 11.61 -18.71
N ASP A 121 -29.30 11.20 -19.86
CA ASP A 121 -29.76 12.16 -20.85
C ASP A 121 -31.21 12.56 -20.65
N SER A 122 -31.83 12.07 -19.58
CA SER A 122 -33.22 12.39 -19.25
C SER A 122 -33.36 13.20 -17.98
N GLY A 123 -32.22 13.49 -17.35
CA GLY A 123 -32.25 14.31 -16.16
C GLY A 123 -31.68 13.67 -14.92
N LEU A 124 -31.10 12.47 -15.03
CA LEU A 124 -30.54 11.82 -13.84
C LEU A 124 -29.06 12.08 -13.67
N ALA A 125 -28.68 12.55 -12.50
CA ALA A 125 -27.28 12.64 -12.15
C ALA A 125 -27.03 11.62 -11.06
N VAL A 126 -25.85 11.00 -11.12
CA VAL A 126 -25.43 10.02 -10.13
C VAL A 126 -24.08 10.41 -9.55
N ILE A 127 -23.99 10.38 -8.23
CA ILE A 127 -22.73 10.58 -7.54
C ILE A 127 -22.41 9.37 -6.70
N GLY A 128 -21.34 8.67 -7.06
CA GLY A 128 -20.85 7.56 -6.29
C GLY A 128 -20.00 8.10 -5.15
N VAL A 129 -20.58 8.18 -3.95
CA VAL A 129 -19.81 8.61 -2.80
C VAL A 129 -19.04 7.41 -2.28
N HIS A 130 -17.75 7.40 -2.53
CA HIS A 130 -16.93 6.27 -2.13
C HIS A 130 -16.42 6.51 -0.72
N THR A 131 -17.09 5.92 0.26
CA THR A 131 -16.60 6.02 1.63
C THR A 131 -15.83 4.74 1.94
N PRO A 132 -14.51 4.85 2.19
CA PRO A 132 -13.68 3.65 2.25
C PRO A 132 -13.92 2.82 3.51
N GLU A 133 -14.06 1.51 3.32
CA GLU A 133 -14.24 0.59 4.43
C GLU A 133 -12.88 0.32 5.06
N TYR A 134 -11.85 0.27 4.22
CA TYR A 134 -10.50 -0.02 4.67
C TYR A 134 -9.55 1.11 4.27
N ALA A 135 -8.40 1.18 4.93
CA ALA A 135 -7.48 2.28 4.68
C ALA A 135 -6.95 2.26 3.25
N PHE A 136 -6.83 1.08 2.66
CA PHE A 136 -6.27 0.98 1.32
C PHE A 136 -7.23 1.51 0.26
N GLU A 137 -8.48 1.70 0.66
CA GLU A 137 -9.53 2.22 -0.22
C GLU A 137 -9.50 3.76 -0.23
N LYS A 138 -8.62 4.33 0.58
CA LYS A 138 -8.38 5.76 0.56
C LYS A 138 -7.54 6.17 -0.67
N VAL A 139 -6.78 5.23 -1.22
CA VAL A 139 -5.89 5.54 -2.33
C VAL A 139 -6.69 5.78 -3.62
N PRO A 140 -6.63 7.02 -4.15
CA PRO A 140 -7.34 7.43 -5.36
C PRO A 140 -7.15 6.45 -6.52
N GLY A 141 -5.90 6.03 -6.70
CA GLY A 141 -5.57 5.13 -7.78
C GLY A 141 -6.30 3.83 -7.66
N ASN A 142 -6.38 3.30 -6.44
CA ASN A 142 -7.13 2.05 -6.22
C ASN A 142 -8.64 2.24 -6.42
N VAL A 143 -9.17 3.42 -6.09
CA VAL A 143 -10.59 3.61 -6.28
C VAL A 143 -10.85 3.67 -7.76
N ALA A 144 -9.94 4.32 -8.49
CA ALA A 144 -10.10 4.48 -9.92
C ALA A 144 -10.19 3.12 -10.62
N LYS A 145 -9.24 2.24 -10.31
CA LYS A 145 -9.16 0.92 -10.92
C LYS A 145 -10.41 0.13 -10.58
N GLY A 146 -10.91 0.35 -9.36
CA GLY A 146 -12.12 -0.33 -8.92
C GLY A 146 -13.30 0.13 -9.75
N ALA A 147 -13.45 1.45 -9.87
CA ALA A 147 -14.59 1.99 -10.60
C ALA A 147 -14.54 1.53 -12.05
N ALA A 148 -13.33 1.44 -12.57
CA ALA A 148 -13.15 1.07 -13.96
C ALA A 148 -13.56 -0.40 -14.16
N ASN A 149 -13.10 -1.29 -13.29
CA ASN A 149 -13.56 -2.68 -13.31
C ASN A 149 -15.09 -2.81 -13.29
N LEU A 150 -15.73 -1.89 -12.58
CA LEU A 150 -17.19 -1.89 -12.40
C LEU A 150 -17.94 -1.07 -13.46
N GLY A 151 -17.20 -0.46 -14.38
CA GLY A 151 -17.80 0.30 -15.46
C GLY A 151 -18.49 1.57 -15.00
N ILE A 152 -18.02 2.14 -13.90
CA ILE A 152 -18.51 3.42 -13.40
C ILE A 152 -17.93 4.61 -14.16
N SER A 153 -18.81 5.38 -14.78
CA SER A 153 -18.38 6.59 -15.48
C SER A 153 -19.06 7.82 -14.89
N TYR A 154 -19.85 7.62 -13.84
CA TYR A 154 -20.50 8.76 -13.19
C TYR A 154 -19.54 9.32 -12.15
N PRO A 155 -19.75 10.60 -11.75
CA PRO A 155 -18.89 11.25 -10.75
C PRO A 155 -18.75 10.44 -9.48
N ILE A 156 -17.54 10.44 -8.95
CA ILE A 156 -17.20 9.71 -7.74
C ILE A 156 -16.62 10.67 -6.73
N ALA A 157 -17.19 10.69 -5.53
CA ALA A 157 -16.67 11.57 -4.49
C ALA A 157 -15.99 10.74 -3.42
N LEU A 158 -14.68 10.94 -3.26
CA LEU A 158 -13.91 10.21 -2.26
C LEU A 158 -14.15 10.82 -0.88
N ASP A 159 -14.82 10.06 -0.03
CA ASP A 159 -15.24 10.48 1.29
C ASP A 159 -14.29 9.88 2.35
N ASN A 160 -12.99 10.13 2.19
CA ASN A 160 -11.97 9.42 2.98
C ASN A 160 -12.06 9.72 4.47
N ASN A 161 -12.69 10.83 4.82
CA ASN A 161 -12.85 11.15 6.23
C ASN A 161 -14.26 10.92 6.78
N TYR A 162 -15.09 10.18 6.03
CA TYR A 162 -16.49 9.87 6.42
C TYR A 162 -17.31 11.11 6.69
N ALA A 163 -16.85 12.26 6.19
CA ALA A 163 -17.56 13.51 6.47
C ALA A 163 -18.94 13.51 5.82
N THR A 164 -19.06 12.90 4.64
CA THR A 164 -20.32 12.92 3.92
C THR A 164 -21.21 11.82 4.46
N TRP A 165 -20.59 10.66 4.68
CA TRP A 165 -21.23 9.54 5.34
C TRP A 165 -21.89 10.00 6.63
N THR A 166 -21.15 10.74 7.44
CA THR A 166 -21.67 11.23 8.72
C THR A 166 -22.80 12.22 8.48
N ASN A 167 -22.57 13.16 7.59
CA ASN A 167 -23.55 14.21 7.32
C ASN A 167 -24.86 13.65 6.78
N TYR A 168 -24.79 12.48 6.14
CA TYR A 168 -25.95 11.81 5.57
C TYR A 168 -26.58 10.83 6.57
N ARG A 169 -25.91 10.69 7.71
CA ARG A 169 -26.32 9.73 8.74
C ARG A 169 -26.45 8.32 8.16
N ASN A 170 -25.57 7.99 7.22
CA ASN A 170 -25.56 6.65 6.67
C ASN A 170 -25.08 5.65 7.72
N ARG A 171 -25.41 4.38 7.51
CA ARG A 171 -24.98 3.31 8.41
C ARG A 171 -24.35 2.13 7.66
N TYR A 172 -24.73 1.93 6.41
CA TYR A 172 -24.25 0.76 5.69
C TYR A 172 -23.73 1.04 4.28
N TRP A 173 -22.93 0.10 3.80
CA TRP A 173 -22.73 -0.10 2.37
C TRP A 173 -23.60 -1.28 1.97
N PRO A 174 -24.27 -1.20 0.82
CA PRO A 174 -24.45 0.01 0.01
C PRO A 174 -25.56 0.85 0.64
N ALA A 175 -25.73 2.09 0.22
CA ALA A 175 -26.86 2.90 0.67
C ALA A 175 -27.19 3.92 -0.40
N GLU A 176 -28.45 4.27 -0.54
CA GLU A 176 -28.81 5.23 -1.57
C GLU A 176 -29.77 6.30 -1.07
N TYR A 177 -29.50 7.54 -1.51
CA TYR A 177 -30.38 8.65 -1.22
C TYR A 177 -30.77 9.25 -2.55
N LEU A 178 -32.07 9.31 -2.82
CA LEU A 178 -32.57 9.78 -4.09
C LEU A 178 -33.16 11.17 -3.91
N ILE A 179 -32.64 12.12 -4.68
CA ILE A 179 -32.94 13.53 -4.50
C ILE A 179 -33.70 14.03 -5.71
N ASP A 180 -34.80 14.76 -5.52
CA ASP A 180 -35.55 15.20 -6.69
C ASP A 180 -34.99 16.50 -7.24
N ALA A 181 -35.64 17.03 -8.28
CA ALA A 181 -35.16 18.22 -8.99
C ALA A 181 -35.13 19.48 -8.11
N THR A 182 -35.80 19.41 -6.97
CA THR A 182 -35.93 20.48 -6.00
C THR A 182 -34.77 20.45 -5.01
N GLY A 183 -34.07 19.32 -4.97
CA GLY A 183 -33.00 19.14 -4.01
C GLY A 183 -33.55 18.54 -2.74
N THR A 184 -34.68 17.85 -2.87
CA THR A 184 -35.29 17.20 -1.72
C THR A 184 -35.08 15.70 -1.77
N VAL A 185 -34.59 15.13 -0.69
CA VAL A 185 -34.51 13.69 -0.58
C VAL A 185 -35.91 13.07 -0.56
N ARG A 186 -36.17 12.14 -1.46
CA ARG A 186 -37.50 11.54 -1.58
C ARG A 186 -37.51 10.04 -1.26
N HIS A 187 -36.33 9.43 -1.22
CA HIS A 187 -36.21 7.98 -1.09
C HIS A 187 -34.83 7.70 -0.54
N ILE A 188 -34.78 6.93 0.54
CA ILE A 188 -33.50 6.49 1.13
C ILE A 188 -33.51 4.99 1.28
N LYS A 189 -32.51 4.31 0.73
CA LYS A 189 -32.48 2.86 0.86
C LYS A 189 -31.13 2.37 1.38
N PHE A 190 -31.18 1.66 2.51
CA PHE A 190 -30.00 1.10 3.17
C PHE A 190 -29.91 -0.38 2.79
N GLY A 191 -28.73 -0.83 2.42
CA GLY A 191 -28.54 -2.23 2.12
C GLY A 191 -28.79 -2.61 0.68
N GLU A 192 -28.39 -3.83 0.34
CA GLU A 192 -28.39 -4.28 -1.04
C GLU A 192 -29.71 -4.97 -1.41
N GLY A 193 -30.29 -4.55 -2.53
CA GLY A 193 -31.50 -5.18 -3.03
C GLY A 193 -32.62 -4.21 -3.36
N ASP A 194 -33.72 -4.75 -3.88
CA ASP A 194 -34.92 -3.96 -4.21
C ASP A 194 -34.66 -2.86 -5.24
N TYR A 195 -34.04 -3.23 -6.36
CA TYR A 195 -33.67 -2.24 -7.37
C TYR A 195 -34.88 -1.64 -8.10
N ASN A 196 -35.89 -2.47 -8.36
CA ASN A 196 -37.03 -1.99 -9.10
C ASN A 196 -37.81 -0.98 -8.29
N VAL A 197 -37.82 -1.13 -6.97
CA VAL A 197 -38.47 -0.12 -6.14
C VAL A 197 -37.82 1.25 -6.42
N THR A 198 -36.50 1.31 -6.31
CA THR A 198 -35.77 2.57 -6.47
C THR A 198 -35.88 3.09 -7.91
N GLU A 199 -35.76 2.21 -8.89
CA GLU A 199 -35.79 2.65 -10.28
C GLU A 199 -37.17 3.18 -10.64
N THR A 200 -38.21 2.56 -10.09
CA THR A 200 -39.58 3.04 -10.28
C THR A 200 -39.68 4.51 -9.83
N LEU A 201 -39.09 4.80 -8.68
CA LEU A 201 -39.09 6.15 -8.15
C LEU A 201 -38.22 7.10 -8.98
N VAL A 202 -37.09 6.59 -9.46
CA VAL A 202 -36.24 7.39 -10.33
C VAL A 202 -37.03 7.85 -11.56
N ARG A 203 -37.73 6.92 -12.19
CA ARG A 203 -38.50 7.24 -13.39
C ARG A 203 -39.57 8.28 -13.06
N GLN A 204 -40.26 8.10 -11.93
CA GLN A 204 -41.24 9.09 -11.47
C GLN A 204 -40.64 10.48 -11.24
N LEU A 205 -39.50 10.55 -10.59
CA LEU A 205 -38.89 11.84 -10.30
C LEU A 205 -38.39 12.51 -11.57
N LEU A 206 -37.95 11.72 -12.53
CA LEU A 206 -37.53 12.29 -13.81
C LEU A 206 -38.73 12.90 -14.53
N ASN A 207 -39.90 12.27 -14.40
CA ASN A 207 -41.12 12.85 -14.95
C ASN A 207 -41.53 14.09 -14.18
N ASP A 208 -41.34 14.07 -12.86
CA ASP A 208 -41.67 15.24 -12.06
C ASP A 208 -40.81 16.43 -12.46
N ALA A 209 -39.56 16.16 -12.80
CA ALA A 209 -38.63 17.20 -13.21
C ALA A 209 -38.95 17.73 -14.61
N LYS A 210 -39.27 16.81 -15.50
CA LYS A 210 -39.62 17.12 -16.87
C LYS A 210 -40.83 16.31 -17.29
N PRO A 211 -42.02 16.84 -17.02
CA PRO A 211 -43.24 16.10 -17.34
C PRO A 211 -43.33 15.79 -18.82
N GLY A 212 -43.74 14.57 -19.16
CA GLY A 212 -43.78 14.15 -20.55
C GLY A 212 -42.46 13.56 -21.05
N VAL A 213 -41.45 13.52 -20.19
CA VAL A 213 -40.16 12.96 -20.58
C VAL A 213 -40.37 11.54 -21.03
N LYS A 214 -39.69 11.17 -22.11
CA LYS A 214 -39.76 9.81 -22.61
C LYS A 214 -38.54 9.04 -22.13
N LEU A 215 -38.77 7.88 -21.51
CA LEU A 215 -37.69 7.12 -20.92
C LEU A 215 -37.58 5.79 -21.61
N PRO A 216 -36.38 5.22 -21.67
CA PRO A 216 -36.26 3.88 -22.24
C PRO A 216 -36.89 2.87 -21.29
N GLN A 217 -37.06 1.62 -21.72
CA GLN A 217 -37.56 0.58 -20.82
C GLN A 217 -36.64 0.53 -19.59
N PRO A 218 -37.17 0.12 -18.44
CA PRO A 218 -36.38 -0.01 -17.21
C PRO A 218 -35.10 -0.81 -17.38
N SER A 219 -34.02 -0.35 -16.77
CA SER A 219 -32.70 -0.98 -16.89
C SER A 219 -32.73 -2.38 -16.29
N SER A 220 -33.68 -2.59 -15.39
CA SER A 220 -33.89 -3.87 -14.75
C SER A 220 -34.32 -4.93 -15.76
N THR A 221 -34.70 -4.49 -16.96
CA THR A 221 -35.02 -5.43 -18.04
C THR A 221 -33.80 -6.25 -18.46
N THR A 222 -32.63 -5.62 -18.46
CA THR A 222 -31.42 -6.27 -18.95
C THR A 222 -30.33 -6.34 -17.88
N THR A 223 -30.71 -6.11 -16.63
CA THR A 223 -29.77 -6.19 -15.50
C THR A 223 -30.30 -7.14 -14.44
N PRO A 224 -29.74 -8.36 -14.41
CA PRO A 224 -30.26 -9.36 -13.47
C PRO A 224 -30.04 -8.95 -12.01
N ASP A 225 -31.01 -9.27 -11.18
CA ASP A 225 -30.91 -9.09 -9.74
C ASP A 225 -30.21 -10.33 -9.17
N LEU A 226 -28.95 -10.15 -8.77
CA LEU A 226 -28.14 -11.26 -8.28
C LEU A 226 -27.96 -11.16 -6.77
N THR A 227 -28.90 -10.48 -6.11
CA THR A 227 -28.88 -10.33 -4.66
C THR A 227 -29.03 -11.68 -3.98
N PRO A 228 -28.08 -12.04 -3.11
CA PRO A 228 -28.23 -13.32 -2.43
C PRO A 228 -29.39 -13.27 -1.47
N ARG A 229 -29.90 -14.45 -1.11
CA ARG A 229 -30.74 -14.60 0.08
C ARG A 229 -29.98 -14.00 1.26
N ALA A 230 -30.68 -13.22 2.08
CA ALA A 230 -30.03 -12.48 3.15
C ALA A 230 -29.83 -13.31 4.43
N ALA A 231 -29.25 -14.49 4.27
CA ALA A 231 -28.91 -15.35 5.40
C ALA A 231 -27.50 -15.91 5.25
N LEU A 232 -26.60 -15.15 4.63
CA LEU A 232 -25.19 -15.57 4.51
C LEU A 232 -24.44 -15.31 5.80
N THR A 233 -23.32 -16.00 5.96
CA THR A 233 -22.37 -15.69 7.00
C THR A 233 -22.13 -14.19 7.03
N PRO A 234 -22.20 -13.59 8.23
CA PRO A 234 -21.98 -12.14 8.28
C PRO A 234 -20.55 -11.79 7.89
N GLU A 235 -20.33 -10.56 7.45
CA GLU A 235 -18.99 -10.10 7.03
C GLU A 235 -17.98 -10.47 8.10
N THR A 236 -16.93 -11.17 7.67
CA THR A 236 -16.00 -11.76 8.61
C THR A 236 -14.73 -10.93 8.68
N TYR A 237 -14.74 -9.98 9.61
CA TYR A 237 -13.63 -9.07 9.78
C TYR A 237 -12.47 -9.74 10.47
N PHE A 238 -11.25 -9.42 10.06
CA PHE A 238 -10.09 -9.93 10.76
C PHE A 238 -9.48 -8.86 11.66
N GLY A 239 -9.87 -7.59 11.43
CA GLY A 239 -9.44 -6.49 12.27
C GLY A 239 -9.80 -6.70 13.74
N VAL A 240 -8.86 -6.39 14.62
CA VAL A 240 -9.01 -6.65 16.05
C VAL A 240 -10.21 -5.90 16.65
N GLY A 241 -10.50 -4.72 16.13
CA GLY A 241 -11.63 -3.95 16.62
C GLY A 241 -12.95 -4.17 15.91
N LYS A 242 -13.01 -5.10 14.96
CA LYS A 242 -14.27 -5.38 14.25
C LYS A 242 -14.61 -6.87 14.21
N VAL A 243 -13.71 -7.70 14.71
CA VAL A 243 -13.91 -9.14 14.64
C VAL A 243 -15.10 -9.55 15.49
N VAL A 244 -15.96 -10.40 14.94
CA VAL A 244 -17.17 -10.83 15.65
C VAL A 244 -17.36 -12.34 15.58
N ASN A 245 -16.56 -13.04 14.77
CA ASN A 245 -16.75 -14.49 14.66
C ASN A 245 -15.44 -15.26 14.59
N TYR A 246 -14.45 -14.78 15.34
CA TYR A 246 -13.23 -15.55 15.58
C TYR A 246 -13.53 -16.66 16.55
N GLY A 247 -13.46 -17.90 16.09
CA GLY A 247 -13.88 -19.01 16.93
C GLY A 247 -12.77 -19.92 17.43
N GLY A 248 -11.53 -19.42 17.44
CA GLY A 248 -10.40 -20.25 17.83
C GLY A 248 -10.10 -20.24 19.31
N GLY A 249 -10.85 -19.44 20.07
CA GLY A 249 -10.62 -19.31 21.50
C GLY A 249 -9.30 -18.64 21.78
N GLY A 250 -9.04 -18.38 23.06
CA GLY A 250 -7.87 -17.59 23.41
C GLY A 250 -8.14 -16.16 23.01
N ALA A 251 -7.21 -15.27 23.34
CA ALA A 251 -7.43 -13.85 23.09
C ALA A 251 -7.25 -13.55 21.60
N TYR A 252 -7.81 -12.40 21.19
CA TYR A 252 -7.65 -11.91 19.84
C TYR A 252 -7.24 -10.46 19.94
N ASP A 253 -5.95 -10.24 20.24
CA ASP A 253 -5.42 -8.90 20.50
C ASP A 253 -4.39 -8.50 19.46
N GLU A 254 -4.09 -7.21 19.37
CA GLU A 254 -3.20 -6.75 18.31
C GLU A 254 -1.75 -7.01 18.69
N GLY A 255 -0.96 -7.35 17.68
CA GLY A 255 0.40 -7.82 17.87
C GLY A 255 0.54 -9.18 17.21
N SER A 256 1.75 -9.75 17.27
CA SER A 256 2.02 -11.03 16.63
C SER A 256 2.00 -12.18 17.64
N ALA A 257 1.32 -13.27 17.27
CA ALA A 257 1.27 -14.47 18.10
C ALA A 257 1.11 -15.73 17.25
N VAL A 258 1.20 -16.88 17.90
CA VAL A 258 1.05 -18.16 17.23
C VAL A 258 -0.29 -18.76 17.59
N PHE A 259 -0.98 -19.33 16.62
CA PHE A 259 -2.35 -19.80 16.79
C PHE A 259 -2.49 -21.24 16.36
N ASP A 260 -3.51 -21.90 16.87
CA ASP A 260 -3.90 -23.19 16.34
C ASP A 260 -5.42 -23.29 16.27
N TYR A 261 -5.92 -24.24 15.48
CA TYR A 261 -7.34 -24.49 15.38
C TYR A 261 -7.85 -25.10 16.68
N PRO A 262 -9.03 -24.65 17.15
CA PRO A 262 -9.62 -25.23 18.35
C PRO A 262 -10.11 -26.64 18.03
N PRO A 263 -10.39 -27.46 19.06
CA PRO A 263 -10.89 -28.84 18.86
C PRO A 263 -12.12 -28.87 17.93
N SER A 264 -13.03 -27.93 18.14
CA SER A 264 -14.20 -27.77 17.28
C SER A 264 -14.45 -26.30 16.99
N LEU A 265 -14.63 -25.97 15.71
CA LEU A 265 -14.87 -24.60 15.29
C LEU A 265 -16.36 -24.41 15.07
N ALA A 266 -16.95 -23.39 15.71
CA ALA A 266 -18.37 -23.08 15.53
C ALA A 266 -18.71 -22.79 14.07
N ALA A 267 -19.99 -22.89 13.74
CA ALA A 267 -20.50 -22.48 12.43
C ALA A 267 -20.27 -20.99 12.21
N ASN A 268 -20.22 -20.58 10.95
CA ASN A 268 -20.08 -19.17 10.58
C ASN A 268 -18.94 -18.48 11.31
N SER A 269 -17.83 -19.19 11.50
CA SER A 269 -16.71 -18.68 12.27
C SER A 269 -15.36 -19.06 11.65
N PHE A 270 -14.30 -18.37 12.08
CA PHE A 270 -12.99 -18.73 11.58
C PHE A 270 -12.01 -18.98 12.73
N ALA A 271 -10.99 -19.77 12.46
CA ALA A 271 -9.88 -19.88 13.38
C ALA A 271 -8.56 -19.76 12.62
N LEU A 272 -7.50 -19.47 13.37
CA LEU A 272 -6.19 -19.23 12.81
C LEU A 272 -5.21 -20.36 13.19
N ARG A 273 -4.28 -20.66 12.29
CA ARG A 273 -3.18 -21.59 12.57
C ARG A 273 -1.85 -21.00 12.10
N GLY A 274 -0.79 -21.25 12.84
CA GLY A 274 0.51 -20.71 12.48
C GLY A 274 0.67 -19.33 13.09
N ARG A 275 1.69 -18.61 12.67
CA ARG A 275 1.95 -17.33 13.29
C ARG A 275 1.28 -16.22 12.51
N TRP A 276 0.63 -15.32 13.23
CA TRP A 276 -0.11 -14.21 12.62
C TRP A 276 0.20 -12.90 13.30
N ALA A 277 0.21 -11.84 12.52
CA ALA A 277 0.29 -10.50 13.08
C ALA A 277 -1.06 -9.83 12.95
N LEU A 278 -1.75 -9.63 14.07
CA LEU A 278 -3.05 -8.97 14.04
C LEU A 278 -2.89 -7.47 14.27
N ASP A 279 -3.76 -6.70 13.64
CA ASP A 279 -3.88 -5.27 13.90
C ASP A 279 -5.32 -4.86 13.60
N TYR A 280 -5.56 -3.57 13.48
CA TYR A 280 -6.94 -3.08 13.38
C TYR A 280 -7.45 -3.05 11.95
N GLN A 281 -6.55 -3.23 10.98
CA GLN A 281 -6.98 -3.39 9.59
C GLN A 281 -7.35 -4.85 9.30
N GLY A 282 -6.59 -5.78 9.87
CA GLY A 282 -6.81 -7.18 9.58
C GLY A 282 -5.70 -8.09 10.07
N ALA A 283 -5.64 -9.29 9.50
CA ALA A 283 -4.74 -10.33 9.97
C ALA A 283 -3.67 -10.62 8.94
N THR A 284 -2.41 -10.42 9.33
CA THR A 284 -1.31 -10.59 8.41
C THR A 284 -0.59 -11.91 8.64
N SER A 285 -0.32 -12.60 7.54
CA SER A 285 0.41 -13.86 7.53
C SER A 285 1.86 -13.62 7.89
N ASP A 286 2.30 -14.20 9.00
CA ASP A 286 3.61 -13.89 9.58
C ASP A 286 4.51 -15.13 9.69
N GLY A 287 4.27 -16.10 8.82
CA GLY A 287 5.01 -17.35 8.85
C GLY A 287 4.61 -18.18 7.65
N ASN A 288 5.29 -19.28 7.43
CA ASN A 288 5.06 -20.06 6.20
C ASN A 288 4.01 -21.13 6.41
N ASP A 289 3.59 -21.30 7.66
CA ASP A 289 2.61 -22.31 8.00
C ASP A 289 1.25 -21.70 8.29
N ALA A 290 1.12 -20.39 8.04
CA ALA A 290 -0.09 -19.66 8.40
C ALA A 290 -1.33 -20.18 7.67
N ALA A 291 -2.45 -20.25 8.37
CA ALA A 291 -3.66 -20.82 7.80
C ALA A 291 -4.91 -20.27 8.46
N ILE A 292 -5.98 -20.24 7.69
CA ILE A 292 -7.29 -19.82 8.18
C ILE A 292 -8.29 -20.93 7.91
N LYS A 293 -8.98 -21.36 8.95
CA LYS A 293 -10.12 -22.25 8.79
C LYS A 293 -11.39 -21.42 8.89
N LEU A 294 -12.31 -21.67 7.99
CA LEU A 294 -13.56 -20.92 7.94
C LEU A 294 -14.74 -21.87 7.83
N ASN A 295 -15.67 -21.77 8.78
CA ASN A 295 -16.97 -22.37 8.56
C ASN A 295 -17.90 -21.26 8.12
N TYR A 296 -18.56 -21.45 7.00
CA TYR A 296 -19.33 -20.37 6.44
C TYR A 296 -20.64 -20.91 5.88
N HIS A 297 -21.59 -20.00 5.69
CA HIS A 297 -22.88 -20.37 5.14
C HIS A 297 -23.16 -19.41 4.00
N ALA A 298 -22.80 -19.84 2.80
CA ALA A 298 -22.86 -18.99 1.62
C ALA A 298 -22.83 -19.84 0.35
N LYS A 299 -23.10 -19.24 -0.80
CA LYS A 299 -22.83 -19.90 -2.06
C LYS A 299 -21.41 -19.56 -2.53
N ASP A 300 -21.07 -18.28 -2.45
CA ASP A 300 -19.77 -17.79 -2.91
C ASP A 300 -19.01 -17.24 -1.73
N VAL A 301 -17.69 -17.35 -1.76
CA VAL A 301 -16.88 -16.77 -0.71
C VAL A 301 -15.74 -15.95 -1.32
N TYR A 302 -15.51 -14.76 -0.77
CA TYR A 302 -14.47 -13.86 -1.24
C TYR A 302 -13.57 -13.56 -0.07
N ILE A 303 -12.30 -13.36 -0.35
CA ILE A 303 -11.38 -12.88 0.64
C ILE A 303 -10.95 -11.48 0.22
N VAL A 304 -10.89 -10.56 1.16
CA VAL A 304 -10.27 -9.27 0.88
C VAL A 304 -8.86 -9.37 1.41
N VAL A 305 -7.89 -9.35 0.51
CA VAL A 305 -6.51 -9.53 0.89
C VAL A 305 -5.64 -8.56 0.13
N GLY A 306 -4.57 -8.08 0.78
CA GLY A 306 -3.58 -7.27 0.08
C GLY A 306 -2.18 -7.84 0.25
N GLY A 307 -1.23 -7.25 -0.45
CA GLY A 307 0.16 -7.70 -0.40
C GLY A 307 0.54 -8.44 -1.66
N THR A 308 1.71 -9.05 -1.65
CA THR A 308 2.15 -9.83 -2.80
C THR A 308 2.61 -11.21 -2.35
N GLY A 309 2.09 -12.22 -3.04
CA GLY A 309 2.34 -13.59 -2.65
C GLY A 309 1.31 -14.54 -3.20
N THR A 310 1.08 -15.63 -2.48
CA THR A 310 0.22 -16.69 -2.95
C THR A 310 -0.81 -17.08 -1.90
N LEU A 311 -2.04 -17.27 -2.37
CA LEU A 311 -3.11 -17.83 -1.56
C LEU A 311 -3.37 -19.27 -2.00
N THR A 312 -3.21 -20.22 -1.10
CA THR A 312 -3.63 -21.58 -1.42
C THR A 312 -4.95 -21.90 -0.70
N VAL A 313 -5.96 -22.31 -1.44
CA VAL A 313 -7.25 -22.52 -0.82
C VAL A 313 -7.72 -23.95 -1.04
N VAL A 314 -8.17 -24.56 0.06
CA VAL A 314 -8.67 -25.94 0.05
C VAL A 314 -10.14 -26.04 0.46
N ARG A 315 -10.97 -26.56 -0.44
CA ARG A 315 -12.37 -26.74 -0.15
C ARG A 315 -12.81 -28.12 -0.60
N ASP A 316 -13.34 -28.91 0.32
CA ASP A 316 -13.82 -30.25 0.01
C ASP A 316 -12.76 -31.08 -0.71
N GLY A 317 -11.55 -31.03 -0.16
CA GLY A 317 -10.42 -31.77 -0.73
C GLY A 317 -9.95 -31.26 -2.08
N LYS A 318 -10.39 -30.09 -2.49
CA LYS A 318 -9.96 -29.54 -3.76
C LYS A 318 -9.17 -28.27 -3.51
N PRO A 319 -7.89 -28.26 -3.92
CA PRO A 319 -6.98 -27.12 -3.76
C PRO A 319 -6.88 -26.21 -4.98
N ALA A 320 -6.88 -24.91 -4.74
CA ALA A 320 -6.65 -23.94 -5.80
C ALA A 320 -5.52 -23.01 -5.37
N THR A 321 -4.82 -22.43 -6.34
CA THR A 321 -3.71 -21.54 -6.05
C THR A 321 -3.94 -20.19 -6.73
N LEU A 322 -3.96 -19.12 -5.94
CA LEU A 322 -4.25 -17.80 -6.46
C LEU A 322 -3.05 -16.87 -6.25
N PRO A 323 -2.51 -16.31 -7.36
CA PRO A 323 -1.49 -15.26 -7.22
C PRO A 323 -2.16 -13.99 -6.71
N ILE A 324 -1.59 -13.36 -5.68
CA ILE A 324 -2.15 -12.14 -5.12
C ILE A 324 -1.14 -11.01 -5.20
N SER A 325 -1.52 -9.89 -5.82
CA SER A 325 -0.62 -8.72 -5.91
C SER A 325 -1.36 -7.45 -6.31
N GLY A 326 -0.70 -6.30 -6.13
CA GLY A 326 -1.27 -5.05 -6.57
C GLY A 326 -2.24 -4.44 -5.58
N PRO A 327 -3.34 -3.83 -6.07
CA PRO A 327 -4.34 -3.21 -5.20
C PRO A 327 -5.10 -4.24 -4.35
N PRO A 328 -4.98 -4.14 -3.01
CA PRO A 328 -5.80 -4.96 -2.12
C PRO A 328 -7.26 -4.93 -2.56
N THR A 329 -7.86 -6.10 -2.75
CA THR A 329 -9.29 -6.16 -3.08
C THR A 329 -9.87 -7.54 -2.84
N THR A 330 -11.06 -7.78 -3.38
CA THR A 330 -11.70 -9.07 -3.26
C THR A 330 -11.15 -10.05 -4.28
N HIS A 331 -10.78 -11.22 -3.80
CA HIS A 331 -10.49 -12.36 -4.66
C HIS A 331 -11.47 -13.45 -4.29
N GLN A 332 -12.11 -14.04 -5.28
CA GLN A 332 -13.06 -15.11 -5.02
C GLN A 332 -12.32 -16.41 -4.69
N VAL A 333 -12.79 -17.13 -3.68
CA VAL A 333 -12.11 -18.38 -3.31
C VAL A 333 -13.07 -19.55 -3.36
N VAL A 334 -14.37 -19.27 -3.41
CA VAL A 334 -15.36 -20.32 -3.64
C VAL A 334 -16.44 -19.84 -4.60
N ALA A 335 -16.67 -20.64 -5.65
CA ALA A 335 -17.79 -20.42 -6.55
C ALA A 335 -18.69 -21.65 -6.49
N GLY A 336 -19.56 -21.68 -5.48
CA GLY A 336 -20.34 -22.86 -5.18
C GLY A 336 -21.55 -23.03 -6.07
N TYR A 337 -22.36 -24.04 -5.77
CA TYR A 337 -23.53 -24.36 -6.59
C TYR A 337 -24.80 -23.89 -5.92
N ARG A 338 -24.76 -23.82 -4.60
CA ARG A 338 -25.90 -23.33 -3.85
C ARG A 338 -25.45 -22.80 -2.51
N LEU A 339 -26.36 -22.09 -1.86
CA LEU A 339 -26.21 -21.70 -0.47
C LEU A 339 -26.16 -22.95 0.38
N ALA A 340 -25.04 -23.17 1.06
CA ALA A 340 -24.92 -24.31 1.94
C ALA A 340 -23.88 -24.04 3.02
N SER A 341 -23.93 -24.80 4.10
CA SER A 341 -22.88 -24.71 5.10
C SER A 341 -21.69 -25.52 4.60
N GLU A 342 -20.49 -24.96 4.74
CA GLU A 342 -19.27 -25.59 4.25
C GLU A 342 -18.10 -25.21 5.14
N THR A 343 -16.97 -25.88 4.94
CA THR A 343 -15.73 -25.47 5.57
C THR A 343 -14.68 -25.18 4.51
N LEU A 344 -13.76 -24.30 4.86
CA LEU A 344 -12.79 -23.77 3.93
C LEU A 344 -11.45 -23.66 4.63
N GLU A 345 -10.35 -23.84 3.91
CA GLU A 345 -9.07 -23.45 4.45
C GLU A 345 -8.30 -22.60 3.45
N VAL A 346 -7.73 -21.50 3.93
CA VAL A 346 -6.91 -20.61 3.13
C VAL A 346 -5.54 -20.53 3.78
N ARG A 347 -4.50 -20.70 2.98
CA ARG A 347 -3.12 -20.60 3.44
C ARG A 347 -2.41 -19.48 2.68
N PRO A 348 -2.30 -18.33 3.31
CA PRO A 348 -1.66 -17.17 2.69
C PRO A 348 -0.17 -17.11 2.96
N SER A 349 0.65 -16.97 1.91
CA SER A 349 2.09 -16.77 2.05
C SER A 349 2.39 -15.58 2.97
N LYS A 350 3.53 -15.62 3.64
CA LYS A 350 3.87 -14.61 4.65
C LYS A 350 3.80 -13.19 4.10
N GLY A 351 3.20 -12.29 4.87
CA GLY A 351 3.15 -10.89 4.48
C GLY A 351 1.85 -10.51 3.79
N LEU A 352 1.10 -11.50 3.32
CA LEU A 352 -0.26 -11.24 2.86
C LEU A 352 -1.10 -10.80 4.05
N GLN A 353 -1.90 -9.76 3.85
CA GLN A 353 -2.76 -9.23 4.89
C GLN A 353 -4.23 -9.48 4.56
N VAL A 354 -4.90 -10.25 5.43
CA VAL A 354 -6.30 -10.61 5.23
C VAL A 354 -7.21 -9.66 6.02
N PHE A 355 -8.09 -8.99 5.27
CA PHE A 355 -8.95 -7.98 5.85
C PHE A 355 -10.31 -8.57 6.23
N SER A 356 -10.81 -9.50 5.43
CA SER A 356 -12.14 -10.02 5.65
C SER A 356 -12.42 -11.20 4.75
N PHE A 357 -13.36 -12.04 5.19
CA PHE A 357 -14.13 -12.88 4.29
C PHE A 357 -15.49 -12.22 4.08
N THR A 358 -15.98 -12.25 2.83
CA THR A 358 -17.29 -11.74 2.49
C THR A 358 -17.96 -12.78 1.59
N TYR A 359 -19.26 -12.64 1.37
CA TYR A 359 -20.02 -13.76 0.86
C TYR A 359 -21.02 -13.40 -0.22
N GLY A 360 -21.53 -14.43 -0.89
CA GLY A 360 -22.48 -14.26 -1.96
C GLY A 360 -23.30 -15.52 -2.10
N THR B 28 -20.59 1.42 11.37
CA THR B 28 -20.65 1.01 9.96
C THR B 28 -20.73 -0.50 9.78
N GLY B 29 -21.10 -0.91 8.58
CA GLY B 29 -21.08 -2.31 8.21
C GLY B 29 -21.76 -2.52 6.88
N THR B 30 -21.68 -3.74 6.36
CA THR B 30 -22.28 -4.03 5.07
C THR B 30 -23.60 -4.77 5.28
N GLU B 31 -24.53 -4.68 4.33
CA GLU B 31 -25.84 -5.28 4.52
C GLU B 31 -26.54 -5.70 3.24
N ILE B 32 -27.16 -6.87 3.28
CA ILE B 32 -28.17 -7.26 2.30
C ILE B 32 -29.52 -6.94 2.91
N ARG B 33 -30.44 -6.41 2.14
CA ARG B 33 -31.72 -6.03 2.73
C ARG B 33 -32.43 -7.27 3.27
N GLU B 34 -33.02 -7.11 4.44
CA GLU B 34 -33.72 -8.16 5.18
C GLU B 34 -32.79 -9.16 5.85
N GLN B 35 -31.50 -8.87 5.91
CA GLN B 35 -30.62 -9.72 6.70
C GLN B 35 -30.71 -9.32 8.17
N LEU B 36 -30.43 -10.27 9.07
CA LEU B 36 -30.43 -9.96 10.49
C LEU B 36 -29.23 -9.10 10.83
N ASN B 37 -29.44 -8.04 11.60
CA ASN B 37 -28.33 -7.24 12.05
C ASN B 37 -28.01 -7.61 13.49
N LEU B 38 -27.54 -8.84 13.68
CA LEU B 38 -27.30 -9.38 15.00
C LEU B 38 -26.31 -8.58 15.80
N GLY B 39 -26.56 -8.50 17.10
CA GLY B 39 -25.67 -7.80 17.98
C GLY B 39 -24.69 -8.79 18.58
N GLY B 40 -23.81 -8.28 19.43
CA GLY B 40 -22.89 -9.13 20.15
C GLY B 40 -21.97 -9.88 19.23
N ILE B 41 -21.43 -10.97 19.76
CA ILE B 41 -20.48 -11.78 19.01
C ILE B 41 -20.94 -13.21 18.93
N VAL B 42 -20.26 -13.99 18.10
CA VAL B 42 -20.61 -15.37 17.91
C VAL B 42 -20.03 -16.22 19.04
N ASN B 43 -20.86 -17.07 19.62
CA ASN B 43 -20.35 -18.10 20.53
C ASN B 43 -20.89 -19.43 20.03
N ALA B 44 -20.52 -20.52 20.68
CA ALA B 44 -20.79 -21.83 20.11
C ALA B 44 -22.28 -22.16 20.14
N GLN B 45 -23.04 -21.36 20.88
CA GLN B 45 -24.46 -21.63 21.10
C GLN B 45 -25.34 -20.87 20.11
N ASN B 46 -24.81 -19.79 19.55
CA ASN B 46 -25.63 -18.93 18.70
C ASN B 46 -25.09 -18.77 17.28
N ALA B 47 -24.07 -19.57 16.95
CA ALA B 47 -23.34 -19.36 15.70
C ALA B 47 -24.23 -19.47 14.46
N GLN B 48 -25.34 -20.19 14.57
CA GLN B 48 -26.13 -20.43 13.40
C GLN B 48 -27.26 -19.42 13.21
N LEU B 49 -27.40 -18.49 14.14
CA LEU B 49 -28.53 -17.56 14.12
C LEU B 49 -28.59 -16.75 12.84
N SER B 50 -27.43 -16.42 12.28
CA SER B 50 -27.36 -15.62 11.08
C SER B 50 -27.81 -16.41 9.87
N ASN B 51 -28.10 -17.70 10.05
CA ASN B 51 -28.68 -18.49 8.97
C ASN B 51 -30.17 -18.22 8.78
N CYS B 52 -30.77 -17.45 9.68
CA CYS B 52 -32.12 -16.94 9.44
C CYS B 52 -31.98 -15.54 8.87
N SER B 53 -33.02 -15.07 8.20
CA SER B 53 -33.09 -13.67 7.83
C SER B 53 -34.06 -12.97 8.78
N ASP B 54 -34.25 -11.67 8.60
CA ASP B 54 -35.06 -10.88 9.51
C ASP B 54 -36.54 -10.89 9.17
N GLY B 55 -37.30 -11.79 9.78
CA GLY B 55 -38.74 -11.81 9.60
C GLY B 55 -39.22 -12.51 8.35
N ALA B 56 -38.50 -13.55 7.92
CA ALA B 56 -38.88 -14.29 6.71
C ALA B 56 -40.30 -14.87 6.80
N ALA B 57 -40.99 -14.92 5.67
CA ALA B 57 -42.35 -15.40 5.64
C ALA B 57 -42.40 -16.93 5.60
N GLN B 58 -41.30 -17.54 5.20
CA GLN B 58 -41.21 -18.98 5.21
C GLN B 58 -40.33 -19.43 6.38
N LEU B 59 -40.60 -20.62 6.90
CA LEU B 59 -39.80 -21.18 7.99
C LEU B 59 -38.34 -21.27 7.58
N GLU B 60 -37.47 -20.90 8.48
CA GLU B 60 -36.05 -21.03 8.23
C GLU B 60 -35.47 -22.00 9.25
N SER B 61 -34.16 -22.23 9.17
CA SER B 61 -33.52 -23.18 10.06
C SER B 61 -32.19 -22.61 10.48
N CYS B 62 -32.10 -22.17 11.72
CA CYS B 62 -30.87 -21.54 12.17
C CYS B 62 -30.49 -21.92 13.59
N GLY B 63 -30.47 -23.22 13.82
CA GLY B 63 -29.77 -23.79 14.96
C GLY B 63 -30.60 -23.91 16.21
N THR B 64 -30.15 -24.78 17.10
CA THR B 64 -30.74 -24.93 18.42
C THR B 64 -30.85 -23.59 19.11
N ALA B 65 -32.01 -23.33 19.69
CA ALA B 65 -32.17 -22.11 20.49
C ALA B 65 -31.10 -22.00 21.59
N PRO B 66 -30.46 -20.84 21.71
CA PRO B 66 -29.46 -20.60 22.75
C PRO B 66 -30.08 -20.57 24.15
N ASP B 67 -29.30 -20.93 25.17
CA ASP B 67 -29.78 -20.94 26.55
C ASP B 67 -30.31 -19.60 26.94
N LEU B 68 -31.35 -19.59 27.76
CA LEU B 68 -31.67 -18.40 28.51
C LEU B 68 -30.64 -18.31 29.63
N LYS B 69 -29.59 -17.52 29.46
CA LYS B 69 -28.58 -17.48 30.51
C LYS B 69 -28.60 -16.17 31.28
N GLY B 70 -28.03 -16.23 32.48
CA GLY B 70 -27.90 -15.08 33.36
C GLY B 70 -29.20 -14.42 33.74
N ILE B 71 -30.31 -15.14 33.61
CA ILE B 71 -31.59 -14.56 33.95
C ILE B 71 -31.58 -14.32 35.46
N THR B 72 -31.92 -13.10 35.87
CA THR B 72 -31.74 -12.71 37.26
C THR B 72 -32.99 -12.99 38.10
N GLY B 73 -34.13 -13.11 37.43
CA GLY B 73 -35.37 -13.45 38.10
C GLY B 73 -36.45 -13.86 37.13
N TRP B 74 -37.60 -14.26 37.66
CA TRP B 74 -38.68 -14.74 36.84
C TRP B 74 -40.00 -14.26 37.39
N LEU B 75 -40.96 -14.03 36.50
CA LEU B 75 -42.32 -13.74 36.87
C LEU B 75 -43.26 -14.70 36.18
N ASN B 76 -44.47 -14.84 36.72
CA ASN B 76 -45.54 -15.61 36.10
C ASN B 76 -45.16 -17.04 35.81
N THR B 77 -44.28 -17.57 36.64
CA THR B 77 -44.04 -19.01 36.66
C THR B 77 -44.36 -19.51 38.06
N PRO B 78 -44.54 -20.83 38.22
CA PRO B 78 -44.74 -21.34 39.58
C PRO B 78 -43.60 -21.00 40.53
N GLY B 79 -43.89 -20.18 41.53
CA GLY B 79 -42.93 -19.80 42.55
C GLY B 79 -41.79 -18.99 41.97
N ASN B 80 -42.06 -18.34 40.84
CA ASN B 80 -41.06 -17.57 40.12
C ASN B 80 -39.79 -18.38 39.93
N LYS B 81 -39.97 -19.68 39.69
CA LYS B 81 -38.85 -20.56 39.41
C LYS B 81 -38.45 -20.44 37.94
N PRO B 82 -37.18 -20.77 37.61
CA PRO B 82 -36.70 -20.63 36.24
C PRO B 82 -37.33 -21.63 35.27
N ILE B 83 -37.50 -21.21 34.02
CA ILE B 83 -37.88 -22.15 32.98
C ILE B 83 -36.64 -22.43 32.12
N ASP B 84 -36.39 -23.71 31.88
CA ASP B 84 -35.27 -24.16 31.06
C ASP B 84 -35.83 -24.56 29.71
N LEU B 85 -35.27 -24.00 28.63
CA LEU B 85 -35.81 -24.19 27.28
C LEU B 85 -35.90 -25.66 26.90
N LYS B 86 -34.98 -26.46 27.41
CA LYS B 86 -34.97 -27.88 27.08
C LYS B 86 -36.22 -28.57 27.63
N SER B 87 -36.81 -28.00 28.66
CA SER B 87 -38.01 -28.58 29.23
C SER B 87 -39.25 -28.16 28.43
N LEU B 88 -39.05 -27.31 27.42
CA LEU B 88 -40.14 -26.88 26.55
C LEU B 88 -40.09 -27.54 25.18
N ARG B 89 -39.18 -28.50 25.01
CA ARG B 89 -39.18 -29.38 23.84
C ARG B 89 -40.52 -30.09 23.78
N GLY B 90 -41.06 -30.24 22.56
CA GLY B 90 -42.42 -30.75 22.37
C GLY B 90 -43.41 -29.61 22.13
N LYS B 91 -43.03 -28.44 22.62
CA LYS B 91 -43.83 -27.24 22.42
C LYS B 91 -43.16 -26.29 21.44
N VAL B 92 -43.97 -25.43 20.85
CA VAL B 92 -43.47 -24.31 20.07
C VAL B 92 -43.23 -23.20 21.08
N VAL B 93 -42.14 -22.47 20.92
CA VAL B 93 -41.73 -21.51 21.93
C VAL B 93 -41.39 -20.17 21.29
N LEU B 94 -42.13 -19.14 21.68
CA LEU B 94 -41.83 -17.79 21.22
C LEU B 94 -41.03 -17.04 22.26
N ILE B 95 -39.77 -16.72 21.96
CA ILE B 95 -39.02 -15.79 22.79
C ILE B 95 -39.31 -14.38 22.35
N ASP B 96 -39.81 -13.55 23.27
CA ASP B 96 -40.19 -12.17 22.96
C ASP B 96 -39.41 -11.20 23.83
N PHE B 97 -38.46 -10.48 23.23
CA PHE B 97 -37.70 -9.45 23.96
C PHE B 97 -38.47 -8.16 24.08
N TRP B 98 -38.51 -7.61 25.30
CA TRP B 98 -39.28 -6.40 25.58
C TRP B 98 -38.72 -5.61 26.77
N ALA B 99 -39.16 -4.36 26.88
CA ALA B 99 -38.93 -3.54 28.05
C ALA B 99 -40.25 -2.82 28.28
N TYR B 100 -40.71 -2.73 29.52
CA TYR B 100 -42.09 -2.30 29.74
C TYR B 100 -42.36 -0.83 29.42
N SER B 101 -41.32 0.00 29.45
CA SER B 101 -41.52 1.41 29.10
C SER B 101 -41.32 1.65 27.60
N CYS B 102 -41.01 0.60 26.86
CA CYS B 102 -40.78 0.75 25.42
C CYS B 102 -42.10 0.75 24.67
N ILE B 103 -42.38 1.86 24.01
CA ILE B 103 -43.70 2.06 23.42
C ILE B 103 -43.89 1.10 22.22
N ASN B 104 -42.80 0.75 21.54
CA ASN B 104 -42.89 -0.22 20.47
C ASN B 104 -43.37 -1.53 21.06
N CYS B 105 -42.77 -1.89 22.19
CA CYS B 105 -43.11 -3.14 22.87
C CYS B 105 -44.53 -3.14 23.38
N GLN B 106 -45.01 -1.98 23.85
CA GLN B 106 -46.37 -1.88 24.39
C GLN B 106 -47.38 -2.09 23.27
N ARG B 107 -47.01 -1.67 22.07
CA ARG B 107 -47.87 -1.89 20.92
C ARG B 107 -47.78 -3.36 20.47
N ALA B 108 -46.60 -3.97 20.65
CA ALA B 108 -46.42 -5.35 20.22
C ALA B 108 -47.10 -6.34 21.13
N ILE B 109 -46.93 -6.17 22.44
CA ILE B 109 -47.34 -7.16 23.43
C ILE B 109 -48.80 -7.66 23.28
N PRO B 110 -49.78 -6.76 23.03
CA PRO B 110 -51.14 -7.32 22.88
C PRO B 110 -51.26 -8.35 21.76
N HIS B 111 -50.41 -8.27 20.74
CA HIS B 111 -50.36 -9.32 19.72
C HIS B 111 -49.80 -10.62 20.29
N VAL B 112 -48.77 -10.49 21.12
CA VAL B 112 -48.15 -11.63 21.78
C VAL B 112 -49.13 -12.23 22.79
N VAL B 113 -49.75 -11.36 23.60
CA VAL B 113 -50.78 -11.75 24.55
C VAL B 113 -51.86 -12.54 23.83
N GLY B 114 -52.22 -12.05 22.65
CA GLY B 114 -53.27 -12.64 21.83
C GLY B 114 -52.89 -14.01 21.34
N TRP B 115 -51.64 -14.19 20.95
CA TRP B 115 -51.15 -15.47 20.48
C TRP B 115 -51.13 -16.48 21.61
N TYR B 116 -50.70 -16.00 22.77
CA TYR B 116 -50.58 -16.83 23.95
C TYR B 116 -51.97 -17.33 24.39
N GLN B 117 -52.93 -16.43 24.52
CA GLN B 117 -54.29 -16.81 24.87
C GLN B 117 -54.83 -17.81 23.84
N ALA B 118 -54.57 -17.57 22.57
CA ALA B 118 -55.10 -18.40 21.51
C ALA B 118 -54.45 -19.79 21.43
N TYR B 119 -53.15 -19.88 21.72
CA TYR B 119 -52.42 -21.09 21.35
C TYR B 119 -51.77 -21.87 22.51
N LYS B 120 -51.85 -21.34 23.74
CA LYS B 120 -51.18 -21.99 24.87
C LYS B 120 -51.69 -23.40 25.08
N ASP B 121 -52.94 -23.66 24.67
CA ASP B 121 -53.51 -24.98 24.86
C ASP B 121 -53.32 -25.84 23.62
N SER B 122 -52.74 -25.27 22.57
CA SER B 122 -52.46 -26.03 21.35
C SER B 122 -50.98 -26.30 21.20
N GLY B 123 -50.20 -25.92 22.20
CA GLY B 123 -48.79 -26.22 22.22
C GLY B 123 -47.85 -25.04 22.21
N LEU B 124 -48.35 -23.83 22.37
CA LEU B 124 -47.47 -22.68 22.36
C LEU B 124 -46.99 -22.26 23.75
N ALA B 125 -45.68 -22.17 23.92
CA ALA B 125 -45.07 -21.56 25.10
C ALA B 125 -44.58 -20.17 24.71
N VAL B 126 -44.70 -19.22 25.62
CA VAL B 126 -44.26 -17.86 25.34
C VAL B 126 -43.41 -17.38 26.49
N ILE B 127 -42.20 -16.95 26.19
CA ILE B 127 -41.32 -16.40 27.20
C ILE B 127 -40.99 -14.96 26.88
N GLY B 128 -41.45 -14.05 27.73
CA GLY B 128 -41.19 -12.63 27.56
C GLY B 128 -39.89 -12.25 28.25
N VAL B 129 -38.80 -12.24 27.49
CA VAL B 129 -37.52 -11.87 28.07
C VAL B 129 -37.46 -10.36 28.21
N HIS B 130 -37.52 -9.89 29.45
CA HIS B 130 -37.49 -8.47 29.74
C HIS B 130 -36.07 -8.00 29.93
N THR B 131 -35.53 -7.36 28.90
CA THR B 131 -34.21 -6.77 29.02
C THR B 131 -34.42 -5.29 29.20
N PRO B 132 -33.99 -4.77 30.36
CA PRO B 132 -34.24 -3.36 30.70
C PRO B 132 -33.50 -2.39 29.79
N GLU B 133 -34.22 -1.42 29.27
CA GLU B 133 -33.66 -0.35 28.47
C GLU B 133 -33.08 0.71 29.42
N TYR B 134 -33.58 0.73 30.66
CA TYR B 134 -33.10 1.66 31.69
C TYR B 134 -32.95 1.01 33.06
N ALA B 135 -32.22 1.68 33.95
CA ALA B 135 -31.94 1.18 35.28
C ALA B 135 -33.22 0.90 36.09
N PHE B 136 -34.23 1.74 35.96
CA PHE B 136 -35.42 1.54 36.75
C PHE B 136 -36.18 0.27 36.30
N GLU B 137 -35.93 -0.16 35.07
CA GLU B 137 -36.58 -1.36 34.54
C GLU B 137 -35.93 -2.64 35.10
N LYS B 138 -34.92 -2.46 35.96
CA LYS B 138 -34.30 -3.61 36.61
C LYS B 138 -35.07 -4.06 37.86
N VAL B 139 -35.96 -3.20 38.33
CA VAL B 139 -36.74 -3.45 39.52
C VAL B 139 -37.92 -4.39 39.20
N PRO B 140 -37.87 -5.64 39.71
CA PRO B 140 -38.88 -6.67 39.42
C PRO B 140 -40.27 -6.13 39.66
N GLY B 141 -40.39 -5.35 40.74
CA GLY B 141 -41.63 -4.67 41.04
C GLY B 141 -42.13 -3.89 39.85
N ASN B 142 -41.30 -2.96 39.36
CA ASN B 142 -41.66 -2.13 38.21
C ASN B 142 -42.05 -2.96 36.98
N VAL B 143 -41.34 -4.06 36.74
CA VAL B 143 -41.61 -4.97 35.64
C VAL B 143 -42.95 -5.64 35.81
N ALA B 144 -43.14 -6.24 36.98
CA ALA B 144 -44.42 -6.85 37.34
C ALA B 144 -45.57 -5.88 37.11
N LYS B 145 -45.41 -4.63 37.54
CA LYS B 145 -46.46 -3.64 37.36
C LYS B 145 -46.74 -3.36 35.89
N GLY B 146 -45.67 -3.30 35.10
CA GLY B 146 -45.80 -3.02 33.68
C GLY B 146 -46.47 -4.17 32.97
N ALA B 147 -46.12 -5.39 33.35
CA ALA B 147 -46.68 -6.58 32.73
C ALA B 147 -48.19 -6.60 32.93
N ALA B 148 -48.61 -6.28 34.16
CA ALA B 148 -50.02 -6.29 34.52
C ALA B 148 -50.83 -5.29 33.69
N ASN B 149 -50.27 -4.11 33.45
CA ASN B 149 -50.98 -3.14 32.63
C ASN B 149 -51.08 -3.61 31.19
N LEU B 150 -50.21 -4.53 30.79
CA LEU B 150 -50.19 -5.04 29.43
C LEU B 150 -50.92 -6.39 29.33
N GLY B 151 -51.38 -6.89 30.48
CA GLY B 151 -52.16 -8.12 30.50
C GLY B 151 -51.31 -9.33 30.20
N ILE B 152 -50.02 -9.25 30.54
CA ILE B 152 -49.10 -10.34 30.33
C ILE B 152 -49.23 -11.44 31.39
N SER B 153 -49.60 -12.64 30.96
CA SER B 153 -49.74 -13.77 31.89
C SER B 153 -48.71 -14.84 31.60
N TYR B 154 -47.91 -14.67 30.57
CA TYR B 154 -46.93 -15.69 30.25
C TYR B 154 -45.65 -15.49 31.07
N PRO B 155 -44.83 -16.54 31.18
CA PRO B 155 -43.53 -16.40 31.87
C PRO B 155 -42.75 -15.20 31.41
N ILE B 156 -42.15 -14.52 32.39
CA ILE B 156 -41.27 -13.38 32.16
C ILE B 156 -39.88 -13.70 32.71
N ALA B 157 -38.88 -13.68 31.84
CA ALA B 157 -37.49 -13.83 32.26
C ALA B 157 -36.82 -12.46 32.34
N LEU B 158 -36.37 -12.10 33.54
CA LEU B 158 -35.71 -10.82 33.77
C LEU B 158 -34.23 -10.89 33.40
N ASP B 159 -33.85 -10.14 32.38
CA ASP B 159 -32.52 -10.20 31.79
C ASP B 159 -31.71 -8.96 32.20
N ASN B 160 -31.61 -8.72 33.50
CA ASN B 160 -31.01 -7.49 33.98
C ASN B 160 -29.54 -7.27 33.58
N ASN B 161 -28.79 -8.34 33.37
CA ASN B 161 -27.39 -8.22 32.92
C ASN B 161 -27.18 -8.41 31.42
N TYR B 162 -28.27 -8.37 30.65
CA TYR B 162 -28.23 -8.55 29.18
C TYR B 162 -27.58 -9.85 28.75
N ALA B 163 -27.48 -10.83 29.64
CA ALA B 163 -26.83 -12.09 29.26
C ALA B 163 -27.62 -12.87 28.20
N THR B 164 -28.94 -12.80 28.23
CA THR B 164 -29.76 -13.55 27.27
C THR B 164 -29.82 -12.78 25.96
N TRP B 165 -30.07 -11.48 26.06
CA TRP B 165 -29.95 -10.56 24.94
C TRP B 165 -28.68 -10.84 24.16
N THR B 166 -27.57 -10.95 24.90
CA THR B 166 -26.27 -11.21 24.30
C THR B 166 -26.21 -12.62 23.71
N ASN B 167 -26.57 -13.63 24.50
CA ASN B 167 -26.52 -15.01 24.01
C ASN B 167 -27.36 -15.15 22.73
N TYR B 168 -28.46 -14.41 22.65
CA TYR B 168 -29.31 -14.41 21.45
C TYR B 168 -28.83 -13.46 20.34
N ARG B 169 -27.74 -12.73 20.59
CA ARG B 169 -27.22 -11.76 19.63
C ARG B 169 -28.29 -10.75 19.21
N ASN B 170 -29.21 -10.42 20.12
CA ASN B 170 -30.23 -9.44 19.80
C ASN B 170 -29.66 -8.02 19.62
N ARG B 171 -30.46 -7.14 19.04
CA ARG B 171 -30.06 -5.77 18.81
C ARG B 171 -31.20 -4.76 19.06
N TYR B 172 -32.44 -5.23 19.04
CA TYR B 172 -33.60 -4.33 19.12
C TYR B 172 -34.72 -4.77 20.05
N TRP B 173 -35.40 -3.80 20.65
CA TRP B 173 -36.74 -3.98 21.18
C TRP B 173 -37.65 -3.51 20.06
N PRO B 174 -38.73 -4.24 19.77
CA PRO B 174 -38.94 -5.59 20.27
C PRO B 174 -38.14 -6.58 19.41
N ALA B 175 -38.00 -7.82 19.86
CA ALA B 175 -37.41 -8.84 19.00
C ALA B 175 -38.12 -10.14 19.28
N GLU B 176 -38.12 -11.02 18.30
CA GLU B 176 -38.75 -12.30 18.47
C GLU B 176 -37.95 -13.38 17.83
N TYR B 177 -37.87 -14.49 18.54
CA TYR B 177 -37.22 -15.69 18.07
C TYR B 177 -38.24 -16.80 18.20
N LEU B 178 -38.54 -17.48 17.11
CA LEU B 178 -39.56 -18.52 17.17
C LEU B 178 -38.89 -19.89 17.13
N ILE B 179 -39.15 -20.69 18.16
CA ILE B 179 -38.51 -21.98 18.32
C ILE B 179 -39.51 -23.10 18.03
N ASP B 180 -39.10 -24.14 17.29
CA ASP B 180 -40.03 -25.23 17.05
C ASP B 180 -39.96 -26.29 18.16
N ALA B 181 -40.74 -27.37 18.04
CA ALA B 181 -40.84 -28.33 19.14
C ALA B 181 -39.58 -29.18 19.30
N THR B 182 -38.67 -29.13 18.32
CA THR B 182 -37.42 -29.86 18.43
C THR B 182 -36.31 -28.98 19.01
N GLY B 183 -36.65 -27.74 19.39
CA GLY B 183 -35.70 -26.81 19.98
C GLY B 183 -34.94 -25.92 19.00
N THR B 184 -35.36 -25.90 17.74
CA THR B 184 -34.67 -25.17 16.67
C THR B 184 -35.31 -23.83 16.34
N VAL B 185 -34.52 -22.77 16.36
CA VAL B 185 -35.02 -21.47 15.93
C VAL B 185 -35.36 -21.52 14.45
N ARG B 186 -36.58 -21.09 14.11
CA ARG B 186 -37.06 -21.19 12.74
C ARG B 186 -37.48 -19.85 12.17
N HIS B 187 -37.41 -18.81 12.99
CA HIS B 187 -37.90 -17.49 12.60
C HIS B 187 -37.30 -16.48 13.57
N ILE B 188 -36.71 -15.43 13.04
CA ILE B 188 -36.19 -14.35 13.88
C ILE B 188 -36.70 -13.04 13.32
N LYS B 189 -37.28 -12.23 14.18
CA LYS B 189 -37.87 -10.98 13.73
C LYS B 189 -37.48 -9.82 14.62
N PHE B 190 -36.73 -8.89 14.05
CA PHE B 190 -36.30 -7.68 14.71
C PHE B 190 -37.26 -6.52 14.42
N GLY B 191 -37.60 -5.75 15.44
CA GLY B 191 -38.44 -4.59 15.24
C GLY B 191 -39.93 -4.87 15.24
N GLU B 192 -40.69 -3.79 15.29
CA GLU B 192 -42.14 -3.84 15.45
C GLU B 192 -42.87 -4.02 14.12
N GLY B 193 -43.82 -4.94 14.08
CA GLY B 193 -44.70 -5.11 12.94
C GLY B 193 -44.67 -6.48 12.31
N ASP B 194 -45.40 -6.63 11.20
CA ASP B 194 -45.54 -7.90 10.49
C ASP B 194 -45.99 -9.04 11.39
N TYR B 195 -47.01 -8.79 12.19
CA TYR B 195 -47.53 -9.79 13.11
C TYR B 195 -48.06 -11.02 12.40
N ASN B 196 -48.75 -10.83 11.29
CA ASN B 196 -49.35 -11.96 10.57
C ASN B 196 -48.31 -12.91 10.01
N VAL B 197 -47.20 -12.36 9.54
CA VAL B 197 -46.10 -13.19 9.06
C VAL B 197 -45.67 -14.18 10.14
N THR B 198 -45.43 -13.66 11.33
CA THR B 198 -44.97 -14.50 12.42
C THR B 198 -46.04 -15.52 12.83
N GLU B 199 -47.27 -15.03 13.03
CA GLU B 199 -48.35 -15.86 13.53
C GLU B 199 -48.62 -17.02 12.58
N THR B 200 -48.56 -16.72 11.29
CA THR B 200 -48.66 -17.76 10.28
C THR B 200 -47.64 -18.88 10.51
N LEU B 201 -46.41 -18.52 10.86
CA LEU B 201 -45.39 -19.52 11.13
C LEU B 201 -45.64 -20.24 12.47
N VAL B 202 -46.15 -19.50 13.45
CA VAL B 202 -46.49 -20.12 14.73
C VAL B 202 -47.51 -21.24 14.50
N ARG B 203 -48.52 -20.94 13.69
CA ARG B 203 -49.57 -21.91 13.37
C ARG B 203 -49.01 -23.15 12.66
N GLN B 204 -48.11 -22.93 11.72
CA GLN B 204 -47.43 -24.04 11.04
C GLN B 204 -46.62 -24.89 12.01
N LEU B 205 -45.82 -24.24 12.85
CA LEU B 205 -44.99 -24.97 13.79
C LEU B 205 -45.87 -25.74 14.79
N LEU B 206 -47.01 -25.16 15.18
CA LEU B 206 -47.93 -25.89 16.06
C LEU B 206 -48.40 -27.15 15.35
N ASN B 207 -48.63 -27.05 14.04
CA ASN B 207 -49.09 -28.22 13.30
C ASN B 207 -47.97 -29.25 13.16
N ASP B 208 -46.74 -28.80 12.95
CA ASP B 208 -45.61 -29.74 12.89
C ASP B 208 -45.41 -30.40 14.25
N ALA B 209 -45.68 -29.68 15.34
CA ALA B 209 -45.46 -30.27 16.66
C ALA B 209 -46.55 -31.28 17.00
N LYS B 210 -47.71 -31.12 16.37
CA LYS B 210 -48.90 -31.91 16.70
C LYS B 210 -49.81 -31.98 15.47
N PRO B 211 -49.46 -32.85 14.51
CA PRO B 211 -50.16 -32.86 13.23
C PRO B 211 -51.66 -33.12 13.36
N GLY B 212 -52.44 -32.37 12.61
CA GLY B 212 -53.88 -32.43 12.75
C GLY B 212 -54.44 -31.52 13.85
N VAL B 213 -53.58 -30.87 14.63
CA VAL B 213 -54.05 -29.97 15.67
C VAL B 213 -55.04 -28.96 15.10
N LYS B 214 -56.10 -28.68 15.85
CA LYS B 214 -57.11 -27.75 15.37
C LYS B 214 -56.96 -26.42 16.10
N LEU B 215 -56.99 -25.34 15.34
CA LEU B 215 -56.67 -24.01 15.85
C LEU B 215 -57.79 -23.04 15.57
N PRO B 216 -57.96 -22.06 16.45
CA PRO B 216 -58.89 -20.97 16.17
C PRO B 216 -58.42 -20.11 15.01
N GLN B 217 -59.32 -19.27 14.50
CA GLN B 217 -58.95 -18.23 13.54
C GLN B 217 -57.79 -17.41 14.09
N PRO B 218 -56.91 -16.91 13.21
CA PRO B 218 -55.75 -16.12 13.61
C PRO B 218 -56.11 -15.02 14.58
N SER B 219 -55.30 -14.85 15.62
CA SER B 219 -55.53 -13.83 16.65
C SER B 219 -55.55 -12.44 16.02
N SER B 220 -54.89 -12.30 14.87
CA SER B 220 -54.90 -11.05 14.14
C SER B 220 -56.29 -10.64 13.69
N THR B 221 -57.21 -11.60 13.60
CA THR B 221 -58.57 -11.29 13.20
C THR B 221 -59.23 -10.27 14.13
N THR B 222 -58.86 -10.30 15.41
CA THR B 222 -59.47 -9.41 16.40
C THR B 222 -58.45 -8.59 17.19
N THR B 223 -57.21 -8.58 16.72
CA THR B 223 -56.18 -7.72 17.31
C THR B 223 -55.61 -6.81 16.22
N PRO B 224 -55.95 -5.52 16.29
CA PRO B 224 -55.62 -4.62 15.18
C PRO B 224 -54.12 -4.36 15.12
N ASP B 225 -53.60 -4.12 13.92
CA ASP B 225 -52.20 -3.78 13.73
C ASP B 225 -52.08 -2.27 13.82
N LEU B 226 -51.62 -1.78 14.96
CA LEU B 226 -51.51 -0.34 15.19
C LEU B 226 -50.08 0.17 14.99
N THR B 227 -49.29 -0.52 14.15
CA THR B 227 -47.91 -0.15 13.89
C THR B 227 -47.84 1.15 13.13
N PRO B 228 -47.11 2.13 13.66
CA PRO B 228 -46.98 3.42 12.97
C PRO B 228 -46.22 3.26 11.67
N ARG B 229 -46.41 4.20 10.75
CA ARG B 229 -45.43 4.41 9.68
C ARG B 229 -44.03 4.49 10.29
N ALA B 230 -43.09 3.74 9.71
CA ALA B 230 -41.71 3.72 10.21
C ALA B 230 -40.90 4.97 9.84
N ALA B 231 -41.49 6.15 10.05
CA ALA B 231 -40.77 7.40 9.81
C ALA B 231 -41.16 8.41 10.88
N LEU B 232 -41.15 7.97 12.12
CA LEU B 232 -41.39 8.87 13.22
C LEU B 232 -40.06 9.45 13.63
N THR B 233 -40.08 10.50 14.44
CA THR B 233 -38.88 11.00 15.07
C THR B 233 -38.16 9.85 15.76
N PRO B 234 -36.83 9.73 15.56
CA PRO B 234 -36.08 8.66 16.23
C PRO B 234 -36.18 8.78 17.75
N GLU B 235 -36.16 7.66 18.45
CA GLU B 235 -36.25 7.67 19.90
C GLU B 235 -35.27 8.72 20.45
N THR B 236 -35.81 9.60 21.28
CA THR B 236 -35.11 10.77 21.75
C THR B 236 -34.57 10.58 23.15
N TYR B 237 -33.33 10.12 23.25
CA TYR B 237 -32.67 9.91 24.55
C TYR B 237 -32.22 11.21 25.19
N PHE B 238 -32.25 11.26 26.52
CA PHE B 238 -31.72 12.39 27.28
C PHE B 238 -30.44 12.02 28.02
N GLY B 239 -30.25 10.72 28.26
CA GLY B 239 -29.04 10.23 28.87
C GLY B 239 -27.82 10.64 28.07
N VAL B 240 -26.76 11.04 28.76
CA VAL B 240 -25.59 11.64 28.11
C VAL B 240 -24.97 10.71 27.06
N GLY B 241 -24.93 9.42 27.36
CA GLY B 241 -24.31 8.45 26.46
C GLY B 241 -25.09 8.15 25.18
N LYS B 242 -26.41 8.34 25.21
CA LYS B 242 -27.25 7.90 24.10
C LYS B 242 -27.88 9.04 23.29
N VAL B 243 -27.65 10.30 23.69
CA VAL B 243 -28.29 11.43 23.00
C VAL B 243 -27.81 11.52 21.56
N VAL B 244 -28.73 11.85 20.65
CA VAL B 244 -28.42 11.93 19.23
C VAL B 244 -29.08 13.13 18.58
N ASN B 245 -30.09 13.70 19.24
CA ASN B 245 -30.81 14.81 18.64
C ASN B 245 -31.04 16.01 19.57
N TYR B 246 -30.08 16.28 20.43
CA TYR B 246 -30.05 17.55 21.14
C TYR B 246 -29.64 18.64 20.15
N GLY B 247 -30.57 19.54 19.83
CA GLY B 247 -30.30 20.60 18.89
C GLY B 247 -30.14 21.94 19.57
N GLY B 248 -29.60 21.92 20.78
CA GLY B 248 -29.48 23.13 21.57
C GLY B 248 -28.14 23.82 21.36
N GLY B 249 -27.14 23.04 21.00
CA GLY B 249 -25.79 23.56 20.90
C GLY B 249 -25.17 23.65 22.27
N GLY B 250 -23.87 23.89 22.32
CA GLY B 250 -23.18 23.93 23.59
C GLY B 250 -23.10 22.56 24.22
N ALA B 251 -22.58 22.51 25.43
CA ALA B 251 -22.33 21.26 26.12
C ALA B 251 -23.59 20.46 26.39
N TYR B 252 -23.46 19.14 26.32
CA TYR B 252 -24.47 18.22 26.82
C TYR B 252 -23.73 17.08 27.48
N ASP B 253 -23.03 17.39 28.56
CA ASP B 253 -22.28 16.37 29.28
C ASP B 253 -22.78 16.24 30.71
N GLU B 254 -22.24 15.28 31.43
CA GLU B 254 -22.64 15.00 32.80
C GLU B 254 -22.58 16.26 33.66
N GLY B 255 -23.46 16.33 34.65
CA GLY B 255 -23.44 17.43 35.60
C GLY B 255 -24.64 18.34 35.47
N SER B 256 -24.72 19.33 36.36
CA SER B 256 -25.76 20.33 36.30
C SER B 256 -25.27 21.58 35.60
N ALA B 257 -26.21 22.33 35.02
CA ALA B 257 -25.90 23.53 34.25
C ALA B 257 -27.19 24.25 33.87
N VAL B 258 -27.07 25.50 33.48
CA VAL B 258 -28.23 26.27 33.04
C VAL B 258 -28.35 26.19 31.52
N PHE B 259 -29.58 26.13 31.02
CA PHE B 259 -29.82 26.00 29.59
C PHE B 259 -30.80 27.03 29.05
N ASP B 260 -30.74 27.26 27.75
CA ASP B 260 -31.77 28.04 27.07
C ASP B 260 -32.00 27.50 25.65
N TYR B 261 -33.21 27.70 25.15
CA TYR B 261 -33.53 27.33 23.79
C TYR B 261 -32.64 28.08 22.81
N PRO B 262 -31.97 27.34 21.90
CA PRO B 262 -31.16 27.94 20.84
C PRO B 262 -32.00 28.84 19.94
N PRO B 263 -31.35 29.76 19.21
CA PRO B 263 -32.02 30.70 18.29
C PRO B 263 -33.04 30.02 17.39
N SER B 264 -32.69 28.86 16.84
CA SER B 264 -33.64 28.05 16.07
C SER B 264 -33.39 26.57 16.35
N LEU B 265 -34.47 25.83 16.55
CA LEU B 265 -34.38 24.41 16.88
C LEU B 265 -34.57 23.56 15.63
N ALA B 266 -33.61 22.67 15.36
CA ALA B 266 -33.71 21.76 14.20
C ALA B 266 -34.93 20.86 14.32
N ALA B 267 -35.40 20.31 13.20
CA ALA B 267 -36.51 19.36 13.22
C ALA B 267 -36.09 18.09 13.91
N ASN B 268 -37.07 17.36 14.44
CA ASN B 268 -36.82 16.08 15.08
C ASN B 268 -35.72 16.20 16.11
N SER B 269 -35.79 17.27 16.92
CA SER B 269 -34.78 17.55 17.96
C SER B 269 -35.38 18.20 19.21
N PHE B 270 -34.62 18.23 20.30
CA PHE B 270 -35.10 18.90 21.49
C PHE B 270 -34.14 19.98 21.97
N ALA B 271 -34.65 20.84 22.85
CA ALA B 271 -33.88 21.91 23.47
C ALA B 271 -34.23 22.02 24.95
N LEU B 272 -33.29 22.50 25.75
CA LEU B 272 -33.49 22.61 27.19
C LEU B 272 -33.54 24.07 27.64
N ARG B 273 -34.14 24.30 28.81
CA ARG B 273 -34.21 25.63 29.41
C ARG B 273 -34.21 25.47 30.93
N GLY B 274 -33.76 26.49 31.65
CA GLY B 274 -33.63 26.40 33.09
C GLY B 274 -32.48 25.48 33.47
N ARG B 275 -32.54 24.93 34.67
CA ARG B 275 -31.45 24.08 35.17
C ARG B 275 -31.79 22.60 35.07
N TRP B 276 -30.78 21.81 34.69
CA TRP B 276 -30.95 20.36 34.54
C TRP B 276 -29.71 19.65 35.05
N ALA B 277 -29.91 18.51 35.70
CA ALA B 277 -28.80 17.60 36.00
C ALA B 277 -28.81 16.48 34.95
N LEU B 278 -27.69 16.33 34.25
CA LEU B 278 -27.64 15.39 33.13
C LEU B 278 -26.75 14.20 33.43
N ASP B 279 -27.37 13.06 33.70
CA ASP B 279 -26.62 11.82 33.91
C ASP B 279 -26.78 10.91 32.68
N TYR B 280 -26.28 9.69 32.78
CA TYR B 280 -26.38 8.76 31.66
C TYR B 280 -27.78 8.17 31.54
N GLN B 281 -28.57 8.26 32.60
CA GLN B 281 -29.94 7.77 32.54
C GLN B 281 -30.84 8.80 31.88
N GLY B 282 -30.62 10.07 32.19
CA GLY B 282 -31.49 11.10 31.66
C GLY B 282 -31.31 12.49 32.24
N ALA B 283 -32.23 13.38 31.89
CA ALA B 283 -32.13 14.78 32.25
C ALA B 283 -33.06 15.12 33.41
N THR B 284 -32.52 15.19 34.62
CA THR B 284 -33.32 15.54 35.79
C THR B 284 -33.63 17.03 35.82
N SER B 285 -34.89 17.36 36.07
CA SER B 285 -35.33 18.75 36.16
C SER B 285 -34.97 19.34 37.52
N ASP B 286 -34.18 20.41 37.50
CA ASP B 286 -33.74 21.04 38.73
C ASP B 286 -34.65 22.22 39.06
N GLY B 287 -34.30 23.39 38.54
CA GLY B 287 -35.04 24.61 38.81
C GLY B 287 -36.54 24.54 38.56
N ASN B 288 -37.27 25.51 39.11
CA ASN B 288 -38.71 25.65 38.90
C ASN B 288 -39.03 26.02 37.45
N ASP B 289 -38.03 26.51 36.74
CA ASP B 289 -38.20 27.08 35.41
C ASP B 289 -37.65 26.18 34.30
N ALA B 290 -37.48 24.90 34.61
CA ALA B 290 -36.93 23.97 33.63
C ALA B 290 -37.98 23.64 32.56
N ALA B 291 -37.54 23.58 31.31
CA ALA B 291 -38.46 23.24 30.22
C ALA B 291 -37.74 22.52 29.08
N ILE B 292 -38.50 21.78 28.29
CA ILE B 292 -37.97 21.10 27.12
C ILE B 292 -38.79 21.48 25.91
N LYS B 293 -38.13 21.97 24.86
CA LYS B 293 -38.80 22.23 23.59
C LYS B 293 -38.50 21.06 22.68
N LEU B 294 -39.49 20.64 21.88
CA LEU B 294 -39.29 19.49 20.99
C LEU B 294 -39.97 19.70 19.66
N ASN B 295 -39.19 19.61 18.59
CA ASN B 295 -39.76 19.50 17.26
C ASN B 295 -39.82 18.01 16.93
N TYR B 296 -41.01 17.49 16.77
CA TYR B 296 -41.15 16.06 16.53
C TYR B 296 -41.86 15.86 15.22
N HIS B 297 -41.85 14.62 14.75
CA HIS B 297 -42.58 14.21 13.57
C HIS B 297 -43.23 12.89 13.93
N ALA B 298 -44.53 12.96 14.25
CA ALA B 298 -45.28 11.82 14.76
C ALA B 298 -46.77 12.15 14.85
N LYS B 299 -47.54 11.17 15.32
CA LYS B 299 -48.94 11.37 15.64
C LYS B 299 -49.10 11.40 17.16
N ASP B 300 -48.36 10.53 17.83
CA ASP B 300 -48.42 10.49 19.27
C ASP B 300 -47.03 10.70 19.83
N VAL B 301 -46.94 11.40 20.96
CA VAL B 301 -45.68 11.57 21.67
C VAL B 301 -45.87 11.12 23.12
N TYR B 302 -44.88 10.40 23.62
CA TYR B 302 -44.89 9.89 24.99
C TYR B 302 -43.58 10.32 25.65
N ILE B 303 -43.61 10.54 26.95
CA ILE B 303 -42.39 10.82 27.67
C ILE B 303 -42.13 9.68 28.64
N VAL B 304 -40.87 9.30 28.78
CA VAL B 304 -40.48 8.32 29.78
C VAL B 304 -39.85 9.08 30.94
N VAL B 305 -40.63 9.28 32.00
CA VAL B 305 -40.19 10.11 33.12
C VAL B 305 -40.30 9.41 34.48
N GLY B 306 -39.29 9.58 35.33
CA GLY B 306 -39.33 9.08 36.70
C GLY B 306 -39.45 10.19 37.72
N GLY B 307 -39.58 9.82 38.99
CA GLY B 307 -39.66 10.78 40.08
C GLY B 307 -41.10 11.12 40.48
N THR B 308 -41.23 11.98 41.49
CA THR B 308 -42.54 12.41 41.94
C THR B 308 -42.71 13.90 41.76
N GLY B 309 -43.87 14.31 41.24
CA GLY B 309 -44.13 15.72 41.08
C GLY B 309 -45.13 15.95 39.98
N THR B 310 -44.99 17.07 39.30
CA THR B 310 -45.97 17.49 38.31
C THR B 310 -45.30 17.71 36.97
N LEU B 311 -45.95 17.23 35.92
CA LEU B 311 -45.52 17.48 34.55
C LEU B 311 -46.54 18.35 33.85
N THR B 312 -46.09 19.49 33.32
CA THR B 312 -47.02 20.40 32.65
C THR B 312 -46.64 20.56 31.18
N VAL B 313 -47.60 20.33 30.29
CA VAL B 313 -47.33 20.29 28.86
C VAL B 313 -48.05 21.41 28.11
N VAL B 314 -47.41 21.94 27.08
CA VAL B 314 -47.90 23.12 26.34
C VAL B 314 -48.30 22.84 24.90
N ALA B 320 -52.11 22.21 30.20
CA ALA B 320 -52.44 20.85 30.63
C ALA B 320 -51.48 20.32 31.69
N THR B 321 -52.03 19.71 32.74
CA THR B 321 -51.21 19.16 33.82
C THR B 321 -51.37 17.64 33.95
N LEU B 322 -50.26 16.97 34.23
CA LEU B 322 -50.23 15.53 34.45
C LEU B 322 -49.36 15.20 35.64
N PRO B 323 -49.97 14.65 36.71
CA PRO B 323 -49.21 14.30 37.92
C PRO B 323 -48.32 13.09 37.69
N ILE B 324 -47.07 13.15 38.14
CA ILE B 324 -46.11 12.09 37.89
C ILE B 324 -45.64 11.41 39.17
N SER B 325 -45.97 10.13 39.30
CA SER B 325 -45.65 9.41 40.52
C SER B 325 -45.49 7.92 40.22
N GLY B 326 -44.85 7.23 41.15
CA GLY B 326 -44.73 5.79 41.06
C GLY B 326 -43.64 5.33 40.11
N PRO B 327 -43.77 4.11 39.60
CA PRO B 327 -42.78 3.52 38.69
C PRO B 327 -42.53 4.42 37.47
N PRO B 328 -41.25 4.70 37.17
CA PRO B 328 -40.94 5.46 35.97
C PRO B 328 -41.48 4.74 34.75
N THR B 329 -42.25 5.44 33.92
CA THR B 329 -42.86 4.79 32.77
C THR B 329 -43.20 5.81 31.69
N THR B 330 -43.81 5.34 30.60
CA THR B 330 -44.31 6.27 29.59
C THR B 330 -45.53 7.01 30.09
N HIS B 331 -45.63 8.27 29.70
CA HIS B 331 -46.86 9.02 29.86
C HIS B 331 -47.13 9.65 28.52
N GLN B 332 -48.36 9.54 28.04
CA GLN B 332 -48.70 10.16 26.78
C GLN B 332 -48.84 11.67 26.96
N VAL B 333 -48.12 12.45 26.15
CA VAL B 333 -48.19 13.90 26.25
C VAL B 333 -48.75 14.51 24.97
N VAL B 334 -48.83 13.69 23.91
CA VAL B 334 -49.52 14.07 22.69
C VAL B 334 -50.30 12.90 22.10
N ALA B 335 -51.57 13.15 21.80
CA ALA B 335 -52.43 12.21 21.08
C ALA B 335 -53.01 12.94 19.90
N GLY B 336 -52.34 12.83 18.75
CA GLY B 336 -52.67 13.65 17.60
C GLY B 336 -53.65 13.05 16.63
N TYR B 337 -54.19 13.90 15.75
CA TYR B 337 -55.17 13.47 14.77
C TYR B 337 -54.48 12.62 13.72
N ARG B 338 -53.22 12.94 13.48
CA ARG B 338 -52.43 12.26 12.45
C ARG B 338 -50.95 12.57 12.57
N LEU B 339 -50.15 11.86 11.78
CA LEU B 339 -48.70 12.03 11.75
C LEU B 339 -48.32 13.42 11.29
N ALA B 340 -47.81 14.22 12.21
CA ALA B 340 -47.59 15.62 11.92
C ALA B 340 -46.20 16.06 12.34
N SER B 341 -45.63 17.02 11.61
CA SER B 341 -44.50 17.76 12.15
C SER B 341 -45.09 18.87 13.00
N GLU B 342 -44.72 18.88 14.28
CA GLU B 342 -45.27 19.83 15.24
C GLU B 342 -44.27 20.13 16.34
N THR B 343 -44.66 20.98 17.29
CA THR B 343 -43.78 21.33 18.40
C THR B 343 -44.53 21.23 19.72
N LEU B 344 -43.80 20.90 20.78
CA LEU B 344 -44.39 20.81 22.11
C LEU B 344 -43.38 21.24 23.13
N GLU B 345 -43.87 21.66 24.29
CA GLU B 345 -43.00 21.99 25.41
C GLU B 345 -43.52 21.29 26.65
N VAL B 346 -42.60 20.79 27.47
CA VAL B 346 -42.98 20.21 28.76
C VAL B 346 -42.20 20.83 29.89
N ARG B 347 -42.92 21.21 30.95
CA ARG B 347 -42.31 21.80 32.12
C ARG B 347 -42.48 20.86 33.31
N PRO B 348 -41.43 20.08 33.61
CA PRO B 348 -41.41 19.16 34.75
C PRO B 348 -40.96 19.82 36.05
N SER B 349 -41.72 19.57 37.12
CA SER B 349 -41.36 20.02 38.46
C SER B 349 -39.95 19.58 38.83
N LYS B 350 -39.36 20.23 39.83
CA LYS B 350 -38.06 19.82 40.35
C LYS B 350 -38.10 18.34 40.73
N GLY B 351 -37.00 17.62 40.44
CA GLY B 351 -36.89 16.23 40.82
C GLY B 351 -37.18 15.21 39.72
N LEU B 352 -38.16 15.53 38.87
CA LEU B 352 -38.57 14.64 37.77
C LEU B 352 -37.42 14.31 36.81
N GLN B 353 -37.14 13.03 36.67
CA GLN B 353 -36.06 12.60 35.77
C GLN B 353 -36.62 12.14 34.43
N VAL B 354 -36.31 12.90 33.39
CA VAL B 354 -36.78 12.58 32.05
C VAL B 354 -35.77 11.68 31.35
N PHE B 355 -36.22 10.51 30.90
CA PHE B 355 -35.33 9.57 30.23
C PHE B 355 -35.40 9.68 28.71
N SER B 356 -36.60 9.91 28.17
CA SER B 356 -36.74 10.00 26.72
C SER B 356 -38.09 10.49 26.25
N PHE B 357 -38.14 10.91 24.99
CA PHE B 357 -39.40 11.00 24.26
C PHE B 357 -39.43 9.86 23.24
N THR B 358 -40.53 9.12 23.21
CA THR B 358 -40.78 8.08 22.21
C THR B 358 -42.06 8.43 21.48
N TYR B 359 -42.37 7.74 20.38
CA TYR B 359 -43.39 8.23 19.47
C TYR B 359 -44.37 7.18 18.94
N GLY B 360 -45.43 7.65 18.30
CA GLY B 360 -46.44 6.77 17.74
C GLY B 360 -47.08 7.42 16.54
N THR C 28 36.11 -1.28 -6.45
CA THR C 28 35.82 -2.70 -6.29
C THR C 28 34.40 -3.00 -5.78
N GLY C 29 33.69 -3.86 -6.49
CA GLY C 29 32.35 -4.27 -6.12
C GLY C 29 31.80 -5.43 -6.93
N THR C 30 30.78 -6.09 -6.40
CA THR C 30 30.08 -7.10 -7.15
C THR C 30 28.77 -6.48 -7.60
N GLU C 31 28.24 -6.91 -8.72
CA GLU C 31 27.13 -6.18 -9.31
C GLU C 31 26.18 -7.07 -10.11
N ILE C 32 24.89 -6.87 -9.93
CA ILE C 32 23.92 -7.46 -10.83
C ILE C 32 23.64 -6.40 -11.86
N ARG C 33 23.65 -6.77 -13.11
CA ARG C 33 23.39 -5.77 -14.13
C ARG C 33 22.04 -5.06 -13.93
N GLU C 34 22.09 -3.74 -14.08
CA GLU C 34 20.96 -2.81 -13.89
C GLU C 34 20.62 -2.57 -12.41
N GLN C 35 21.49 -3.04 -11.53
CA GLN C 35 21.45 -2.64 -10.14
C GLN C 35 21.91 -1.19 -10.01
N LEU C 36 21.35 -0.45 -9.07
CA LEU C 36 21.85 0.89 -8.77
C LEU C 36 23.15 0.78 -8.01
N ASN C 37 24.18 1.45 -8.50
CA ASN C 37 25.43 1.56 -7.76
C ASN C 37 25.35 2.81 -6.89
N LEU C 38 24.63 2.68 -5.79
CA LEU C 38 24.48 3.77 -4.86
C LEU C 38 25.82 4.11 -4.23
N GLY C 39 26.00 5.39 -3.94
CA GLY C 39 27.20 5.86 -3.29
C GLY C 39 26.85 6.24 -1.87
N GLY C 40 27.85 6.53 -1.05
CA GLY C 40 27.61 6.94 0.32
C GLY C 40 27.23 5.75 1.16
N ILE C 41 26.61 6.02 2.30
CA ILE C 41 26.25 4.96 3.23
C ILE C 41 24.75 4.94 3.47
N VAL C 42 24.27 3.86 4.08
CA VAL C 42 22.87 3.74 4.42
C VAL C 42 22.55 4.53 5.69
N ASN C 43 21.49 5.33 5.66
CA ASN C 43 20.94 5.94 6.88
C ASN C 43 19.44 5.65 6.95
N ALA C 44 18.79 6.10 8.02
CA ALA C 44 17.40 5.74 8.24
C ALA C 44 16.50 6.29 7.16
N GLN C 45 16.95 7.34 6.47
CA GLN C 45 16.14 7.95 5.42
C GLN C 45 16.31 7.32 4.02
N ASN C 46 17.47 6.72 3.75
CA ASN C 46 17.72 6.24 2.39
C ASN C 46 17.94 4.73 2.27
N ALA C 47 17.77 4.03 3.39
CA ALA C 47 18.00 2.59 3.48
C ALA C 47 17.32 1.78 2.37
N GLN C 48 16.17 2.24 1.91
CA GLN C 48 15.40 1.46 0.96
C GLN C 48 15.61 1.81 -0.51
N LEU C 49 16.41 2.83 -0.81
CA LEU C 49 16.63 3.22 -2.21
C LEU C 49 17.10 2.04 -3.06
N SER C 50 17.94 1.18 -2.48
CA SER C 50 18.47 0.01 -3.18
C SER C 50 17.41 -1.04 -3.50
N ASN C 51 16.19 -0.87 -2.99
CA ASN C 51 15.05 -1.68 -3.42
C ASN C 51 14.56 -1.26 -4.81
N CYS C 52 15.06 -0.14 -5.33
CA CYS C 52 14.84 0.20 -6.73
C CYS C 52 16.03 -0.29 -7.55
N SER C 53 15.79 -0.59 -8.82
CA SER C 53 16.88 -0.85 -9.74
C SER C 53 17.14 0.40 -10.58
N ASP C 54 18.04 0.27 -11.54
CA ASP C 54 18.54 1.44 -12.26
C ASP C 54 17.76 1.72 -13.55
N GLY C 55 16.80 2.62 -13.45
CA GLY C 55 16.01 3.02 -14.61
C GLY C 55 15.06 1.94 -15.07
N ALA C 56 14.37 1.30 -14.12
CA ALA C 56 13.35 0.29 -14.45
C ALA C 56 12.20 0.86 -15.31
N ALA C 57 11.66 0.02 -16.19
CA ALA C 57 10.57 0.43 -17.06
C ALA C 57 9.21 0.33 -16.33
N GLN C 58 9.17 -0.45 -15.26
CA GLN C 58 7.98 -0.57 -14.40
C GLN C 58 8.20 0.21 -13.11
N LEU C 59 7.09 0.69 -12.54
CA LEU C 59 7.13 1.33 -11.24
C LEU C 59 7.73 0.38 -10.22
N GLU C 60 8.60 0.91 -9.38
CA GLU C 60 9.08 0.14 -8.25
C GLU C 60 8.70 0.91 -7.00
N SER C 61 9.08 0.40 -5.86
CA SER C 61 8.80 1.08 -4.63
C SER C 61 10.00 0.92 -3.77
N CYS C 62 10.53 2.03 -3.31
CA CYS C 62 11.75 1.94 -2.52
C CYS C 62 11.88 3.12 -1.58
N GLY C 63 10.91 3.23 -0.69
CA GLY C 63 11.03 4.12 0.45
C GLY C 63 10.54 5.51 0.18
N THR C 64 10.15 6.17 1.26
CA THR C 64 9.85 7.58 1.28
C THR C 64 11.07 8.35 0.82
N ALA C 65 10.88 9.42 0.08
CA ALA C 65 12.01 10.19 -0.39
C ALA C 65 12.81 10.78 0.77
N PRO C 66 14.12 10.60 0.75
CA PRO C 66 15.01 11.25 1.71
C PRO C 66 14.85 12.76 1.64
N ASP C 67 15.12 13.46 2.75
CA ASP C 67 15.03 14.92 2.77
C ASP C 67 16.03 15.51 1.82
N LEU C 68 15.69 16.68 1.28
CA LEU C 68 16.68 17.53 0.63
C LEU C 68 17.48 18.19 1.76
N LYS C 69 18.68 17.70 2.02
CA LYS C 69 19.48 18.19 3.15
C LYS C 69 20.54 19.20 2.74
N GLY C 70 20.85 20.12 3.64
CA GLY C 70 22.01 20.97 3.50
C GLY C 70 22.05 21.83 2.26
N ILE C 71 20.89 22.07 1.66
CA ILE C 71 20.84 22.94 0.49
C ILE C 71 21.31 24.33 0.86
N THR C 72 22.30 24.86 0.15
CA THR C 72 22.87 26.15 0.53
C THR C 72 22.16 27.33 -0.11
N GLY C 73 21.23 27.06 -1.00
CA GLY C 73 20.43 28.11 -1.58
C GLY C 73 19.45 27.56 -2.61
N TRP C 74 18.42 28.34 -2.91
CA TRP C 74 17.42 27.93 -3.88
C TRP C 74 17.22 28.96 -4.97
N LEU C 75 17.04 28.51 -6.21
CA LEU C 75 16.60 29.38 -7.28
C LEU C 75 15.21 28.93 -7.78
N ASN C 76 14.46 29.88 -8.30
CA ASN C 76 13.16 29.63 -8.94
C ASN C 76 12.06 29.17 -7.98
N THR C 77 12.06 29.75 -6.78
CA THR C 77 10.99 29.51 -5.82
C THR C 77 10.59 30.85 -5.25
N PRO C 78 9.35 30.96 -4.74
CA PRO C 78 8.95 32.23 -4.13
C PRO C 78 9.93 32.70 -3.05
N GLY C 79 10.46 33.90 -3.23
CA GLY C 79 11.43 34.49 -2.34
C GLY C 79 12.71 33.69 -2.20
N ASN C 80 13.02 32.88 -3.21
CA ASN C 80 14.17 31.97 -3.17
C ASN C 80 14.21 31.18 -1.86
N LYS C 81 13.03 30.91 -1.32
CA LYS C 81 12.87 30.19 -0.07
C LYS C 81 12.88 28.70 -0.37
N PRO C 82 13.28 27.88 0.62
CA PRO C 82 13.41 26.43 0.43
C PRO C 82 12.10 25.75 0.07
N ILE C 83 12.19 24.54 -0.47
CA ILE C 83 11.02 23.68 -0.64
C ILE C 83 11.23 22.44 0.23
N ASP C 84 10.21 22.06 0.98
CA ASP C 84 10.23 20.84 1.78
C ASP C 84 9.49 19.81 0.93
N LEU C 85 10.06 18.62 0.73
CA LEU C 85 9.39 17.61 -0.10
C LEU C 85 7.99 17.27 0.44
N LYS C 86 7.86 17.29 1.76
CA LYS C 86 6.57 16.97 2.38
C LYS C 86 5.48 17.94 1.97
N SER C 87 5.86 19.14 1.56
CA SER C 87 4.84 20.08 1.10
C SER C 87 4.41 19.77 -0.34
N LEU C 88 5.06 18.78 -0.97
CA LEU C 88 4.74 18.43 -2.36
C LEU C 88 3.92 17.15 -2.43
N ARG C 89 3.44 16.70 -1.27
CA ARG C 89 2.53 15.57 -1.20
C ARG C 89 1.29 15.86 -2.02
N GLY C 90 0.78 14.87 -2.74
CA GLY C 90 -0.32 15.11 -3.65
C GLY C 90 0.16 15.38 -5.06
N LYS C 91 1.45 15.75 -5.19
CA LYS C 91 2.08 15.97 -6.49
C LYS C 91 3.14 14.92 -6.79
N VAL C 92 3.36 14.62 -8.06
CA VAL C 92 4.49 13.81 -8.47
C VAL C 92 5.70 14.71 -8.45
N VAL C 93 6.83 14.22 -7.94
CA VAL C 93 8.04 15.05 -7.89
C VAL C 93 9.22 14.37 -8.56
N LEU C 94 9.82 15.06 -9.53
CA LEU C 94 11.03 14.56 -10.12
C LEU C 94 12.24 15.31 -9.56
N ILE C 95 13.13 14.55 -8.94
CA ILE C 95 14.41 15.06 -8.46
C ILE C 95 15.45 14.84 -9.56
N ASP C 96 15.98 15.94 -10.08
CA ASP C 96 16.95 15.87 -11.16
C ASP C 96 18.29 16.42 -10.71
N PHE C 97 19.28 15.55 -10.55
CA PHE C 97 20.64 15.97 -10.23
C PHE C 97 21.40 16.46 -11.46
N TRP C 98 22.01 17.62 -11.34
CA TRP C 98 22.74 18.19 -12.47
C TRP C 98 23.84 19.12 -11.99
N ALA C 99 24.74 19.44 -12.92
CA ALA C 99 25.73 20.48 -12.78
C ALA C 99 25.71 21.24 -14.10
N TYR C 100 25.87 22.57 -14.08
CA TYR C 100 25.56 23.30 -15.31
C TYR C 100 26.61 23.19 -16.39
N SER C 101 27.83 22.83 -16.01
CA SER C 101 28.90 22.70 -17.00
C SER C 101 29.01 21.26 -17.46
N CYS C 102 28.08 20.44 -16.99
CA CYS C 102 28.03 19.03 -17.33
CA CYS C 102 28.07 19.04 -17.35
C CYS C 102 27.32 18.83 -18.67
N ILE C 103 28.05 18.41 -19.70
CA ILE C 103 27.45 18.28 -21.02
C ILE C 103 26.37 17.18 -21.05
N ASN C 104 26.56 16.09 -20.31
CA ASN C 104 25.51 15.07 -20.22
C ASN C 104 24.22 15.69 -19.65
N CYS C 105 24.39 16.51 -18.61
CA CYS C 105 23.29 17.24 -18.00
CA CYS C 105 23.26 17.19 -18.01
C CYS C 105 22.66 18.24 -18.96
N GLN C 106 23.50 18.89 -19.76
CA GLN C 106 22.98 19.86 -20.69
C GLN C 106 22.14 19.19 -21.77
N ARG C 107 22.52 17.98 -22.16
CA ARG C 107 21.73 17.25 -23.13
C ARG C 107 20.45 16.71 -22.48
N ALA C 108 20.53 16.44 -21.18
CA ALA C 108 19.39 15.85 -20.46
C ALA C 108 18.31 16.86 -20.14
N ILE C 109 18.71 18.05 -19.70
CA ILE C 109 17.76 19.00 -19.14
C ILE C 109 16.64 19.46 -20.12
N PRO C 110 16.91 19.53 -21.44
CA PRO C 110 15.76 19.87 -22.30
C PRO C 110 14.59 18.90 -22.15
N HIS C 111 14.89 17.65 -21.88
CA HIS C 111 13.84 16.68 -21.65
C HIS C 111 13.12 16.99 -20.34
N VAL C 112 13.88 17.43 -19.34
CA VAL C 112 13.28 17.71 -18.05
C VAL C 112 12.45 18.99 -18.16
N VAL C 113 13.00 20.00 -18.82
CA VAL C 113 12.29 21.22 -19.17
C VAL C 113 11.00 20.86 -19.89
N GLY C 114 11.10 19.99 -20.88
CA GLY C 114 9.94 19.51 -21.63
C GLY C 114 8.85 18.97 -20.73
N TRP C 115 9.23 18.06 -19.84
CA TRP C 115 8.34 17.47 -18.85
C TRP C 115 7.73 18.49 -17.91
N TYR C 116 8.56 19.40 -17.42
CA TYR C 116 8.07 20.48 -16.59
C TYR C 116 7.02 21.30 -17.33
N GLN C 117 7.31 21.72 -18.57
CA GLN C 117 6.35 22.50 -19.34
C GLN C 117 5.05 21.70 -19.58
N ALA C 118 5.20 20.43 -19.93
CA ALA C 118 4.06 19.62 -20.29
C ALA C 118 3.20 19.26 -19.09
N TYR C 119 3.79 19.03 -17.92
CA TYR C 119 3.05 18.37 -16.84
C TYR C 119 2.80 19.15 -15.55
N LYS C 120 3.40 20.34 -15.41
CA LYS C 120 3.34 21.06 -14.16
C LYS C 120 1.93 21.54 -13.83
N ASP C 121 1.04 21.60 -14.82
CA ASP C 121 -0.33 22.02 -14.55
C ASP C 121 -1.16 20.79 -14.29
N SER C 122 -0.53 19.64 -14.42
CA SER C 122 -1.20 18.36 -14.18
C SER C 122 -0.68 17.63 -12.93
N GLY C 123 0.14 18.30 -12.13
CA GLY C 123 0.60 17.72 -10.88
C GLY C 123 2.08 17.36 -10.79
N LEU C 124 2.89 17.77 -11.77
CA LEU C 124 4.31 17.43 -11.71
C LEU C 124 5.14 18.58 -11.17
N ALA C 125 5.91 18.29 -10.13
CA ALA C 125 6.91 19.25 -9.66
C ALA C 125 8.30 18.72 -9.98
N VAL C 126 9.20 19.63 -10.37
CA VAL C 126 10.58 19.26 -10.64
C VAL C 126 11.54 20.05 -9.75
N ILE C 127 12.56 19.38 -9.22
CA ILE C 127 13.57 20.08 -8.45
C ILE C 127 14.92 19.71 -9.03
N GLY C 128 15.58 20.69 -9.65
CA GLY C 128 16.90 20.46 -10.18
C GLY C 128 17.86 20.60 -9.01
N VAL C 129 18.33 19.48 -8.47
CA VAL C 129 19.31 19.57 -7.41
C VAL C 129 20.67 19.78 -8.05
N HIS C 130 21.18 20.98 -7.91
CA HIS C 130 22.40 21.33 -8.59
C HIS C 130 23.57 21.02 -7.68
N THR C 131 24.17 19.85 -7.86
CA THR C 131 25.35 19.51 -7.08
C THR C 131 26.59 19.85 -7.90
N PRO C 132 27.41 20.79 -7.40
CA PRO C 132 28.55 21.27 -8.18
C PRO C 132 29.66 20.25 -8.35
N GLU C 133 30.04 20.02 -9.59
CA GLU C 133 31.19 19.20 -9.94
C GLU C 133 32.49 19.95 -9.62
N TYR C 134 32.50 21.24 -9.91
CA TYR C 134 33.68 22.08 -9.70
C TYR C 134 33.38 23.24 -8.76
N ALA C 135 34.42 23.82 -8.18
CA ALA C 135 34.24 24.90 -7.22
C ALA C 135 33.49 26.08 -7.84
N PHE C 136 33.76 26.39 -9.11
CA PHE C 136 33.11 27.53 -9.74
C PHE C 136 31.59 27.32 -9.92
N GLU C 137 31.13 26.08 -9.83
CA GLU C 137 29.70 25.82 -9.94
C GLU C 137 28.99 26.06 -8.62
N LYS C 138 29.75 26.38 -7.58
CA LYS C 138 29.15 26.76 -6.30
C LYS C 138 28.60 28.19 -6.35
N VAL C 139 29.00 28.96 -7.36
CA VAL C 139 28.63 30.38 -7.45
C VAL C 139 27.21 30.52 -7.97
N PRO C 140 26.33 31.12 -7.16
CA PRO C 140 24.89 31.17 -7.47
C PRO C 140 24.57 31.80 -8.80
N GLY C 141 25.18 32.96 -9.07
CA GLY C 141 24.99 33.64 -10.34
C GLY C 141 25.40 32.81 -11.54
N ASN C 142 26.48 32.03 -11.42
CA ASN C 142 26.89 31.12 -12.49
C ASN C 142 25.84 30.02 -12.73
N VAL C 143 25.33 29.42 -11.67
CA VAL C 143 24.27 28.44 -11.83
C VAL C 143 23.03 29.06 -12.49
N ALA C 144 22.70 30.27 -12.08
CA ALA C 144 21.53 30.96 -12.59
C ALA C 144 21.65 31.20 -14.10
N LYS C 145 22.85 31.59 -14.52
CA LYS C 145 23.09 31.86 -15.92
C LYS C 145 23.08 30.56 -16.70
N GLY C 146 23.61 29.50 -16.10
CA GLY C 146 23.51 28.19 -16.70
C GLY C 146 22.05 27.75 -16.81
N ALA C 147 21.27 27.97 -15.77
CA ALA C 147 19.86 27.56 -15.79
C ALA C 147 19.08 28.31 -16.87
N ALA C 148 19.32 29.61 -16.98
CA ALA C 148 18.62 30.45 -17.95
C ALA C 148 18.96 29.96 -19.36
N ASN C 149 20.22 29.61 -19.56
CA ASN C 149 20.67 29.08 -20.83
C ASN C 149 19.97 27.78 -21.21
N LEU C 150 19.66 26.96 -20.22
CA LEU C 150 19.02 25.67 -20.47
C LEU C 150 17.50 25.81 -20.43
N GLY C 151 17.04 27.02 -20.15
CA GLY C 151 15.61 27.31 -20.11
C GLY C 151 14.92 26.72 -18.91
N ILE C 152 15.68 26.54 -17.82
CA ILE C 152 15.14 26.01 -16.58
C ILE C 152 14.34 27.05 -15.83
N SER C 153 13.08 26.73 -15.53
CA SER C 153 12.26 27.66 -14.76
C SER C 153 11.72 26.96 -13.53
N TYR C 154 12.04 25.67 -13.39
CA TYR C 154 11.63 24.93 -12.22
C TYR C 154 12.63 25.14 -11.07
N PRO C 155 12.17 24.92 -9.82
CA PRO C 155 13.03 25.10 -8.64
C PRO C 155 14.39 24.42 -8.74
N ILE C 156 15.39 25.12 -8.24
CA ILE C 156 16.76 24.63 -8.22
C ILE C 156 17.24 24.68 -6.78
N ALA C 157 17.76 23.57 -6.29
CA ALA C 157 18.34 23.55 -4.97
C ALA C 157 19.86 23.40 -5.14
N LEU C 158 20.61 24.40 -4.64
CA LEU C 158 22.06 24.42 -4.72
C LEU C 158 22.65 23.54 -3.64
N ASP C 159 23.24 22.44 -4.06
CA ASP C 159 23.67 21.39 -3.14
C ASP C 159 25.19 21.44 -2.96
N ASN C 160 25.70 22.60 -2.52
CA ASN C 160 27.13 22.87 -2.59
C ASN C 160 27.98 22.02 -1.66
N ASN C 161 27.37 21.39 -0.67
CA ASN C 161 28.12 20.55 0.26
C ASN C 161 27.84 19.07 0.05
N TYR C 162 27.23 18.75 -1.08
CA TYR C 162 26.86 17.38 -1.43
C TYR C 162 25.95 16.71 -0.40
N ALA C 163 25.26 17.52 0.40
CA ALA C 163 24.45 16.99 1.48
C ALA C 163 23.23 16.23 0.95
N THR C 164 22.66 16.74 -0.14
CA THR C 164 21.50 16.09 -0.73
C THR C 164 21.97 14.93 -1.59
N TRP C 165 23.02 15.17 -2.37
CA TRP C 165 23.68 14.14 -3.12
C TRP C 165 23.99 12.93 -2.22
N THR C 166 24.60 13.18 -1.07
CA THR C 166 24.95 12.11 -0.15
C THR C 166 23.74 11.42 0.45
N ASN C 167 22.74 12.21 0.82
CA ASN C 167 21.52 11.66 1.42
C ASN C 167 20.74 10.82 0.41
N TYR C 168 20.89 11.16 -0.87
CA TYR C 168 20.18 10.42 -1.91
C TYR C 168 21.01 9.24 -2.38
N ARG C 169 22.21 9.14 -1.84
CA ARG C 169 23.15 8.10 -2.23
C ARG C 169 23.45 8.13 -3.73
N ASN C 170 23.40 9.31 -4.32
CA ASN C 170 23.69 9.45 -5.75
C ASN C 170 25.17 9.21 -6.04
N ARG C 171 25.47 8.80 -7.27
CA ARG C 171 26.85 8.55 -7.66
C ARG C 171 27.21 9.28 -8.94
N TYR C 172 26.21 9.70 -9.71
CA TYR C 172 26.50 10.34 -11.00
C TYR C 172 25.64 11.55 -11.34
N TRP C 173 26.15 12.32 -12.29
CA TRP C 173 25.38 13.26 -13.09
C TRP C 173 25.22 12.62 -14.47
N PRO C 174 24.02 12.71 -15.05
CA PRO C 174 22.84 13.14 -14.34
C PRO C 174 22.27 11.98 -13.55
N ALA C 175 21.24 12.27 -12.77
CA ALA C 175 20.56 11.24 -12.01
C ALA C 175 19.18 11.78 -11.72
N GLU C 176 18.19 10.90 -11.75
CA GLU C 176 16.84 11.30 -11.46
C GLU C 176 16.19 10.37 -10.45
N TYR C 177 15.41 10.96 -9.55
CA TYR C 177 14.66 10.19 -8.56
C TYR C 177 13.21 10.62 -8.68
N LEU C 178 12.36 9.69 -9.07
CA LEU C 178 10.97 10.00 -9.30
C LEU C 178 10.11 9.57 -8.12
N ILE C 179 9.41 10.55 -7.56
CA ILE C 179 8.61 10.40 -6.34
C ILE C 179 7.10 10.51 -6.62
N ASP C 180 6.29 9.59 -6.10
CA ASP C 180 4.86 9.65 -6.38
C ASP C 180 4.18 10.62 -5.42
N ALA C 181 2.86 10.73 -5.53
CA ALA C 181 2.10 11.72 -4.75
C ALA C 181 2.11 11.45 -3.24
N THR C 182 2.48 10.24 -2.84
CA THR C 182 2.52 9.90 -1.42
C THR C 182 3.90 10.11 -0.82
N GLY C 183 4.87 10.48 -1.66
CA GLY C 183 6.21 10.76 -1.19
C GLY C 183 7.15 9.58 -1.35
N THR C 184 6.68 8.52 -1.98
CA THR C 184 7.48 7.32 -2.18
C THR C 184 8.27 7.38 -3.50
N VAL C 185 9.55 7.05 -3.45
CA VAL C 185 10.37 6.91 -4.66
C VAL C 185 9.92 5.67 -5.44
N ARG C 186 9.72 5.84 -6.75
CA ARG C 186 9.14 4.77 -7.56
C ARG C 186 10.05 4.39 -8.74
N HIS C 187 11.07 5.21 -8.95
CA HIS C 187 11.92 5.10 -10.11
C HIS C 187 13.20 5.86 -9.80
N ILE C 188 14.34 5.24 -10.02
CA ILE C 188 15.62 5.95 -9.90
C ILE C 188 16.42 5.65 -11.16
N LYS C 189 16.92 6.70 -11.80
CA LYS C 189 17.69 6.49 -13.02
C LYS C 189 19.01 7.22 -12.94
N PHE C 190 20.08 6.43 -13.00
CA PHE C 190 21.44 6.95 -13.03
C PHE C 190 21.91 7.09 -14.48
N GLY C 191 22.50 8.23 -14.81
CA GLY C 191 23.07 8.43 -16.12
C GLY C 191 22.12 8.97 -17.16
N GLU C 192 22.71 9.36 -18.28
CA GLU C 192 22.01 10.02 -19.36
C GLU C 192 21.34 8.97 -20.26
N GLY C 193 20.09 9.20 -20.64
CA GLY C 193 19.42 8.34 -21.60
C GLY C 193 18.07 7.82 -21.13
N ASP C 194 17.39 7.09 -22.01
CA ASP C 194 16.14 6.39 -21.71
C ASP C 194 15.06 7.31 -21.15
N TYR C 195 14.81 8.41 -21.87
CA TYR C 195 13.88 9.42 -21.40
C TYR C 195 12.44 8.88 -21.38
N ASN C 196 12.11 8.14 -22.43
CA ASN C 196 10.78 7.61 -22.62
C ASN C 196 10.36 6.65 -21.53
N VAL C 197 11.30 5.83 -21.06
CA VAL C 197 11.05 5.02 -19.90
C VAL C 197 10.62 5.87 -18.68
N THR C 198 11.36 6.94 -18.39
CA THR C 198 11.03 7.79 -17.26
C THR C 198 9.73 8.57 -17.51
N GLU C 199 9.60 9.17 -18.69
CA GLU C 199 8.42 9.99 -18.98
C GLU C 199 7.17 9.14 -18.88
N THR C 200 7.22 7.92 -19.39
CA THR C 200 6.09 7.00 -19.27
C THR C 200 5.64 6.82 -17.81
N LEU C 201 6.61 6.68 -16.91
CA LEU C 201 6.31 6.52 -15.48
C LEU C 201 5.81 7.84 -14.86
N VAL C 202 6.39 8.96 -15.27
CA VAL C 202 5.86 10.24 -14.86
C VAL C 202 4.35 10.34 -15.18
N ARG C 203 3.98 9.94 -16.40
CA ARG C 203 2.59 10.02 -16.82
C ARG C 203 1.72 9.06 -16.01
N GLN C 204 2.20 7.85 -15.78
CA GLN C 204 1.43 6.90 -14.98
C GLN C 204 1.22 7.46 -13.56
N LEU C 205 2.28 8.02 -12.97
CA LEU C 205 2.19 8.54 -11.62
C LEU C 205 1.28 9.77 -11.55
N LEU C 206 1.26 10.59 -12.60
CA LEU C 206 0.35 11.71 -12.62
C LEU C 206 -1.08 11.22 -12.58
N ASN C 207 -1.36 10.14 -13.31
CA ASN C 207 -2.69 9.55 -13.32
C ASN C 207 -2.96 8.78 -12.02
N ASP C 208 -1.93 8.25 -11.38
CA ASP C 208 -2.12 7.68 -10.04
C ASP C 208 -2.53 8.77 -9.06
N ALA C 209 -1.93 9.95 -9.18
CA ALA C 209 -2.19 11.04 -8.25
C ALA C 209 -3.57 11.68 -8.49
N LYS C 210 -3.97 11.75 -9.74
CA LYS C 210 -5.21 12.39 -10.13
C LYS C 210 -5.86 11.54 -11.22
N PRO C 211 -6.56 10.47 -10.83
CA PRO C 211 -7.07 9.58 -11.88
C PRO C 211 -7.97 10.32 -12.85
N GLY C 212 -7.86 10.00 -14.13
CA GLY C 212 -8.60 10.69 -15.17
C GLY C 212 -7.93 11.96 -15.69
N VAL C 213 -6.77 12.31 -15.14
CA VAL C 213 -6.09 13.53 -15.58
C VAL C 213 -5.79 13.45 -17.06
N LYS C 214 -5.94 14.57 -17.75
CA LYS C 214 -5.68 14.59 -19.18
C LYS C 214 -4.33 15.23 -19.41
N LEU C 215 -3.51 14.56 -20.19
CA LEU C 215 -2.13 14.94 -20.43
C LEU C 215 -1.90 15.26 -21.89
N PRO C 216 -1.03 16.24 -22.16
CA PRO C 216 -0.67 16.48 -23.55
C PRO C 216 0.13 15.27 -24.05
N GLN C 217 0.37 15.20 -25.35
CA GLN C 217 1.13 14.11 -25.92
C GLN C 217 2.52 14.09 -25.26
N PRO C 218 3.18 12.93 -25.23
CA PRO C 218 4.52 12.83 -24.66
C PRO C 218 5.43 13.92 -25.18
N SER C 219 6.11 14.61 -24.27
CA SER C 219 7.07 15.64 -24.61
C SER C 219 8.17 15.12 -25.53
N SER C 220 8.41 13.81 -25.52
CA SER C 220 9.48 13.24 -26.36
C SER C 220 9.13 13.26 -27.84
N THR C 221 7.89 13.58 -28.18
CA THR C 221 7.51 13.66 -29.57
C THR C 221 8.13 14.90 -30.19
N THR C 222 8.36 15.95 -29.38
CA THR C 222 8.96 17.18 -29.88
C THR C 222 10.33 17.50 -29.27
N THR C 223 10.82 16.62 -28.40
CA THR C 223 12.16 16.74 -27.82
C THR C 223 13.05 15.61 -28.32
N PRO C 224 14.00 15.92 -29.21
CA PRO C 224 14.82 14.83 -29.79
C PRO C 224 15.83 14.24 -28.79
N ASP C 225 15.97 12.91 -28.80
CA ASP C 225 16.96 12.22 -28.00
C ASP C 225 18.33 12.32 -28.67
N LEU C 226 19.19 13.17 -28.14
CA LEU C 226 20.53 13.33 -28.68
C LEU C 226 21.58 12.58 -27.86
N THR C 227 21.18 11.55 -27.12
CA THR C 227 22.15 10.83 -26.29
C THR C 227 23.22 10.18 -27.16
N PRO C 228 24.48 10.47 -26.88
CA PRO C 228 25.53 9.84 -27.70
C PRO C 228 25.59 8.33 -27.48
N ARG C 229 26.17 7.60 -28.43
CA ARG C 229 26.57 6.23 -28.22
C ARG C 229 27.48 6.19 -26.99
N ALA C 230 27.23 5.23 -26.11
CA ALA C 230 27.90 5.16 -24.81
C ALA C 230 29.34 4.65 -24.89
N ALA C 231 30.12 5.15 -25.85
CA ALA C 231 31.49 4.68 -25.99
C ALA C 231 32.43 5.83 -26.32
N LEU C 232 32.11 6.99 -25.76
CA LEU C 232 32.97 8.15 -25.91
C LEU C 232 34.20 8.02 -25.01
N THR C 233 35.19 8.86 -25.26
CA THR C 233 36.33 9.01 -24.38
C THR C 233 35.79 9.33 -23.00
N PRO C 234 36.34 8.70 -21.95
CA PRO C 234 35.90 8.97 -20.60
C PRO C 234 36.13 10.42 -20.25
N GLU C 235 35.26 10.99 -19.43
CA GLU C 235 35.44 12.37 -18.96
C GLU C 235 36.90 12.58 -18.58
N THR C 236 37.51 13.57 -19.20
CA THR C 236 38.93 13.81 -19.13
C THR C 236 39.27 14.91 -18.12
N TYR C 237 39.52 14.54 -16.87
CA TYR C 237 39.81 15.53 -15.83
C TYR C 237 41.24 16.02 -15.85
N PHE C 238 41.44 17.28 -15.50
CA PHE C 238 42.78 17.83 -15.38
C PHE C 238 43.19 18.05 -13.95
N GLY C 239 42.24 17.97 -13.02
CA GLY C 239 42.59 18.06 -11.61
C GLY C 239 43.49 16.91 -11.21
N VAL C 240 44.50 17.16 -10.37
CA VAL C 240 45.45 16.10 -10.06
C VAL C 240 44.82 14.99 -9.23
N GLY C 241 43.68 15.26 -8.63
CA GLY C 241 43.02 14.24 -7.83
C GLY C 241 42.16 13.31 -8.66
N LYS C 242 41.76 13.77 -9.84
CA LYS C 242 40.75 13.06 -10.64
C LYS C 242 41.30 12.59 -11.97
N VAL C 243 42.51 13.00 -12.30
CA VAL C 243 43.12 12.66 -13.58
C VAL C 243 43.21 11.14 -13.72
N VAL C 244 42.82 10.63 -14.89
CA VAL C 244 42.82 9.18 -15.11
C VAL C 244 43.37 8.82 -16.47
N ASN C 245 43.55 9.82 -17.33
CA ASN C 245 44.09 9.52 -18.63
C ASN C 245 45.14 10.53 -19.10
N TYR C 246 45.97 10.99 -18.17
CA TYR C 246 47.17 11.72 -18.55
C TYR C 246 48.16 10.72 -19.14
N GLY C 247 48.49 10.91 -20.42
CA GLY C 247 49.32 9.95 -21.14
C GLY C 247 50.72 10.48 -21.45
N GLY C 248 51.04 11.65 -20.91
CA GLY C 248 52.38 12.17 -21.03
C GLY C 248 53.26 11.35 -20.11
N GLY C 249 54.56 11.62 -20.11
CA GLY C 249 55.44 10.91 -19.20
C GLY C 249 55.58 11.60 -17.86
N GLY C 250 56.26 10.94 -16.93
CA GLY C 250 56.60 11.58 -15.69
C GLY C 250 55.40 11.82 -14.79
N ALA C 251 55.54 12.80 -13.91
CA ALA C 251 54.58 13.03 -12.85
C ALA C 251 53.50 14.05 -13.21
N TYR C 252 52.35 13.86 -12.57
CA TYR C 252 51.25 14.78 -12.71
C TYR C 252 50.87 15.21 -11.30
N ASP C 253 51.71 16.04 -10.72
CA ASP C 253 51.53 16.43 -9.32
C ASP C 253 51.17 17.89 -9.24
N GLU C 254 50.52 18.26 -8.14
CA GLU C 254 50.22 19.66 -7.87
C GLU C 254 51.48 20.51 -8.02
N GLY C 255 51.33 21.69 -8.60
CA GLY C 255 52.45 22.59 -8.75
C GLY C 255 52.63 23.06 -10.17
N SER C 256 53.69 23.83 -10.39
CA SER C 256 54.03 24.31 -11.71
C SER C 256 55.21 23.52 -12.23
N ALA C 257 55.16 23.16 -13.49
CA ALA C 257 56.24 22.40 -14.11
C ALA C 257 56.17 22.59 -15.60
N VAL C 258 57.26 22.25 -16.26
CA VAL C 258 57.34 22.28 -17.72
C VAL C 258 57.12 20.89 -18.26
N PHE C 259 56.20 20.76 -19.20
CA PHE C 259 55.87 19.46 -19.78
C PHE C 259 56.26 19.40 -21.24
N ASP C 260 56.35 18.20 -21.76
CA ASP C 260 56.58 17.98 -23.17
C ASP C 260 55.65 16.85 -23.64
N TYR C 261 55.29 16.89 -24.92
CA TYR C 261 54.54 15.79 -25.50
C TYR C 261 55.40 14.53 -25.52
N PRO C 262 54.79 13.36 -25.26
CA PRO C 262 55.54 12.11 -25.35
C PRO C 262 55.73 11.75 -26.81
N PRO C 263 56.65 10.82 -27.12
CA PRO C 263 56.89 10.51 -28.53
C PRO C 263 55.65 9.96 -29.19
N SER C 264 54.85 9.25 -28.41
CA SER C 264 53.57 8.74 -28.88
C SER C 264 52.57 8.78 -27.73
N LEU C 265 51.38 9.28 -28.03
CA LEU C 265 50.31 9.38 -27.05
C LEU C 265 49.29 8.29 -27.26
N ALA C 266 48.98 7.54 -26.20
CA ALA C 266 47.94 6.53 -26.26
C ALA C 266 46.59 7.14 -26.64
N ALA C 267 45.69 6.30 -27.12
CA ALA C 267 44.32 6.69 -27.41
C ALA C 267 43.62 7.23 -26.17
N ASN C 268 42.63 8.08 -26.37
CA ASN C 268 41.72 8.47 -25.29
C ASN C 268 42.47 9.06 -24.11
N SER C 269 43.50 9.84 -24.43
CA SER C 269 44.39 10.38 -23.42
C SER C 269 44.83 11.79 -23.80
N PHE C 270 45.39 12.52 -22.83
CA PHE C 270 45.99 13.82 -23.15
C PHE C 270 47.44 13.91 -22.70
N ALA C 271 48.13 14.91 -23.25
CA ALA C 271 49.51 15.18 -22.92
C ALA C 271 49.68 16.69 -22.84
N LEU C 272 50.55 17.15 -21.95
CA LEU C 272 50.80 18.57 -21.82
C LEU C 272 52.14 18.96 -22.44
N ARG C 273 52.19 20.19 -22.96
CA ARG C 273 53.43 20.79 -23.44
C ARG C 273 53.49 22.21 -22.91
N GLY C 274 54.69 22.67 -22.55
CA GLY C 274 54.85 24.01 -22.01
C GLY C 274 54.72 24.02 -20.51
N ARG C 275 54.63 25.20 -19.92
CA ARG C 275 54.52 25.29 -18.46
C ARG C 275 53.06 25.24 -18.05
N TRP C 276 52.78 24.43 -17.03
CA TRP C 276 51.41 24.36 -16.52
C TRP C 276 51.44 24.44 -15.01
N ALA C 277 50.45 25.11 -14.44
CA ALA C 277 50.25 25.08 -13.00
C ALA C 277 49.11 24.11 -12.70
N LEU C 278 49.42 23.00 -12.04
CA LEU C 278 48.41 21.96 -11.80
C LEU C 278 47.92 21.94 -10.36
N ASP C 279 46.62 21.79 -10.15
CA ASP C 279 46.10 21.57 -8.80
C ASP C 279 44.89 20.64 -8.81
N TYR C 280 44.06 20.73 -7.78
CA TYR C 280 42.97 19.78 -7.65
C TYR C 280 41.73 20.22 -8.42
N GLN C 281 41.74 21.44 -8.95
CA GLN C 281 40.66 21.86 -9.84
C GLN C 281 41.03 21.56 -11.30
N GLY C 282 42.29 21.75 -11.66
CA GLY C 282 42.69 21.49 -13.03
C GLY C 282 44.06 22.02 -13.41
N ALA C 283 44.17 22.42 -14.68
CA ALA C 283 45.46 22.81 -15.26
C ALA C 283 45.40 24.25 -15.75
N THR C 284 46.23 25.10 -15.17
CA THR C 284 46.25 26.49 -15.58
C THR C 284 47.46 26.79 -16.47
N SER C 285 47.18 27.32 -17.65
CA SER C 285 48.22 27.72 -18.60
C SER C 285 49.11 28.78 -17.96
N ASP C 286 50.39 28.47 -17.79
CA ASP C 286 51.30 29.33 -17.04
C ASP C 286 52.46 29.79 -17.93
N GLY C 287 52.11 30.29 -19.11
CA GLY C 287 53.09 30.64 -20.11
C GLY C 287 52.38 30.93 -21.41
N ASN C 288 53.14 31.29 -22.43
CA ASN C 288 52.54 31.71 -23.69
C ASN C 288 52.70 30.66 -24.76
N ASP C 289 53.40 29.58 -24.42
CA ASP C 289 53.61 28.49 -25.37
C ASP C 289 52.61 27.34 -25.13
N ALA C 290 52.17 27.23 -23.89
CA ALA C 290 51.54 26.02 -23.35
C ALA C 290 50.46 25.38 -24.24
N ALA C 291 50.50 24.05 -24.35
CA ALA C 291 49.54 23.36 -25.20
C ALA C 291 49.06 22.05 -24.61
N ILE C 292 47.87 21.63 -25.04
CA ILE C 292 47.33 20.31 -24.71
C ILE C 292 47.18 19.47 -25.98
N LYS C 293 47.60 18.22 -25.93
CA LYS C 293 47.27 17.31 -27.01
C LYS C 293 46.24 16.30 -26.48
N LEU C 294 45.19 16.08 -27.28
CA LEU C 294 44.14 15.14 -26.90
C LEU C 294 43.89 14.11 -28.00
N ASN C 295 44.00 12.82 -27.67
CA ASN C 295 43.48 11.78 -28.56
C ASN C 295 42.13 11.38 -28.04
N TYR C 296 41.10 11.52 -28.86
CA TYR C 296 39.76 11.24 -28.37
C TYR C 296 39.00 10.31 -29.27
N HIS C 297 37.87 9.84 -28.74
CA HIS C 297 36.96 9.00 -29.47
C HIS C 297 35.60 9.59 -29.17
N ALA C 298 35.13 10.44 -30.08
CA ALA C 298 33.93 11.23 -29.86
C ALA C 298 33.47 11.80 -31.19
N LYS C 299 32.27 12.37 -31.20
CA LYS C 299 31.83 13.16 -32.34
C LYS C 299 32.12 14.62 -32.03
N ASP C 300 31.71 15.05 -30.84
CA ASP C 300 31.88 16.42 -30.39
C ASP C 300 32.85 16.43 -29.23
N VAL C 301 33.65 17.48 -29.13
CA VAL C 301 34.54 17.62 -27.99
C VAL C 301 34.31 18.96 -27.34
N TYR C 302 34.21 18.95 -26.01
CA TYR C 302 34.00 20.18 -25.27
C TYR C 302 35.15 20.35 -24.31
N ILE C 303 35.50 21.60 -24.04
CA ILE C 303 36.50 21.89 -23.04
C ILE C 303 35.85 22.73 -21.94
N VAL C 304 36.05 22.30 -20.70
CA VAL C 304 35.54 23.04 -19.57
C VAL C 304 36.69 23.87 -19.11
N VAL C 305 36.56 25.18 -19.28
CA VAL C 305 37.69 26.10 -19.08
C VAL C 305 37.23 27.39 -18.42
N GLY C 306 38.11 27.95 -17.60
CA GLY C 306 37.79 29.15 -16.86
C GLY C 306 38.78 30.26 -17.15
N GLY C 307 38.32 31.50 -17.03
CA GLY C 307 39.18 32.65 -17.09
C GLY C 307 38.89 33.55 -18.27
N THR C 308 39.75 34.54 -18.45
CA THR C 308 39.66 35.40 -19.61
C THR C 308 40.95 35.33 -20.40
N GLY C 309 40.80 35.06 -21.69
CA GLY C 309 41.92 34.91 -22.58
C GLY C 309 41.47 34.29 -23.90
N THR C 310 42.40 33.69 -24.61
CA THR C 310 42.07 33.12 -25.89
C THR C 310 42.42 31.64 -25.91
N LEU C 311 41.57 30.85 -26.56
CA LEU C 311 41.78 29.45 -26.80
C LEU C 311 42.18 29.23 -28.25
N THR C 312 43.32 28.60 -28.50
CA THR C 312 43.62 28.23 -29.88
C THR C 312 43.45 26.74 -30.08
N VAL C 313 42.51 26.38 -30.95
CA VAL C 313 42.20 24.99 -31.26
C VAL C 313 42.80 24.60 -32.59
N VAL C 314 43.61 23.54 -32.60
CA VAL C 314 44.21 23.05 -33.84
C VAL C 314 43.59 21.73 -34.27
N ARG C 315 43.16 21.66 -35.53
CA ARG C 315 42.68 20.42 -36.13
C ARG C 315 43.26 20.31 -37.53
N ASP C 316 43.90 19.17 -37.84
CA ASP C 316 44.58 18.98 -39.12
C ASP C 316 45.63 20.04 -39.40
N GLY C 317 46.28 20.54 -38.35
CA GLY C 317 47.19 21.65 -38.48
C GLY C 317 46.48 22.99 -38.52
N LYS C 318 45.20 22.97 -38.91
CA LYS C 318 44.41 24.20 -39.10
C LYS C 318 43.98 24.82 -37.78
N PRO C 319 44.55 25.98 -37.42
CA PRO C 319 44.23 26.61 -36.14
C PRO C 319 43.02 27.55 -36.21
N ALA C 320 42.28 27.63 -35.12
CA ALA C 320 41.18 28.58 -34.99
C ALA C 320 41.24 29.13 -33.57
N THR C 321 40.68 30.32 -33.35
CA THR C 321 40.63 30.83 -31.98
C THR C 321 39.22 31.01 -31.43
N LEU C 322 39.15 31.01 -30.11
CA LEU C 322 37.91 31.17 -29.37
C LEU C 322 38.11 32.14 -28.21
N PRO C 323 37.30 33.20 -28.16
CA PRO C 323 37.38 34.07 -26.99
C PRO C 323 36.86 33.34 -25.77
N ILE C 324 37.61 33.37 -24.67
CA ILE C 324 37.12 32.79 -23.43
C ILE C 324 36.99 33.88 -22.39
N SER C 325 35.79 34.01 -21.82
CA SER C 325 35.54 35.02 -20.80
C SER C 325 34.31 34.68 -19.96
N GLY C 326 34.35 35.09 -18.69
CA GLY C 326 33.19 35.00 -17.83
C GLY C 326 33.11 33.74 -16.98
N PRO C 327 31.88 33.22 -16.80
CA PRO C 327 31.67 32.04 -15.97
C PRO C 327 32.25 30.79 -16.62
N PRO C 328 33.20 30.12 -15.95
CA PRO C 328 33.75 28.88 -16.50
C PRO C 328 32.62 27.94 -16.92
N THR C 329 32.71 27.38 -18.12
CA THR C 329 31.71 26.42 -18.60
C THR C 329 32.25 25.65 -19.81
N THR C 330 31.40 24.81 -20.40
CA THR C 330 31.79 24.07 -21.59
C THR C 330 31.92 24.99 -22.80
N HIS C 331 33.05 24.90 -23.47
CA HIS C 331 33.19 25.49 -24.78
C HIS C 331 33.39 24.38 -25.81
N GLN C 332 32.48 24.27 -26.76
CA GLN C 332 32.66 23.27 -27.81
C GLN C 332 33.95 23.58 -28.59
N VAL C 333 34.79 22.57 -28.82
CA VAL C 333 35.99 22.82 -29.61
C VAL C 333 36.00 21.93 -30.85
N VAL C 334 35.14 20.93 -30.87
CA VAL C 334 34.95 20.12 -32.06
C VAL C 334 33.48 19.82 -32.27
N ALA C 335 33.00 20.08 -33.48
CA ALA C 335 31.67 19.68 -33.89
C ALA C 335 31.82 18.70 -35.05
N GLY C 336 32.03 17.43 -34.75
CA GLY C 336 32.34 16.45 -35.78
C GLY C 336 31.17 16.04 -36.64
N TYR C 337 31.48 15.30 -37.70
CA TYR C 337 30.44 14.78 -38.58
C TYR C 337 29.99 13.42 -38.08
N ARG C 338 30.86 12.74 -37.35
CA ARG C 338 30.55 11.42 -36.85
C ARG C 338 31.50 11.01 -35.70
N LEU C 339 31.13 9.94 -34.99
CA LEU C 339 31.94 9.43 -33.90
C LEU C 339 33.23 8.83 -34.45
N ALA C 340 34.36 9.43 -34.13
CA ALA C 340 35.65 8.97 -34.64
C ALA C 340 36.78 9.13 -33.63
N SER C 341 37.76 8.23 -33.72
CA SER C 341 39.03 8.42 -33.05
C SER C 341 39.78 9.52 -33.79
N GLU C 342 40.23 10.51 -33.05
CA GLU C 342 40.91 11.65 -33.67
C GLU C 342 41.83 12.30 -32.66
N THR C 343 42.56 13.31 -33.14
CA THR C 343 43.48 14.06 -32.29
C THR C 343 43.25 15.56 -32.45
N LEU C 344 43.38 16.29 -31.34
CA LEU C 344 43.33 17.72 -31.42
C LEU C 344 44.36 18.32 -30.49
N GLU C 345 44.66 19.59 -30.71
CA GLU C 345 45.52 20.36 -29.82
C GLU C 345 44.76 21.61 -29.37
N VAL C 346 45.01 22.02 -28.12
CA VAL C 346 44.45 23.26 -27.61
C VAL C 346 45.55 24.05 -26.93
N ARG C 347 45.66 25.34 -27.24
CA ARG C 347 46.61 26.24 -26.59
C ARG C 347 45.85 27.40 -25.98
N PRO C 348 45.63 27.34 -24.66
CA PRO C 348 44.96 28.39 -23.89
C PRO C 348 45.96 29.44 -23.48
N SER C 349 45.63 30.71 -23.66
CA SER C 349 46.51 31.80 -23.24
C SER C 349 46.73 31.71 -21.73
N LYS C 350 47.84 32.30 -21.29
CA LYS C 350 48.25 32.28 -19.89
C LYS C 350 47.12 32.71 -18.99
N GLY C 351 46.93 31.99 -17.89
CA GLY C 351 45.89 32.32 -16.94
C GLY C 351 44.64 31.46 -17.05
N LEU C 352 44.31 31.02 -18.25
CA LEU C 352 43.13 30.19 -18.46
C LEU C 352 43.27 28.87 -17.69
N GLN C 353 42.22 28.48 -16.98
CA GLN C 353 42.26 27.23 -16.24
C GLN C 353 41.41 26.16 -16.93
N VAL C 354 42.04 25.05 -17.30
CA VAL C 354 41.33 23.95 -17.97
C VAL C 354 40.94 22.90 -16.94
N PHE C 355 39.65 22.64 -16.82
CA PHE C 355 39.14 21.71 -15.82
C PHE C 355 39.00 20.31 -16.39
N SER C 356 38.61 20.24 -17.67
CA SER C 356 38.35 18.95 -18.27
C SER C 356 38.10 19.05 -19.75
N PHE C 357 38.16 17.91 -20.42
CA PHE C 357 37.49 17.74 -21.70
C PHE C 357 36.28 16.85 -21.46
N THR C 358 35.18 17.12 -22.12
CA THR C 358 34.04 16.23 -22.09
C THR C 358 33.55 16.03 -23.49
N TYR C 359 32.63 15.10 -23.68
CA TYR C 359 32.44 14.57 -25.01
C TYR C 359 30.96 14.45 -25.39
N GLY C 360 30.74 14.35 -26.68
CA GLY C 360 29.41 14.26 -27.24
C GLY C 360 29.47 13.43 -28.50
N SER D 27 34.06 10.08 -4.78
CA SER D 27 33.75 9.15 -5.86
C SER D 27 32.47 9.56 -6.59
N THR D 28 32.64 10.36 -7.64
CA THR D 28 31.53 10.89 -8.43
C THR D 28 31.95 10.90 -9.89
N GLY D 29 31.01 11.11 -10.81
CA GLY D 29 31.34 11.21 -12.21
C GLY D 29 30.13 11.31 -13.12
N THR D 30 30.37 11.53 -14.41
CA THR D 30 29.26 11.58 -15.33
C THR D 30 29.13 10.26 -16.06
N GLU D 31 27.93 10.01 -16.53
CA GLU D 31 27.63 8.75 -17.16
C GLU D 31 26.63 8.88 -18.28
N ILE D 32 26.94 8.24 -19.39
CA ILE D 32 25.92 7.90 -20.36
C ILE D 32 25.46 6.51 -19.98
N ARG D 33 24.15 6.24 -20.04
CA ARG D 33 23.71 4.91 -19.66
C ARG D 33 24.28 3.88 -20.61
N GLU D 34 24.71 2.77 -20.01
CA GLU D 34 25.31 1.62 -20.67
C GLU D 34 26.77 1.87 -21.07
N GLN D 35 27.37 2.94 -20.59
CA GLN D 35 28.80 3.05 -20.79
C GLN D 35 29.50 2.22 -19.74
N LEU D 36 30.72 1.80 -20.05
CA LEU D 36 31.59 1.16 -19.07
C LEU D 36 32.08 2.14 -18.03
N ASN D 37 31.92 1.80 -16.75
CA ASN D 37 32.59 2.58 -15.72
C ASN D 37 33.94 1.95 -15.38
N LEU D 38 34.92 2.19 -16.25
CA LEU D 38 36.24 1.57 -16.10
C LEU D 38 36.88 1.96 -14.78
N GLY D 39 37.58 1.01 -14.18
CA GLY D 39 38.34 1.31 -12.98
C GLY D 39 39.77 1.67 -13.36
N GLY D 40 40.57 2.04 -12.36
CA GLY D 40 41.97 2.34 -12.57
C GLY D 40 42.19 3.43 -13.60
N ILE D 41 43.36 3.41 -14.24
CA ILE D 41 43.69 4.49 -15.16
C ILE D 41 44.11 3.99 -16.53
N VAL D 42 44.17 4.89 -17.49
CA VAL D 42 44.63 4.56 -18.82
C VAL D 42 46.15 4.30 -18.84
N ASN D 43 46.54 3.19 -19.47
CA ASN D 43 47.94 3.01 -19.83
C ASN D 43 47.98 2.62 -21.29
N ALA D 44 49.15 2.27 -21.81
CA ALA D 44 49.33 2.10 -23.24
C ALA D 44 48.58 0.89 -23.72
N GLN D 45 48.39 -0.08 -22.84
CA GLN D 45 47.76 -1.33 -23.21
C GLN D 45 46.22 -1.31 -23.19
N ASN D 46 45.60 -0.40 -22.43
CA ASN D 46 44.15 -0.50 -22.22
C ASN D 46 43.37 0.74 -22.67
N ALA D 47 44.09 1.66 -23.32
CA ALA D 47 43.56 2.97 -23.68
C ALA D 47 42.30 2.89 -24.51
N GLN D 48 42.06 1.77 -25.16
CA GLN D 48 40.96 1.70 -26.10
C GLN D 48 39.76 0.98 -25.54
N LEU D 49 39.92 0.36 -24.37
CA LEU D 49 38.83 -0.39 -23.76
C LEU D 49 37.55 0.44 -23.72
N SER D 50 37.69 1.72 -23.46
CA SER D 50 36.53 2.59 -23.24
C SER D 50 35.77 2.81 -24.53
N ASN D 51 36.31 2.31 -25.65
CA ASN D 51 35.59 2.37 -26.92
C ASN D 51 34.50 1.29 -27.02
N CYS D 52 34.47 0.39 -26.05
CA CYS D 52 33.39 -0.58 -25.94
C CYS D 52 32.38 -0.06 -24.91
N SER D 53 31.10 -0.38 -25.12
CA SER D 53 30.09 -0.09 -24.13
C SER D 53 29.92 -1.30 -23.22
N ASP D 54 28.98 -1.23 -22.30
CA ASP D 54 28.83 -2.27 -21.29
C ASP D 54 27.82 -3.34 -21.71
N GLY D 55 28.30 -4.45 -22.26
CA GLY D 55 27.44 -5.57 -22.59
C GLY D 55 26.63 -5.34 -23.86
N ALA D 56 27.24 -4.66 -24.84
CA ALA D 56 26.56 -4.35 -26.10
C ALA D 56 26.16 -5.62 -26.82
N ALA D 57 25.03 -5.58 -27.52
CA ALA D 57 24.49 -6.76 -28.16
C ALA D 57 25.08 -6.97 -29.55
N GLN D 58 25.82 -5.97 -30.03
CA GLN D 58 26.58 -6.13 -31.27
C GLN D 58 28.06 -6.04 -30.98
N LEU D 59 28.85 -6.65 -31.87
CA LEU D 59 30.30 -6.56 -31.76
C LEU D 59 30.77 -5.13 -31.78
N GLU D 60 31.71 -4.83 -30.89
CA GLU D 60 32.36 -3.55 -30.87
C GLU D 60 33.84 -3.85 -31.08
N SER D 61 34.65 -2.81 -31.18
CA SER D 61 36.07 -3.01 -31.31
C SER D 61 36.76 -2.03 -30.37
N CYS D 62 37.47 -2.54 -29.38
CA CYS D 62 38.14 -1.63 -28.49
C CYS D 62 39.52 -2.13 -28.09
N GLY D 63 40.34 -2.35 -29.12
CA GLY D 63 41.76 -2.55 -28.90
C GLY D 63 42.25 -3.97 -28.67
N THR D 64 43.55 -4.17 -28.81
CA THR D 64 44.14 -5.47 -28.51
C THR D 64 43.94 -5.77 -27.02
N ALA D 65 43.63 -7.02 -26.69
CA ALA D 65 43.50 -7.40 -25.30
C ALA D 65 44.74 -7.05 -24.48
N PRO D 66 44.54 -6.37 -23.33
CA PRO D 66 45.64 -6.14 -22.40
C PRO D 66 46.28 -7.44 -21.91
N ASP D 67 47.57 -7.39 -21.58
CA ASP D 67 48.28 -8.53 -21.02
C ASP D 67 47.68 -8.97 -19.71
N LEU D 68 47.78 -10.26 -19.43
CA LEU D 68 47.54 -10.77 -18.10
C LEU D 68 48.81 -10.59 -17.30
N LYS D 69 48.95 -9.49 -16.56
CA LYS D 69 50.18 -9.30 -15.79
C LYS D 69 50.04 -9.56 -14.30
N GLY D 70 51.19 -9.65 -13.64
CA GLY D 70 51.27 -9.92 -12.22
C GLY D 70 50.52 -11.15 -11.74
N ILE D 71 50.21 -12.08 -12.65
CA ILE D 71 49.50 -13.29 -12.22
C ILE D 71 50.43 -14.10 -11.32
N THR D 72 50.01 -14.33 -10.09
CA THR D 72 50.84 -14.98 -9.08
C THR D 72 50.84 -16.50 -9.17
N GLY D 73 49.86 -17.06 -9.87
CA GLY D 73 49.77 -18.50 -10.02
C GLY D 73 48.71 -18.92 -11.02
N TRP D 74 48.80 -20.16 -11.49
CA TRP D 74 47.83 -20.68 -12.46
C TRP D 74 47.34 -22.06 -12.08
N LEU D 75 46.08 -22.33 -12.42
CA LEU D 75 45.48 -23.65 -12.23
C LEU D 75 44.87 -24.12 -13.54
N ASN D 76 44.71 -25.44 -13.67
CA ASN D 76 44.00 -26.07 -14.79
C ASN D 76 44.74 -25.90 -16.13
N THR D 77 45.99 -25.48 -16.06
CA THR D 77 46.89 -25.55 -17.20
C THR D 77 47.93 -26.65 -16.95
N PRO D 78 48.41 -27.30 -18.03
CA PRO D 78 49.46 -28.31 -17.92
C PRO D 78 50.64 -27.83 -17.07
N GLY D 79 50.84 -28.50 -15.94
CA GLY D 79 51.89 -28.17 -15.00
C GLY D 79 51.73 -26.79 -14.41
N ASN D 80 50.50 -26.28 -14.40
CA ASN D 80 50.20 -24.94 -13.92
C ASN D 80 51.06 -23.86 -14.58
N LYS D 81 51.53 -24.11 -15.80
CA LYS D 81 52.30 -23.10 -16.52
C LYS D 81 51.39 -21.96 -16.99
N PRO D 82 51.94 -20.73 -17.04
CA PRO D 82 51.25 -19.52 -17.52
C PRO D 82 50.68 -19.63 -18.93
N ILE D 83 49.64 -18.86 -19.18
CA ILE D 83 49.07 -18.73 -20.51
C ILE D 83 49.24 -17.30 -20.98
N ASP D 84 50.08 -17.13 -21.98
CA ASP D 84 50.25 -15.86 -22.69
C ASP D 84 49.08 -15.77 -23.67
N LEU D 85 48.40 -14.63 -23.68
CA LEU D 85 47.24 -14.42 -24.56
C LEU D 85 47.62 -14.50 -26.03
N LYS D 86 48.82 -14.01 -26.36
CA LYS D 86 49.33 -14.08 -27.72
C LYS D 86 49.30 -15.50 -28.27
N SER D 87 49.56 -16.46 -27.41
CA SER D 87 49.56 -17.84 -27.85
C SER D 87 48.14 -18.32 -28.15
N LEU D 88 47.14 -17.51 -27.79
CA LEU D 88 45.76 -17.89 -28.04
C LEU D 88 45.20 -17.22 -29.31
N ARG D 89 46.05 -16.48 -30.01
CA ARG D 89 45.67 -15.97 -31.32
C ARG D 89 45.16 -17.13 -32.17
N GLY D 90 44.07 -16.90 -32.89
CA GLY D 90 43.47 -17.93 -33.71
C GLY D 90 42.22 -18.41 -33.04
N LYS D 91 42.19 -18.29 -31.71
CA LYS D 91 41.02 -18.64 -30.91
C LYS D 91 40.24 -17.41 -30.42
N VAL D 92 38.94 -17.59 -30.20
CA VAL D 92 38.11 -16.65 -29.46
C VAL D 92 38.45 -16.81 -27.99
N VAL D 93 38.61 -15.72 -27.25
CA VAL D 93 38.96 -15.86 -25.84
C VAL D 93 38.02 -15.09 -24.92
N LEU D 94 37.47 -15.80 -23.94
CA LEU D 94 36.63 -15.18 -22.93
C LEU D 94 37.40 -15.07 -21.61
N ILE D 95 37.65 -13.82 -21.22
CA ILE D 95 38.26 -13.52 -19.93
C ILE D 95 37.13 -13.36 -18.92
N ASP D 96 37.12 -14.22 -17.92
CA ASP D 96 36.08 -14.17 -16.93
C ASP D 96 36.66 -13.82 -15.57
N PHE D 97 36.33 -12.62 -15.09
CA PHE D 97 36.76 -12.18 -13.76
C PHE D 97 35.82 -12.72 -12.70
N TRP D 98 36.40 -13.35 -11.70
CA TRP D 98 35.62 -14.00 -10.67
C TRP D 98 36.37 -14.10 -9.34
N ALA D 99 35.62 -14.31 -8.27
CA ALA D 99 36.12 -14.70 -6.94
C ALA D 99 35.23 -15.82 -6.45
N TYR D 100 35.82 -16.88 -5.88
CA TYR D 100 35.03 -18.09 -5.65
C TYR D 100 33.98 -17.96 -4.54
N SER D 101 34.07 -16.94 -3.69
CA SER D 101 33.08 -16.76 -2.62
C SER D 101 32.01 -15.77 -3.03
N CYS D 102 32.20 -15.24 -4.23
CA CYS D 102 31.25 -14.31 -4.81
CA CYS D 102 31.24 -14.30 -4.82
C CYS D 102 30.02 -15.06 -5.31
N ILE D 103 28.88 -14.84 -4.66
CA ILE D 103 27.63 -15.51 -5.05
C ILE D 103 27.21 -15.15 -6.50
N ASN D 104 27.41 -13.90 -6.91
CA ASN D 104 27.10 -13.49 -8.28
C ASN D 104 27.90 -14.34 -9.24
N CYS D 105 29.17 -14.53 -8.90
CA CYS D 105 30.08 -15.33 -9.71
CA CYS D 105 30.09 -15.34 -9.70
C CYS D 105 29.67 -16.80 -9.73
N GLN D 106 29.23 -17.31 -8.59
CA GLN D 106 28.82 -18.70 -8.54
C GLN D 106 27.59 -18.91 -9.40
N ARG D 107 26.69 -17.94 -9.45
CA ARG D 107 25.51 -18.06 -10.32
C ARG D 107 25.89 -17.95 -11.80
N ALA D 108 26.90 -17.13 -12.11
CA ALA D 108 27.31 -16.89 -13.48
C ALA D 108 28.22 -17.99 -14.07
N ILE D 109 29.10 -18.55 -13.24
CA ILE D 109 30.09 -19.51 -13.74
C ILE D 109 29.49 -20.76 -14.44
N PRO D 110 28.35 -21.29 -13.97
CA PRO D 110 27.78 -22.41 -14.74
C PRO D 110 27.51 -22.07 -16.19
N HIS D 111 27.22 -20.81 -16.47
CA HIS D 111 26.96 -20.42 -17.85
C HIS D 111 28.26 -20.51 -18.64
N VAL D 112 29.31 -20.04 -18.00
CA VAL D 112 30.62 -20.00 -18.58
C VAL D 112 31.18 -21.42 -18.76
N VAL D 113 30.95 -22.27 -17.76
CA VAL D 113 31.22 -23.70 -17.87
C VAL D 113 30.44 -24.32 -19.05
N GLY D 114 29.19 -23.93 -19.21
CA GLY D 114 28.41 -24.41 -20.34
C GLY D 114 29.06 -24.03 -21.67
N TRP D 115 29.43 -22.78 -21.79
CA TRP D 115 30.07 -22.27 -22.99
C TRP D 115 31.38 -23.00 -23.29
N TYR D 116 32.20 -23.12 -22.25
CA TYR D 116 33.50 -23.78 -22.40
C TYR D 116 33.30 -25.20 -22.89
N GLN D 117 32.35 -25.88 -22.29
CA GLN D 117 32.06 -27.26 -22.64
C GLN D 117 31.50 -27.36 -24.07
N ALA D 118 30.65 -26.41 -24.45
CA ALA D 118 29.99 -26.46 -25.74
C ALA D 118 30.90 -26.02 -26.89
N TYR D 119 31.93 -25.22 -26.60
CA TYR D 119 32.64 -24.48 -27.62
C TYR D 119 34.16 -24.67 -27.64
N LYS D 120 34.73 -25.35 -26.64
CA LYS D 120 36.19 -25.49 -26.59
C LYS D 120 36.72 -26.25 -27.80
N ASP D 121 35.89 -27.10 -28.40
CA ASP D 121 36.33 -27.85 -29.57
C ASP D 121 36.04 -27.09 -30.87
N SER D 122 35.38 -25.93 -30.75
CA SER D 122 35.09 -25.09 -31.92
C SER D 122 35.91 -23.82 -31.94
N GLY D 123 36.79 -23.63 -30.96
CA GLY D 123 37.71 -22.51 -31.00
C GLY D 123 37.63 -21.56 -29.81
N LEU D 124 36.86 -21.91 -28.79
CA LEU D 124 36.71 -21.04 -27.63
C LEU D 124 37.72 -21.38 -26.54
N ALA D 125 38.47 -20.36 -26.12
CA ALA D 125 39.32 -20.48 -24.93
C ALA D 125 38.69 -19.62 -23.85
N VAL D 126 38.73 -20.12 -22.61
CA VAL D 126 38.28 -19.38 -21.45
C VAL D 126 39.41 -19.32 -20.45
N ILE D 127 39.59 -18.13 -19.85
CA ILE D 127 40.53 -17.95 -18.76
C ILE D 127 39.76 -17.24 -17.67
N GLY D 128 39.62 -17.93 -16.54
CA GLY D 128 38.98 -17.40 -15.36
C GLY D 128 40.02 -16.67 -14.53
N VAL D 129 40.04 -15.34 -14.63
CA VAL D 129 40.93 -14.59 -13.80
C VAL D 129 40.28 -14.48 -12.44
N HIS D 130 40.84 -15.20 -11.47
CA HIS D 130 40.39 -15.13 -10.08
C HIS D 130 41.04 -13.95 -9.39
N THR D 131 40.30 -12.87 -9.22
CA THR D 131 40.81 -11.75 -8.45
C THR D 131 40.14 -11.79 -7.07
N PRO D 132 40.94 -12.09 -6.03
CA PRO D 132 40.43 -12.34 -4.69
C PRO D 132 39.76 -11.11 -4.10
N GLU D 133 38.50 -11.27 -3.67
CA GLU D 133 37.79 -10.16 -3.05
C GLU D 133 38.20 -10.02 -1.58
N TYR D 134 38.44 -11.14 -0.92
CA TYR D 134 38.95 -11.16 0.47
C TYR D 134 40.30 -11.87 0.53
N ALA D 135 41.07 -11.59 1.58
CA ALA D 135 42.41 -12.14 1.73
C ALA D 135 42.48 -13.68 1.66
N PHE D 136 41.52 -14.38 2.27
CA PHE D 136 41.60 -15.84 2.31
C PHE D 136 41.49 -16.44 0.91
N GLU D 137 40.88 -15.70 0.00
CA GLU D 137 40.73 -16.13 -1.40
C GLU D 137 42.05 -16.10 -2.14
N LYS D 138 43.09 -15.57 -1.50
CA LYS D 138 44.43 -15.52 -2.08
C LYS D 138 45.11 -16.89 -2.08
N VAL D 139 44.67 -17.75 -1.18
CA VAL D 139 45.31 -19.05 -1.01
C VAL D 139 44.93 -20.01 -2.12
N PRO D 140 45.90 -20.37 -2.97
CA PRO D 140 45.64 -21.14 -4.20
C PRO D 140 44.79 -22.38 -3.99
N GLY D 141 44.98 -23.06 -2.87
CA GLY D 141 44.26 -24.29 -2.59
C GLY D 141 42.79 -24.06 -2.29
N ASN D 142 42.48 -22.89 -1.74
CA ASN D 142 41.08 -22.51 -1.59
C ASN D 142 40.43 -22.31 -2.97
N VAL D 143 41.07 -21.51 -3.82
CA VAL D 143 40.59 -21.28 -5.17
C VAL D 143 40.36 -22.59 -5.93
N ALA D 144 41.30 -23.53 -5.79
CA ALA D 144 41.18 -24.82 -6.46
C ALA D 144 39.93 -25.56 -5.96
N LYS D 145 39.69 -25.51 -4.66
CA LYS D 145 38.49 -26.11 -4.07
C LYS D 145 37.23 -25.47 -4.65
N GLY D 146 37.21 -24.14 -4.66
CA GLY D 146 36.07 -23.38 -5.16
C GLY D 146 35.81 -23.73 -6.62
N ALA D 147 36.87 -23.81 -7.39
CA ALA D 147 36.78 -24.20 -8.79
C ALA D 147 36.13 -25.58 -8.94
N ALA D 148 36.54 -26.51 -8.09
CA ALA D 148 36.04 -27.87 -8.14
C ALA D 148 34.54 -27.92 -7.91
N ASN D 149 34.07 -27.17 -6.91
CA ASN D 149 32.63 -27.15 -6.63
C ASN D 149 31.84 -26.56 -7.78
N LEU D 150 32.38 -25.52 -8.41
CA LEU D 150 31.73 -24.90 -9.55
C LEU D 150 31.99 -25.65 -10.85
N GLY D 151 32.79 -26.72 -10.78
CA GLY D 151 33.04 -27.55 -11.95
C GLY D 151 33.84 -26.82 -13.02
N ILE D 152 34.74 -25.94 -12.59
CA ILE D 152 35.61 -25.23 -13.51
C ILE D 152 36.81 -26.07 -13.96
N SER D 153 36.87 -26.38 -15.25
CA SER D 153 38.00 -27.14 -15.79
C SER D 153 38.89 -26.27 -16.67
N TYR D 154 38.43 -25.06 -16.98
CA TYR D 154 39.21 -24.19 -17.84
C TYR D 154 40.31 -23.50 -17.05
N PRO D 155 41.35 -23.03 -17.73
CA PRO D 155 42.46 -22.30 -17.12
C PRO D 155 42.01 -21.24 -16.13
N ILE D 156 42.72 -21.19 -15.00
CA ILE D 156 42.47 -20.20 -13.96
C ILE D 156 43.73 -19.40 -13.71
N ALA D 157 43.62 -18.09 -13.77
CA ALA D 157 44.77 -17.25 -13.46
C ALA D 157 44.55 -16.53 -12.15
N LEU D 158 45.53 -16.62 -11.26
CA LEU D 158 45.41 -16.08 -9.90
C LEU D 158 45.96 -14.69 -9.84
N ASP D 159 45.06 -13.74 -9.61
CA ASP D 159 45.37 -12.32 -9.77
C ASP D 159 45.47 -11.66 -8.38
N ASN D 160 46.26 -12.27 -7.50
CA ASN D 160 46.27 -11.90 -6.07
C ASN D 160 46.71 -10.46 -5.80
N ASN D 161 47.41 -9.86 -6.77
CA ASN D 161 47.85 -8.48 -6.64
C ASN D 161 47.08 -7.52 -7.53
N TYR D 162 45.94 -7.95 -8.05
CA TYR D 162 45.09 -7.10 -8.89
C TYR D 162 45.79 -6.47 -10.09
N ALA D 163 46.88 -7.07 -10.55
CA ALA D 163 47.62 -6.51 -11.69
C ALA D 163 46.89 -6.72 -13.01
N THR D 164 46.23 -7.86 -13.16
CA THR D 164 45.38 -8.09 -14.33
C THR D 164 44.04 -7.33 -14.24
N TRP D 165 43.42 -7.38 -13.07
CA TRP D 165 42.22 -6.59 -12.80
C TRP D 165 42.44 -5.12 -13.16
N THR D 166 43.59 -4.58 -12.76
CA THR D 166 43.86 -3.17 -12.97
C THR D 166 44.27 -2.88 -14.41
N ASN D 167 45.06 -3.77 -15.00
CA ASN D 167 45.46 -3.61 -16.40
C ASN D 167 44.23 -3.65 -17.30
N TYR D 168 43.26 -4.47 -16.91
CA TYR D 168 42.00 -4.55 -17.62
C TYR D 168 41.01 -3.46 -17.26
N ARG D 169 41.39 -2.61 -16.30
CA ARG D 169 40.52 -1.54 -15.83
C ARG D 169 39.13 -2.06 -15.38
N ASN D 170 39.10 -3.26 -14.83
CA ASN D 170 37.86 -3.83 -14.35
C ASN D 170 37.40 -3.05 -13.12
N ARG D 171 36.13 -3.23 -12.76
CA ARG D 171 35.57 -2.61 -11.57
C ARG D 171 34.65 -3.58 -10.80
N TYR D 172 34.14 -4.60 -11.49
CA TYR D 172 33.20 -5.50 -10.83
C TYR D 172 33.47 -7.01 -10.95
N TRP D 173 32.92 -7.76 -10.01
CA TRP D 173 32.69 -9.19 -10.13
C TRP D 173 31.19 -9.38 -10.38
N PRO D 174 30.80 -10.19 -11.38
CA PRO D 174 31.65 -10.79 -12.40
C PRO D 174 31.97 -9.74 -13.40
N ALA D 175 32.88 -10.05 -14.31
CA ALA D 175 33.13 -9.22 -15.46
C ALA D 175 33.71 -10.11 -16.54
N GLU D 176 33.43 -9.76 -17.80
CA GLU D 176 33.89 -10.52 -18.93
C GLU D 176 34.41 -9.65 -20.03
N TYR D 177 35.48 -10.12 -20.66
CA TYR D 177 36.04 -9.45 -21.81
C TYR D 177 36.16 -10.49 -22.89
N LEU D 178 35.59 -10.18 -24.05
CA LEU D 178 35.55 -11.14 -25.13
C LEU D 178 36.49 -10.69 -26.20
N ILE D 179 37.43 -11.57 -26.53
CA ILE D 179 38.56 -11.27 -27.40
C ILE D 179 38.42 -12.13 -28.65
N ASP D 180 38.53 -11.52 -29.83
CA ASP D 180 38.41 -12.32 -31.04
C ASP D 180 39.73 -13.00 -31.37
N ALA D 181 39.72 -13.74 -32.48
CA ALA D 181 40.87 -14.54 -32.90
C ALA D 181 42.07 -13.68 -33.26
N THR D 182 41.86 -12.41 -33.55
CA THR D 182 43.00 -11.53 -33.83
C THR D 182 43.58 -10.91 -32.53
N GLY D 183 42.95 -11.19 -31.38
CA GLY D 183 43.39 -10.60 -30.12
C GLY D 183 42.70 -9.30 -29.74
N THR D 184 41.68 -8.91 -30.49
CA THR D 184 40.98 -7.65 -30.26
C THR D 184 39.76 -7.84 -29.36
N VAL D 185 39.66 -7.04 -28.30
CA VAL D 185 38.48 -7.09 -27.45
C VAL D 185 37.27 -6.61 -28.24
N ARG D 186 36.19 -7.39 -28.24
CA ARG D 186 35.01 -7.04 -29.03
C ARG D 186 33.75 -6.85 -28.19
N HIS D 187 33.84 -7.09 -26.88
CA HIS D 187 32.67 -7.11 -26.01
C HIS D 187 33.17 -7.12 -24.59
N ILE D 188 32.65 -6.20 -23.79
CA ILE D 188 32.97 -6.12 -22.39
C ILE D 188 31.66 -6.05 -21.60
N LYS D 189 31.50 -6.91 -20.62
CA LYS D 189 30.27 -6.93 -19.85
C LYS D 189 30.55 -6.95 -18.37
N PHE D 190 30.20 -5.86 -17.68
CA PHE D 190 30.32 -5.79 -16.23
C PHE D 190 29.05 -6.25 -15.55
N GLY D 191 29.19 -6.99 -14.46
CA GLY D 191 28.05 -7.43 -13.69
C GLY D 191 27.40 -8.70 -14.19
N GLU D 192 26.54 -9.27 -13.35
CA GLU D 192 25.86 -10.52 -13.62
C GLU D 192 24.68 -10.29 -14.54
N GLY D 193 24.44 -11.21 -15.46
CA GLY D 193 23.27 -11.14 -16.31
C GLY D 193 23.56 -11.12 -17.80
N ASP D 194 22.49 -11.23 -18.60
CA ASP D 194 22.55 -11.08 -20.06
C ASP D 194 23.47 -12.10 -20.73
N TYR D 195 23.25 -13.37 -20.40
CA TYR D 195 24.05 -14.45 -20.93
C TYR D 195 23.88 -14.64 -22.42
N ASN D 196 22.66 -14.46 -22.92
CA ASN D 196 22.39 -14.69 -24.33
C ASN D 196 23.07 -13.64 -25.20
N VAL D 197 23.16 -12.42 -24.68
CA VAL D 197 23.84 -11.36 -25.39
C VAL D 197 25.28 -11.75 -25.64
N THR D 198 25.97 -12.19 -24.59
CA THR D 198 27.35 -12.56 -24.72
C THR D 198 27.53 -13.82 -25.59
N GLU D 199 26.67 -14.82 -25.39
CA GLU D 199 26.85 -16.10 -26.10
C GLU D 199 26.69 -15.89 -27.60
N THR D 200 25.77 -14.99 -27.94
CA THR D 200 25.49 -14.68 -29.33
C THR D 200 26.76 -14.14 -29.96
N LEU D 201 27.43 -13.24 -29.25
CA LEU D 201 28.65 -12.66 -29.78
C LEU D 201 29.77 -13.72 -29.79
N VAL D 202 29.76 -14.60 -28.80
CA VAL D 202 30.75 -15.66 -28.77
C VAL D 202 30.60 -16.52 -30.03
N ARG D 203 29.36 -16.86 -30.35
CA ARG D 203 29.06 -17.70 -31.48
C ARG D 203 29.44 -16.97 -32.77
N GLN D 204 29.17 -15.67 -32.85
CA GLN D 204 29.63 -14.92 -34.01
C GLN D 204 31.16 -14.98 -34.18
N LEU D 205 31.89 -14.75 -33.10
CA LEU D 205 33.33 -14.69 -33.18
C LEU D 205 33.96 -16.04 -33.46
N LEU D 206 33.27 -17.11 -33.06
CA LEU D 206 33.72 -18.45 -33.43
C LEU D 206 33.62 -18.62 -34.94
N ASN D 207 32.54 -18.10 -35.53
CA ASN D 207 32.39 -18.18 -36.97
C ASN D 207 33.41 -17.28 -37.69
N ASP D 208 33.64 -16.07 -37.18
CA ASP D 208 34.67 -15.22 -37.74
C ASP D 208 36.05 -15.90 -37.71
N ALA D 209 36.33 -16.64 -36.64
CA ALA D 209 37.64 -17.25 -36.46
C ALA D 209 37.80 -18.49 -37.33
N LYS D 210 36.68 -19.10 -37.69
CA LYS D 210 36.68 -20.27 -38.53
C LYS D 210 35.36 -20.33 -39.33
N PRO D 211 35.31 -19.62 -40.45
CA PRO D 211 34.09 -19.47 -41.25
C PRO D 211 33.50 -20.82 -41.62
N GLY D 212 32.17 -20.92 -41.57
CA GLY D 212 31.50 -22.19 -41.77
C GLY D 212 31.44 -23.14 -40.57
N VAL D 213 32.04 -22.76 -39.45
CA VAL D 213 32.06 -23.65 -38.28
C VAL D 213 30.63 -24.05 -37.88
N LYS D 214 30.45 -25.31 -37.48
CA LYS D 214 29.14 -25.78 -37.07
C LYS D 214 29.09 -25.82 -35.56
N LEU D 215 28.01 -25.31 -35.00
CA LEU D 215 27.88 -25.12 -33.56
C LEU D 215 26.61 -25.76 -33.06
N PRO D 216 26.64 -26.29 -31.83
CA PRO D 216 25.42 -26.79 -31.19
C PRO D 216 24.47 -25.64 -30.85
N GLN D 217 23.19 -25.95 -30.62
CA GLN D 217 22.22 -24.92 -30.26
C GLN D 217 22.67 -24.28 -28.95
N PRO D 218 22.49 -22.96 -28.81
CA PRO D 218 22.95 -22.15 -27.67
C PRO D 218 22.88 -22.87 -26.33
N SER D 219 23.96 -22.78 -25.57
CA SER D 219 24.06 -23.37 -24.23
C SER D 219 22.97 -22.84 -23.29
N SER D 220 22.49 -21.65 -23.60
CA SER D 220 21.44 -20.96 -22.84
C SER D 220 20.09 -21.67 -22.80
N THR D 221 19.85 -22.54 -23.77
CA THR D 221 18.56 -23.22 -23.85
C THR D 221 18.62 -24.57 -23.12
N THR D 222 19.46 -24.63 -22.09
CA THR D 222 19.54 -25.81 -21.23
C THR D 222 20.19 -25.40 -19.89
N THR D 223 20.48 -24.11 -19.79
CA THR D 223 21.03 -23.51 -18.58
C THR D 223 20.17 -22.35 -18.07
N PRO D 224 19.48 -22.53 -16.94
CA PRO D 224 18.59 -21.45 -16.49
C PRO D 224 19.35 -20.17 -16.15
N ASP D 225 18.87 -19.05 -16.69
CA ASP D 225 19.29 -17.74 -16.22
C ASP D 225 18.67 -17.47 -14.86
N LEU D 226 19.45 -17.64 -13.80
CA LEU D 226 18.93 -17.44 -12.43
C LEU D 226 19.29 -16.09 -11.82
N THR D 227 19.56 -15.10 -12.68
CA THR D 227 19.95 -13.78 -12.18
C THR D 227 18.79 -13.20 -11.40
N PRO D 228 19.03 -12.82 -10.14
CA PRO D 228 17.93 -12.21 -9.34
C PRO D 228 17.56 -10.81 -9.89
N ARG D 229 16.36 -10.31 -9.61
CA ARG D 229 16.05 -8.91 -9.87
C ARG D 229 17.15 -8.02 -9.27
N ALA D 230 17.55 -6.98 -10.00
CA ALA D 230 18.66 -6.11 -9.57
C ALA D 230 18.24 -5.10 -8.48
N ALA D 231 17.61 -5.60 -7.42
CA ALA D 231 17.08 -4.75 -6.36
C ALA D 231 17.39 -5.37 -5.02
N LEU D 232 18.45 -6.17 -4.95
CA LEU D 232 18.77 -6.84 -3.71
C LEU D 232 19.47 -5.87 -2.77
N THR D 233 19.44 -6.19 -1.49
CA THR D 233 20.30 -5.52 -0.51
C THR D 233 21.70 -5.43 -1.07
N PRO D 234 22.33 -4.26 -0.97
CA PRO D 234 23.73 -4.19 -1.39
C PRO D 234 24.56 -5.22 -0.62
N GLU D 235 25.61 -5.74 -1.26
CA GLU D 235 26.55 -6.63 -0.60
C GLU D 235 26.93 -6.03 0.75
N THR D 236 26.80 -6.83 1.80
CA THR D 236 26.88 -6.31 3.16
C THR D 236 28.20 -6.65 3.81
N TYR D 237 29.17 -5.78 3.63
CA TYR D 237 30.50 -5.97 4.16
C TYR D 237 30.54 -5.73 5.66
N PHE D 238 31.32 -6.54 6.37
CA PHE D 238 31.59 -6.31 7.80
C PHE D 238 32.95 -5.71 8.06
N GLY D 239 33.79 -5.64 7.02
CA GLY D 239 35.10 -5.02 7.14
C GLY D 239 34.97 -3.55 7.51
N VAL D 240 35.73 -3.13 8.51
CA VAL D 240 35.66 -1.76 9.02
C VAL D 240 35.86 -0.75 7.89
N GLY D 241 36.70 -1.11 6.93
CA GLY D 241 37.00 -0.23 5.82
C GLY D 241 36.05 -0.32 4.62
N LYS D 242 35.09 -1.23 4.67
CA LYS D 242 34.16 -1.39 3.54
C LYS D 242 32.70 -1.29 3.92
N VAL D 243 32.40 -1.35 5.22
CA VAL D 243 31.02 -1.37 5.69
C VAL D 243 30.22 -0.14 5.26
N VAL D 244 28.98 -0.35 4.82
CA VAL D 244 28.17 0.76 4.32
C VAL D 244 26.75 0.73 4.85
N ASN D 245 26.38 -0.33 5.57
CA ASN D 245 25.03 -0.45 6.11
C ASN D 245 24.98 -1.03 7.52
N TYR D 246 25.98 -0.69 8.33
CA TYR D 246 25.89 -0.93 9.76
C TYR D 246 24.86 0.06 10.30
N GLY D 247 23.75 -0.44 10.84
CA GLY D 247 22.67 0.44 11.23
C GLY D 247 22.52 0.58 12.74
N GLY D 248 23.47 0.02 13.48
CA GLY D 248 23.36 -0.14 14.91
C GLY D 248 23.71 1.13 15.67
N GLY D 249 24.24 2.11 14.95
CA GLY D 249 24.54 3.38 15.56
C GLY D 249 25.74 3.33 16.48
N GLY D 250 26.50 4.42 16.48
CA GLY D 250 27.71 4.49 17.27
C GLY D 250 28.90 4.22 16.38
N ALA D 251 30.05 3.98 17.00
CA ALA D 251 31.28 3.74 16.28
C ALA D 251 31.33 2.34 15.71
N TYR D 252 31.88 2.22 14.50
CA TYR D 252 32.19 0.93 13.92
C TYR D 252 33.68 0.90 13.59
N ASP D 253 34.50 0.82 14.63
CA ASP D 253 35.93 1.00 14.45
C ASP D 253 36.68 -0.29 14.71
N GLU D 254 37.88 -0.38 14.17
CA GLU D 254 38.76 -1.50 14.44
C GLU D 254 38.97 -1.63 15.94
N GLY D 255 38.91 -2.85 16.45
CA GLY D 255 39.00 -3.06 17.88
C GLY D 255 37.93 -4.00 18.38
N SER D 256 38.02 -4.38 19.64
CA SER D 256 37.03 -5.26 20.23
C SER D 256 36.14 -4.42 21.13
N ALA D 257 34.83 -4.68 21.08
CA ALA D 257 33.88 -3.92 21.87
C ALA D 257 32.57 -4.67 22.05
N VAL D 258 31.74 -4.17 22.97
CA VAL D 258 30.43 -4.77 23.22
C VAL D 258 29.35 -3.97 22.51
N PHE D 259 28.52 -4.67 21.75
CA PHE D 259 27.50 -4.03 20.93
C PHE D 259 26.11 -4.41 21.40
N ASP D 260 25.15 -3.52 21.23
CA ASP D 260 23.74 -3.92 21.33
C ASP D 260 22.97 -3.43 20.10
N TYR D 261 21.84 -4.07 19.83
CA TYR D 261 20.96 -3.66 18.75
C TYR D 261 20.36 -2.29 19.06
N PRO D 262 20.23 -1.42 18.04
CA PRO D 262 19.59 -0.12 18.23
C PRO D 262 18.11 -0.30 18.52
N PRO D 263 17.43 0.74 19.04
CA PRO D 263 15.99 0.65 19.25
C PRO D 263 15.28 0.19 17.98
N SER D 264 15.68 0.73 16.84
CA SER D 264 15.12 0.33 15.56
C SER D 264 16.18 0.26 14.45
N LEU D 265 16.23 -0.86 13.73
CA LEU D 265 17.18 -1.05 12.66
C LEU D 265 16.55 -0.69 11.31
N ALA D 266 17.22 0.17 10.57
CA ALA D 266 16.73 0.53 9.25
C ALA D 266 16.70 -0.68 8.32
N ALA D 267 16.01 -0.53 7.19
CA ALA D 267 16.00 -1.51 6.12
C ALA D 267 17.43 -1.75 5.63
N ASN D 268 17.66 -2.93 5.04
CA ASN D 268 18.90 -3.23 4.35
C ASN D 268 20.15 -2.88 5.14
N SER D 269 20.12 -3.20 6.43
CA SER D 269 21.21 -2.86 7.34
C SER D 269 21.38 -3.92 8.40
N PHE D 270 22.58 -4.01 8.99
CA PHE D 270 22.77 -4.98 10.05
C PHE D 270 23.08 -4.27 11.36
N ALA D 271 22.89 -4.99 12.45
CA ALA D 271 23.33 -4.53 13.76
C ALA D 271 24.01 -5.65 14.53
N LEU D 272 24.86 -5.29 15.46
CA LEU D 272 25.60 -6.27 16.24
C LEU D 272 25.10 -6.31 17.67
N ARG D 273 25.22 -7.50 18.27
CA ARG D 273 24.84 -7.71 19.65
C ARG D 273 25.96 -8.50 20.35
N GLY D 274 26.40 -7.99 21.48
CA GLY D 274 27.42 -8.69 22.23
C GLY D 274 28.82 -8.26 21.84
N ARG D 275 29.78 -9.11 22.18
CA ARG D 275 31.18 -8.77 22.02
C ARG D 275 31.71 -9.17 20.63
N TRP D 276 32.27 -8.21 19.92
CA TRP D 276 32.82 -8.44 18.60
C TRP D 276 34.18 -7.79 18.47
N ALA D 277 35.05 -8.41 17.67
CA ALA D 277 36.29 -7.75 17.30
C ALA D 277 36.25 -7.43 15.81
N LEU D 278 36.35 -6.15 15.52
CA LEU D 278 36.26 -5.66 14.16
C LEU D 278 37.64 -5.31 13.61
N ASP D 279 37.97 -5.83 12.44
CA ASP D 279 39.14 -5.33 11.73
C ASP D 279 38.76 -5.05 10.27
N TYR D 280 39.76 -4.96 9.40
CA TYR D 280 39.47 -4.52 8.05
C TYR D 280 38.94 -5.65 7.17
N GLN D 281 39.13 -6.89 7.61
CA GLN D 281 38.58 -8.04 6.90
C GLN D 281 37.11 -8.29 7.27
N GLY D 282 36.78 -8.16 8.54
CA GLY D 282 35.42 -8.41 8.96
C GLY D 282 35.20 -8.34 10.46
N ALA D 283 34.22 -9.10 10.92
CA ALA D 283 33.76 -9.06 12.30
C ALA D 283 33.89 -10.43 12.95
N THR D 284 34.75 -10.54 13.94
CA THR D 284 34.96 -11.82 14.62
C THR D 284 34.19 -11.89 15.92
N SER D 285 33.30 -12.87 16.01
CA SER D 285 32.59 -13.16 17.24
C SER D 285 33.58 -13.34 18.40
N ASP D 286 33.52 -12.43 19.35
CA ASP D 286 34.48 -12.41 20.46
C ASP D 286 33.80 -12.80 21.78
N GLY D 287 32.88 -13.75 21.72
CA GLY D 287 32.14 -14.11 22.91
C GLY D 287 31.05 -15.12 22.67
N ASN D 288 30.42 -15.54 23.76
CA ASN D 288 29.49 -16.65 23.72
C ASN D 288 28.11 -16.29 23.19
N ASP D 289 27.64 -15.08 23.47
CA ASP D 289 26.29 -14.71 23.03
C ASP D 289 26.28 -13.58 21.99
N ALA D 290 27.31 -13.51 21.17
CA ALA D 290 27.35 -12.54 20.09
C ALA D 290 26.33 -12.88 19.00
N ALA D 291 25.73 -11.85 18.42
CA ALA D 291 24.76 -12.07 17.35
C ALA D 291 24.70 -10.90 16.36
N ILE D 292 24.12 -11.17 15.19
CA ILE D 292 23.94 -10.17 14.15
C ILE D 292 22.47 -10.10 13.78
N LYS D 293 21.89 -8.90 13.76
CA LYS D 293 20.55 -8.73 13.20
C LYS D 293 20.66 -8.14 11.79
N LEU D 294 19.91 -8.72 10.85
CA LEU D 294 19.95 -8.25 9.47
C LEU D 294 18.55 -7.99 8.94
N ASN D 295 18.26 -6.75 8.56
CA ASN D 295 17.08 -6.50 7.75
C ASN D 295 17.51 -6.51 6.30
N TYR D 296 16.90 -7.34 5.48
CA TYR D 296 17.37 -7.48 4.12
C TYR D 296 16.22 -7.49 3.14
N HIS D 297 16.57 -7.39 1.85
CA HIS D 297 15.59 -7.39 0.80
C HIS D 297 16.13 -8.32 -0.28
N ALA D 298 15.66 -9.57 -0.23
CA ALA D 298 16.19 -10.65 -1.05
C ALA D 298 15.31 -11.89 -0.95
N LYS D 299 15.56 -12.86 -1.83
CA LYS D 299 14.96 -14.17 -1.69
C LYS D 299 15.87 -15.05 -0.84
N ASP D 300 17.15 -15.12 -1.23
CA ASP D 300 18.14 -15.92 -0.52
C ASP D 300 19.17 -15.03 0.10
N VAL D 301 19.69 -15.48 1.24
CA VAL D 301 20.74 -14.77 1.97
C VAL D 301 21.89 -15.72 2.25
N TYR D 302 23.12 -15.24 2.05
CA TYR D 302 24.28 -16.07 2.24
C TYR D 302 25.19 -15.39 3.21
N ILE D 303 25.98 -16.15 3.97
CA ILE D 303 26.96 -15.53 4.83
C ILE D 303 28.35 -16.00 4.42
N VAL D 304 29.28 -15.05 4.29
CA VAL D 304 30.65 -15.40 4.01
C VAL D 304 31.41 -15.40 5.33
N VAL D 305 31.75 -16.58 5.80
CA VAL D 305 32.30 -16.73 7.13
C VAL D 305 33.46 -17.72 7.15
N GLY D 306 34.43 -17.48 8.01
CA GLY D 306 35.55 -18.38 8.22
C GLY D 306 35.68 -18.82 9.66
N GLY D 307 36.71 -19.61 9.95
CA GLY D 307 36.95 -20.10 11.29
C GLY D 307 36.23 -21.41 11.49
N THR D 308 36.33 -21.96 12.70
CA THR D 308 35.68 -23.23 13.02
C THR D 308 34.72 -23.08 14.21
N GLY D 309 33.55 -23.68 14.09
CA GLY D 309 32.51 -23.48 15.07
C GLY D 309 31.16 -23.75 14.47
N THR D 310 30.14 -23.10 15.03
CA THR D 310 28.77 -23.31 14.59
C THR D 310 28.03 -22.00 14.41
N LEU D 311 27.09 -22.00 13.48
CA LEU D 311 26.33 -20.81 13.15
C LEU D 311 24.86 -21.08 13.42
N THR D 312 24.29 -20.36 14.36
CA THR D 312 22.88 -20.53 14.66
C THR D 312 22.06 -19.45 13.97
N VAL D 313 21.12 -19.87 13.14
CA VAL D 313 20.30 -18.97 12.36
C VAL D 313 18.89 -19.02 12.92
N VAL D 314 18.40 -17.88 13.42
CA VAL D 314 17.09 -17.82 14.06
C VAL D 314 16.00 -17.48 13.05
N LYS D 318 12.33 -19.47 15.06
CA LYS D 318 12.86 -20.82 15.15
C LYS D 318 14.31 -20.90 14.68
N PRO D 319 15.17 -21.60 15.44
CA PRO D 319 16.62 -21.73 15.19
C PRO D 319 17.07 -23.02 14.49
N ALA D 320 18.04 -22.87 13.59
CA ALA D 320 18.72 -24.00 12.96
C ALA D 320 20.22 -23.80 13.08
N THR D 321 20.95 -24.87 13.35
CA THR D 321 22.40 -24.77 13.49
C THR D 321 23.16 -25.24 12.24
N LEU D 322 24.23 -24.55 11.90
CA LEU D 322 25.10 -24.92 10.78
C LEU D 322 26.54 -25.09 11.23
N PRO D 323 27.12 -26.29 10.99
CA PRO D 323 28.54 -26.48 11.30
C PRO D 323 29.45 -25.70 10.34
N ILE D 324 30.40 -24.96 10.89
CA ILE D 324 31.28 -24.15 10.07
C ILE D 324 32.74 -24.59 10.20
N SER D 325 33.37 -24.99 9.09
CA SER D 325 34.79 -25.34 9.14
C SER D 325 35.50 -25.21 7.80
N GLY D 326 36.83 -25.13 7.87
CA GLY D 326 37.67 -25.12 6.70
C GLY D 326 37.85 -23.75 6.06
N PRO D 327 37.91 -23.73 4.73
CA PRO D 327 38.20 -22.50 3.98
C PRO D 327 37.00 -21.56 3.95
N PRO D 328 37.14 -20.36 4.52
CA PRO D 328 36.06 -19.36 4.54
C PRO D 328 35.29 -19.33 3.24
N THR D 329 33.96 -19.44 3.28
CA THR D 329 33.14 -19.34 2.07
C THR D 329 31.66 -19.04 2.34
N THR D 330 30.87 -18.96 1.27
CA THR D 330 29.43 -18.72 1.40
C THR D 330 28.75 -19.91 2.05
N HIS D 331 27.90 -19.62 3.03
CA HIS D 331 26.95 -20.60 3.53
C HIS D 331 25.58 -19.99 3.42
N GLN D 332 24.67 -20.67 2.76
CA GLN D 332 23.32 -20.15 2.68
C GLN D 332 22.68 -20.18 4.05
N VAL D 333 22.12 -19.04 4.47
CA VAL D 333 21.47 -19.02 5.78
C VAL D 333 19.97 -18.87 5.62
N VAL D 334 19.53 -18.38 4.47
CA VAL D 334 18.10 -18.27 4.17
C VAL D 334 17.85 -18.68 2.74
N ALA D 335 16.96 -19.65 2.56
CA ALA D 335 16.51 -20.04 1.23
C ALA D 335 15.04 -19.68 1.05
N GLY D 336 14.76 -18.44 0.69
CA GLY D 336 13.39 -17.94 0.67
C GLY D 336 12.55 -18.37 -0.52
N TYR D 337 11.25 -18.04 -0.48
CA TYR D 337 10.34 -18.41 -1.56
C TYR D 337 10.14 -17.25 -2.52
N ARG D 338 10.41 -16.05 -2.04
CA ARG D 338 10.25 -14.85 -2.86
C ARG D 338 11.17 -13.72 -2.41
N LEU D 339 11.43 -12.80 -3.33
CA LEU D 339 12.17 -11.58 -3.03
C LEU D 339 11.32 -10.70 -2.12
N ALA D 340 11.72 -10.58 -0.86
CA ALA D 340 10.95 -9.79 0.08
C ALA D 340 11.85 -9.13 1.13
N SER D 341 11.29 -8.14 1.81
CA SER D 341 11.96 -7.51 2.95
C SER D 341 11.72 -8.38 4.16
N GLU D 342 12.79 -8.75 4.84
CA GLU D 342 12.68 -9.67 5.96
C GLU D 342 13.81 -9.43 6.96
N THR D 343 13.70 -10.02 8.15
CA THR D 343 14.75 -9.89 9.15
C THR D 343 15.31 -11.26 9.47
N LEU D 344 16.61 -11.29 9.79
CA LEU D 344 17.32 -12.51 10.12
C LEU D 344 18.20 -12.24 11.33
N GLU D 345 18.44 -13.25 12.14
CA GLU D 345 19.47 -13.14 13.17
C GLU D 345 20.39 -14.35 13.08
N VAL D 346 21.70 -14.11 13.03
CA VAL D 346 22.65 -15.22 13.14
C VAL D 346 23.48 -15.06 14.42
N ARG D 347 23.72 -16.18 15.08
CA ARG D 347 24.60 -16.24 16.26
C ARG D 347 25.80 -17.13 15.94
N PRO D 348 26.94 -16.51 15.64
CA PRO D 348 28.12 -17.30 15.33
C PRO D 348 28.91 -17.57 16.60
N SER D 349 29.30 -18.82 16.83
CA SER D 349 30.06 -19.20 18.01
C SER D 349 31.36 -18.42 18.05
N LYS D 350 31.90 -18.22 19.25
CA LYS D 350 33.14 -17.46 19.45
C LYS D 350 34.22 -17.83 18.44
N GLY D 351 34.84 -16.83 17.84
CA GLY D 351 35.93 -17.07 16.93
C GLY D 351 35.59 -17.13 15.44
N LEU D 352 34.30 -17.24 15.11
CA LEU D 352 33.91 -17.17 13.70
C LEU D 352 34.12 -15.75 13.17
N GLN D 353 34.65 -15.66 11.95
CA GLN D 353 34.88 -14.36 11.35
C GLN D 353 33.87 -14.11 10.23
N VAL D 354 32.99 -13.14 10.43
CA VAL D 354 31.97 -12.83 9.45
C VAL D 354 32.52 -11.76 8.51
N PHE D 355 32.58 -12.09 7.22
CA PHE D 355 33.11 -11.15 6.22
C PHE D 355 32.00 -10.33 5.57
N SER D 356 30.90 -11.02 5.24
CA SER D 356 29.77 -10.38 4.58
C SER D 356 28.52 -11.23 4.59
N PHE D 357 27.38 -10.57 4.40
CA PHE D 357 26.17 -11.21 3.90
C PHE D 357 26.09 -10.89 2.42
N THR D 358 25.71 -11.87 1.62
CA THR D 358 25.43 -11.62 0.20
C THR D 358 24.05 -12.20 -0.13
N TYR D 359 23.53 -11.88 -1.31
CA TYR D 359 22.10 -12.14 -1.52
C TYR D 359 21.77 -12.82 -2.85
N GLY D 360 20.60 -13.42 -2.89
CA GLY D 360 20.10 -14.02 -4.10
C GLY D 360 18.63 -13.73 -4.23
#